data_9JMJ
#
_entry.id   9JMJ
#
_cell.length_a   1.00
_cell.length_b   1.00
_cell.length_c   1.00
_cell.angle_alpha   90.00
_cell.angle_beta   90.00
_cell.angle_gamma   90.00
#
_symmetry.space_group_name_H-M   'P 1'
#
loop_
_entity.id
_entity.type
_entity.pdbx_description
1 polymer 'Dipeptidyl peptidase 4 soluble form,Isoform 1 of Immunoglobulin heavy constant gamma 1'
2 polymer 'Spike glycoprotein,Isoform 1 of Immunoglobulin heavy constant gamma 1'
3 branched 2-acetamido-2-deoxy-beta-D-glucopyranose-(1-4)-2-acetamido-2-deoxy-beta-D-glucopyranose
4 branched beta-D-mannopyranose-(1-4)-2-acetamido-2-deoxy-beta-D-glucopyranose-(1-4)-2-acetamido-2-deoxy-beta-D-glucopyranose
5 non-polymer 2-acetamido-2-deoxy-beta-D-glucopyranose
#
loop_
_entity_poly.entity_id
_entity_poly.type
_entity_poly.pdbx_seq_one_letter_code
_entity_poly.pdbx_strand_id
1 'polypeptide(L)'
;MPMGSLQPLATLYLLGMLVASVLASRKTYTLTDYLKNTYRLKLYSLRWISDHEYLYKQENNILVFNAEYGNSSVFLENST
FDEFGHSINDYSISPDGQFILLEYNYVKQWRHSYTASYDIYDLNKRQLITEERIPNNTQWVTWSPVGHKLAYVWNNDIYV
KIEPNLPSYRITWTGKEDIIYNGITDWVYEEEVFSAYSALWWSPNGTFLAYAQFNDTEVPLIEYSFYSDESLQYPKTVRV
PYPKAGAVNPTVKFFVVNTDSLSSVTNATSIQITAPASMLIGDHYLCDVTWATQERISLQWLRRIQNYSVMDICDYDESS
GRWNCLVARQHIEMSTTGWVGRFRPSEPHFTLDGNSFYKIISNEEGYRHICYFQIDKKDCTFITKGTWEVIGIEALTSDY
LYYISNEYKGMPGGRNLYKIQLSDYTKVTCLSCELNPERCQYYSVSFSKEAKYYQLRCSGPGLPLYTLHSSVNDKGLRVL
EDNSALDKMLQNVQMPSKKLDFIILNETKFWYQMILPPHFDKSKKYPLLLDVYAGPCSQKADTVFRLNWATYLASTENII
VASFDGRGSGYQGDKIMHAINRRLGTFEVEDQIEAARQFSKMGFVDNKRIAIWGWSYGGYVTSMVLGSGSGVFKCGIAVA
PVSRWEYYDSVYTERYMGLPTPEDNLDHYRNSTVMSRAENFKQVEYLLIHGTADDNVHFQQSAQISKALVDVGVDFQAMW
YTDEDHGIASSTAHQHIYTHMSHFIKQCFSLPDPLVPRGSGGGGDPEPKSCDKTHTCPPCPAPELLGGPSVFLFPPKPKD
TLMISRTPEVTCVVVDVSHEDPEVKFNWYVDGVEVHNAKTKPREEQYNSTYRVVSVLTVLHQDWLNGKEYKCKVSNKALP
APIEKTISKAKGQPREPQVYTLPPSRDELTKNQVSLTCLVKGFYPSDIAVEWESNGQPENNYKTTPPVLDSDGSFFLYSK
LTVDKSRWQQGNVFSCSVMHEALHNHYTQKSLSLSPGK
;
A,C
2 'polypeptide(L)'
;MRLSVCLLMFLLTPIKEVHSRGQFIEQPNSVECDFTKLLSGTPPQVYNFNRLVFTNCNYNLTKLLSLFMVNEFSCDGISP
DAIARGCYSSLTVDYFAYPLSMKSYMQPGSAGVISQYNYKQSFANPTCRIFATAPANLTITKPSSYSFISKCSRLTGDNS
HIETPIVINPGEYSICKNFAPNGFSQDGDYFTRQLSQLEGGGILVGVGSVTPMTDTLQMGFIISVQYGTDTNSVCPMMDL
GNSTTITDKLGVCVEYDPLVPRGSGGGGDPEPKSCDKTHTCPPCPAPELLGGPSVFLFPPKPKDTLMISRTPEVTCVVVD
VSHEDPEVKFNWYVDGVEVHNAKTKPREEQYNSTYRVVSVLTVLHQDWLNGKEYKCKVSNKALPAPIEKTISKAKGQPRE
PQVYTLPPSRDELTKNQVSLTCLVKGFYPSDIAVEWESNGQPENNYKTTPPVLDSDGSFFLYSKLTVDKSRWQQGNVFSC
SVMHEALHNHYTQKSLSLSPGK
;
B
#
loop_
_chem_comp.id
_chem_comp.type
_chem_comp.name
_chem_comp.formula
BMA D-saccharide, beta linking beta-D-mannopyranose 'C6 H12 O6'
NAG D-saccharide, beta linking 2-acetamido-2-deoxy-beta-D-glucopyranose 'C8 H15 N O6'
#
# COMPACT_ATOMS: atom_id res chain seq x y z
N SER A 25 34.23 -32.67 -15.48
CA SER A 25 35.49 -32.01 -15.79
C SER A 25 35.76 -30.86 -14.83
N ARG A 26 36.08 -29.69 -15.38
CA ARG A 26 36.31 -28.51 -14.56
C ARG A 26 35.00 -27.96 -14.02
N LYS A 27 35.10 -27.11 -13.01
CA LYS A 27 33.93 -26.58 -12.35
C LYS A 27 33.22 -25.54 -13.22
N THR A 28 31.96 -25.28 -12.88
CA THR A 28 31.12 -24.34 -13.60
C THR A 28 30.71 -23.19 -12.68
N TYR A 29 30.10 -22.18 -13.27
CA TYR A 29 29.58 -21.04 -12.52
C TYR A 29 28.32 -21.47 -11.80
N THR A 30 28.43 -21.70 -10.49
CA THR A 30 27.31 -22.17 -9.70
C THR A 30 26.49 -21.00 -9.17
N LEU A 31 25.31 -21.33 -8.63
CA LEU A 31 24.47 -20.31 -8.01
C LEU A 31 25.10 -19.77 -6.73
N THR A 32 25.84 -20.62 -6.00
CA THR A 32 26.51 -20.18 -4.79
C THR A 32 27.59 -19.15 -5.10
N ASP A 33 28.29 -19.33 -6.22
CA ASP A 33 29.30 -18.36 -6.64
C ASP A 33 28.69 -17.01 -7.00
N TYR A 34 27.50 -17.02 -7.61
CA TYR A 34 26.84 -15.77 -7.95
C TYR A 34 26.30 -15.08 -6.71
N LEU A 35 25.65 -15.83 -5.81
CA LEU A 35 25.04 -15.20 -4.65
C LEU A 35 26.07 -14.78 -3.62
N LYS A 36 27.16 -15.52 -3.46
CA LYS A 36 28.19 -15.17 -2.51
C LYS A 36 29.23 -14.22 -3.07
N ASN A 37 29.15 -13.90 -4.37
CA ASN A 37 30.03 -12.95 -5.04
C ASN A 37 31.50 -13.35 -4.92
N THR A 38 31.78 -14.62 -5.21
CA THR A 38 33.14 -15.12 -5.11
C THR A 38 34.03 -14.54 -6.20
N TYR A 39 33.53 -14.47 -7.44
CA TYR A 39 34.25 -13.84 -8.53
C TYR A 39 33.83 -12.38 -8.57
N ARG A 40 34.62 -11.52 -7.93
CA ARG A 40 34.28 -10.12 -7.77
C ARG A 40 34.96 -9.28 -8.84
N LEU A 41 34.19 -8.43 -9.50
CA LEU A 41 34.74 -7.50 -10.47
C LEU A 41 35.48 -6.38 -9.73
N LYS A 42 36.72 -6.14 -10.13
CA LYS A 42 37.54 -5.10 -9.52
C LYS A 42 37.33 -3.78 -10.24
N LEU A 43 37.00 -2.75 -9.48
CA LEU A 43 36.72 -1.43 -10.02
C LEU A 43 37.79 -0.44 -9.61
N TYR A 44 37.90 0.64 -10.37
CA TYR A 44 38.84 1.73 -10.09
C TYR A 44 38.03 3.03 -10.11
N SER A 45 37.42 3.37 -8.97
CA SER A 45 36.63 4.58 -8.86
C SER A 45 37.51 5.69 -8.32
N LEU A 46 37.73 6.72 -9.13
CA LEU A 46 38.56 7.86 -8.76
C LEU A 46 37.76 9.14 -8.91
N ARG A 47 38.06 10.11 -8.04
CA ARG A 47 37.43 11.41 -8.08
C ARG A 47 38.50 12.46 -8.35
N TRP A 48 38.33 13.22 -9.42
CA TRP A 48 39.26 14.30 -9.74
C TRP A 48 39.04 15.47 -8.79
N ILE A 49 40.13 15.99 -8.23
CA ILE A 49 40.07 17.15 -7.35
C ILE A 49 40.74 18.37 -7.94
N SER A 50 41.55 18.22 -8.98
CA SER A 50 42.27 19.33 -9.57
C SER A 50 42.50 19.01 -11.05
N ASP A 51 43.39 19.76 -11.69
CA ASP A 51 43.72 19.51 -13.08
C ASP A 51 44.41 18.16 -13.26
N HIS A 52 45.36 17.84 -12.39
CA HIS A 52 46.21 16.67 -12.59
C HIS A 52 46.28 15.76 -11.36
N GLU A 53 45.44 15.99 -10.35
CA GLU A 53 45.43 15.17 -9.14
C GLU A 53 44.05 14.59 -8.93
N TYR A 54 44.01 13.32 -8.53
CA TYR A 54 42.75 12.64 -8.24
C TYR A 54 42.93 11.75 -7.02
N LEU A 55 41.81 11.47 -6.35
CA LEU A 55 41.82 10.66 -5.14
C LEU A 55 41.56 9.19 -5.46
N TYR A 56 41.88 8.33 -4.48
CA TYR A 56 41.65 6.91 -4.59
C TYR A 56 41.61 6.32 -3.19
N LYS A 57 40.63 5.46 -2.93
CA LYS A 57 40.48 4.82 -1.63
C LYS A 57 41.09 3.42 -1.70
N GLN A 58 42.35 3.31 -1.27
CA GLN A 58 43.06 2.04 -1.27
C GLN A 58 43.32 1.62 0.16
N GLU A 59 42.85 0.42 0.52
CA GLU A 59 43.02 -0.19 1.84
C GLU A 59 42.53 0.73 2.95
N ASN A 60 41.35 1.31 2.74
CA ASN A 60 40.72 2.27 3.66
C ASN A 60 41.63 3.46 3.94
N ASN A 61 42.34 3.93 2.92
CA ASN A 61 43.18 5.11 3.00
C ASN A 61 42.96 5.98 1.78
N ILE A 62 42.75 7.27 2.00
CA ILE A 62 42.58 8.21 0.89
C ILE A 62 43.96 8.58 0.37
N LEU A 63 44.18 8.35 -0.93
CA LEU A 63 45.47 8.51 -1.56
C LEU A 63 45.37 9.53 -2.68
N VAL A 64 46.27 10.53 -2.67
CA VAL A 64 46.38 11.48 -3.77
C VAL A 64 47.32 10.93 -4.83
N PHE A 65 46.85 10.91 -6.08
CA PHE A 65 47.62 10.41 -7.20
C PHE A 65 47.95 11.57 -8.14
N ASN A 66 48.99 11.37 -8.94
CA ASN A 66 49.41 12.36 -9.92
C ASN A 66 49.18 11.79 -11.32
N ALA A 67 48.59 12.59 -12.21
CA ALA A 67 48.25 12.12 -13.54
C ALA A 67 49.47 11.96 -14.43
N GLU A 68 50.38 12.94 -14.43
CA GLU A 68 51.56 12.89 -15.29
C GLU A 68 52.58 11.85 -14.88
N TYR A 69 52.90 11.75 -13.59
CA TYR A 69 54.04 10.99 -13.12
C TYR A 69 53.65 9.60 -12.62
N GLY A 70 52.55 9.49 -11.91
CA GLY A 70 52.06 8.20 -11.42
C GLY A 70 52.36 7.94 -9.96
N ASN A 71 53.21 8.75 -9.33
CA ASN A 71 53.52 8.55 -7.92
C ASN A 71 52.33 8.94 -7.06
N SER A 72 52.12 8.18 -5.99
CA SER A 72 50.99 8.38 -5.10
C SER A 72 51.49 8.75 -3.72
N SER A 73 50.81 9.72 -3.10
CA SER A 73 51.14 10.17 -1.75
C SER A 73 49.90 10.07 -0.87
N VAL A 74 50.12 9.82 0.41
CA VAL A 74 49.03 9.55 1.34
C VAL A 74 48.37 10.86 1.76
N PHE A 75 47.04 10.88 1.71
CA PHE A 75 46.26 12.06 2.07
C PHE A 75 45.62 11.92 3.44
N LEU A 76 44.92 10.81 3.70
CA LEU A 76 44.29 10.56 4.99
C LEU A 76 44.81 9.25 5.58
N GLU A 77 45.06 9.25 6.88
CA GLU A 77 45.53 8.08 7.60
C GLU A 77 44.38 7.13 7.93
N ASN A 78 44.74 5.92 8.35
CA ASN A 78 43.76 4.97 8.85
C ASN A 78 43.09 5.49 10.13
N SER A 79 43.89 5.67 11.18
CA SER A 79 43.39 5.91 12.54
C SER A 79 42.78 7.28 12.74
N THR A 80 42.89 8.18 11.75
CA THR A 80 42.38 9.53 11.91
C THR A 80 40.85 9.61 11.92
N PHE A 81 40.16 8.53 11.53
CA PHE A 81 38.70 8.53 11.59
C PHE A 81 38.10 7.37 12.36
N ASP A 82 38.83 6.28 12.59
CA ASP A 82 38.28 5.15 13.34
C ASP A 82 38.42 5.32 14.85
N GLU A 83 38.98 6.44 15.31
CA GLU A 83 39.06 6.73 16.73
C GLU A 83 37.69 7.03 17.35
N PHE A 84 36.67 7.25 16.54
CA PHE A 84 35.33 7.57 17.02
C PHE A 84 34.51 6.29 17.21
N GLY A 85 33.38 6.44 17.90
CA GLY A 85 32.52 5.31 18.18
C GLY A 85 31.59 4.90 17.06
N HIS A 86 31.59 5.63 15.95
CA HIS A 86 30.72 5.32 14.83
C HIS A 86 31.56 5.15 13.56
N SER A 87 31.32 4.06 12.85
CA SER A 87 32.03 3.79 11.61
C SER A 87 31.50 4.70 10.50
N ILE A 88 32.41 5.31 9.75
CA ILE A 88 32.03 6.21 8.68
C ILE A 88 31.50 5.41 7.49
N ASN A 89 30.76 6.09 6.63
CA ASN A 89 30.15 5.49 5.45
C ASN A 89 30.80 5.95 4.15
N ASP A 90 30.92 7.26 3.96
CA ASP A 90 31.57 7.80 2.77
C ASP A 90 32.15 9.16 3.11
N TYR A 91 33.08 9.60 2.26
CA TYR A 91 33.82 10.84 2.47
C TYR A 91 33.53 11.82 1.34
N SER A 92 33.42 13.09 1.68
CA SER A 92 33.27 14.17 0.71
C SER A 92 34.41 15.17 0.92
N ILE A 93 35.07 15.56 -0.15
CA ILE A 93 36.26 16.41 -0.11
C ILE A 93 35.89 17.82 -0.56
N SER A 94 36.36 18.82 0.18
CA SER A 94 36.25 20.19 -0.26
C SER A 94 37.21 20.42 -1.43
N PRO A 95 36.83 21.26 -2.41
CA PRO A 95 37.72 21.50 -3.56
C PRO A 95 39.06 22.12 -3.20
N ASP A 96 39.12 22.95 -2.16
CA ASP A 96 40.39 23.52 -1.74
C ASP A 96 41.25 22.51 -0.98
N GLY A 97 40.66 21.41 -0.53
CA GLY A 97 41.40 20.43 0.24
C GLY A 97 41.56 20.76 1.70
N GLN A 98 40.96 21.86 2.16
CA GLN A 98 41.09 22.25 3.57
C GLN A 98 40.28 21.37 4.50
N PHE A 99 39.14 20.83 4.06
CA PHE A 99 38.28 20.06 4.94
C PHE A 99 37.84 18.76 4.27
N ILE A 100 37.55 17.76 5.11
CA ILE A 100 36.96 16.51 4.68
C ILE A 100 35.61 16.36 5.37
N LEU A 101 34.60 15.97 4.61
CA LEU A 101 33.25 15.76 5.13
C LEU A 101 33.01 14.26 5.24
N LEU A 102 32.76 13.79 6.47
CA LEU A 102 32.54 12.38 6.72
C LEU A 102 31.08 12.15 7.05
N GLU A 103 30.54 11.03 6.58
CA GLU A 103 29.15 10.68 6.84
C GLU A 103 29.07 9.32 7.53
N TYR A 104 28.07 9.18 8.39
CA TYR A 104 27.84 7.95 9.13
C TYR A 104 26.36 7.90 9.50
N ASN A 105 25.97 6.80 10.15
CA ASN A 105 24.58 6.50 10.49
C ASN A 105 23.69 6.55 9.25
N TYR A 106 24.12 5.80 8.22
CA TYR A 106 23.42 5.80 6.94
C TYR A 106 22.07 5.09 7.07
N VAL A 107 21.01 5.78 6.68
CA VAL A 107 19.66 5.21 6.64
C VAL A 107 19.08 5.47 5.26
N LYS A 108 18.80 4.39 4.53
CA LYS A 108 18.23 4.52 3.19
C LYS A 108 16.74 4.75 3.27
N GLN A 109 16.25 5.69 2.45
CA GLN A 109 14.83 6.01 2.41
C GLN A 109 14.18 5.58 1.10
N TRP A 110 14.70 6.05 -0.03
CA TRP A 110 14.24 5.60 -1.35
C TRP A 110 15.45 5.15 -2.16
N ARG A 111 15.26 4.98 -3.48
CA ARG A 111 16.36 4.56 -4.35
C ARG A 111 17.52 5.55 -4.31
N HIS A 112 17.24 6.84 -4.31
CA HIS A 112 18.27 7.86 -4.29
C HIS A 112 18.38 8.59 -2.95
N SER A 113 17.26 8.79 -2.25
CA SER A 113 17.27 9.59 -1.03
C SER A 113 17.79 8.78 0.16
N TYR A 114 18.42 9.48 1.09
CA TYR A 114 18.88 8.88 2.34
C TYR A 114 19.06 9.99 3.36
N THR A 115 19.11 9.59 4.63
CA THR A 115 19.43 10.49 5.73
C THR A 115 20.63 9.95 6.49
N ALA A 116 21.53 10.84 6.88
CA ALA A 116 22.74 10.45 7.57
C ALA A 116 23.24 11.61 8.42
N SER A 117 24.16 11.29 9.34
CA SER A 117 24.81 12.31 10.14
C SER A 117 26.17 12.66 9.54
N TYR A 118 26.57 13.91 9.71
CA TYR A 118 27.77 14.45 9.08
C TYR A 118 28.61 15.20 10.10
N ASP A 119 29.92 15.20 9.88
CA ASP A 119 30.85 15.97 10.69
C ASP A 119 32.00 16.43 9.82
N ILE A 120 32.58 17.58 10.18
CA ILE A 120 33.64 18.21 9.40
C ILE A 120 34.96 18.05 10.15
N TYR A 121 35.96 17.52 9.45
CA TYR A 121 37.31 17.32 9.99
C TYR A 121 38.29 18.18 9.23
N ASP A 122 38.99 19.06 9.95
CA ASP A 122 39.99 19.93 9.34
C ASP A 122 41.23 19.14 8.95
N LEU A 123 41.95 19.64 7.95
CA LEU A 123 43.16 18.99 7.48
C LEU A 123 44.44 19.78 7.77
N ASN A 124 44.34 21.09 7.96
CA ASN A 124 45.51 21.86 8.40
C ASN A 124 45.69 21.73 9.91
N LYS A 125 44.63 22.00 10.67
CA LYS A 125 44.68 21.81 12.12
C LYS A 125 44.73 20.33 12.48
N ARG A 126 44.27 19.47 11.57
CA ARG A 126 44.19 18.01 11.69
C ARG A 126 43.29 17.58 12.84
N GLN A 127 42.35 18.43 13.25
CA GLN A 127 41.39 18.13 14.31
C GLN A 127 39.97 18.15 13.76
N LEU A 128 39.05 17.64 14.56
CA LEU A 128 37.63 17.70 14.21
C LEU A 128 37.03 19.02 14.65
N ILE A 129 36.06 19.50 13.89
CA ILE A 129 35.38 20.75 14.16
C ILE A 129 34.06 20.40 14.84
N THR A 130 33.96 20.69 16.14
CA THR A 130 32.76 20.46 16.91
C THR A 130 32.06 21.75 17.32
N GLU A 131 32.43 22.87 16.71
CA GLU A 131 31.85 24.17 17.04
C GLU A 131 30.37 24.22 16.70
N GLU A 132 30.04 24.14 15.42
CA GLU A 132 28.65 24.01 14.95
C GLU A 132 28.58 22.79 14.04
N ARG A 133 28.16 21.66 14.60
CA ARG A 133 28.06 20.44 13.83
C ARG A 133 26.83 20.46 12.93
N ILE A 134 26.92 19.70 11.84
CA ILE A 134 25.75 19.45 10.99
C ILE A 134 24.77 18.57 11.76
N PRO A 135 23.50 18.94 11.85
CA PRO A 135 22.56 18.18 12.68
C PRO A 135 22.28 16.80 12.11
N ASN A 136 21.79 15.92 12.99
CA ASN A 136 21.49 14.54 12.62
C ASN A 136 20.28 14.50 11.67
N ASN A 137 20.16 13.36 10.98
CA ASN A 137 19.14 13.13 9.95
C ASN A 137 19.21 14.19 8.85
N THR A 138 20.42 14.48 8.39
CA THR A 138 20.61 15.42 7.30
C THR A 138 20.29 14.76 5.97
N GLN A 139 19.54 15.46 5.12
CA GLN A 139 19.03 14.84 3.91
C GLN A 139 20.03 14.89 2.77
N TRP A 140 20.64 16.04 2.53
CA TRP A 140 21.55 16.19 1.39
C TRP A 140 22.54 17.31 1.67
N VAL A 141 23.83 16.99 1.63
CA VAL A 141 24.92 17.94 1.87
C VAL A 141 25.77 18.03 0.62
N THR A 142 26.08 19.25 0.18
CA THR A 142 26.96 19.45 -0.96
C THR A 142 27.94 20.58 -0.68
N TRP A 143 29.15 20.44 -1.23
CA TRP A 143 30.18 21.46 -1.20
C TRP A 143 30.01 22.42 -2.37
N SER A 144 30.51 23.64 -2.18
CA SER A 144 30.60 24.57 -3.29
C SER A 144 31.71 24.13 -4.25
N PRO A 145 31.58 24.44 -5.55
CA PRO A 145 32.63 24.04 -6.50
C PRO A 145 33.98 24.67 -6.24
N VAL A 146 34.02 25.88 -5.67
CA VAL A 146 35.25 26.48 -5.17
C VAL A 146 35.00 26.98 -3.76
N GLY A 147 36.08 27.11 -2.99
CA GLY A 147 35.90 27.49 -1.60
C GLY A 147 35.38 26.33 -0.77
N HIS A 148 34.91 26.67 0.43
CA HIS A 148 34.41 25.67 1.37
C HIS A 148 33.04 26.06 1.90
N LYS A 149 32.17 26.55 1.02
CA LYS A 149 30.79 26.80 1.40
C LYS A 149 30.02 25.48 1.49
N LEU A 150 29.09 25.43 2.42
CA LEU A 150 28.24 24.25 2.62
C LEU A 150 26.79 24.61 2.36
N ALA A 151 26.02 23.62 1.93
CA ALA A 151 24.58 23.79 1.74
C ALA A 151 23.93 22.44 2.04
N TYR A 152 23.40 22.30 3.25
CA TYR A 152 22.79 21.06 3.68
C TYR A 152 21.30 21.26 3.94
N VAL A 153 20.52 20.21 3.70
CA VAL A 153 19.07 20.24 3.83
C VAL A 153 18.70 19.48 5.10
N TRP A 154 17.96 20.13 5.98
CA TRP A 154 17.50 19.51 7.21
C TRP A 154 16.04 19.89 7.43
N ASN A 155 15.19 18.87 7.59
CA ASN A 155 13.73 19.03 7.75
C ASN A 155 13.14 19.82 6.58
N ASN A 156 13.60 19.50 5.36
CA ASN A 156 13.19 20.14 4.11
C ASN A 156 13.40 21.65 4.15
N ASP A 157 14.51 22.07 4.75
CA ASP A 157 14.89 23.48 4.80
C ASP A 157 16.36 23.62 4.42
N ILE A 158 16.69 24.71 3.75
CA ILE A 158 18.03 24.92 3.23
C ILE A 158 18.85 25.72 4.24
N TYR A 159 19.97 25.15 4.65
CA TYR A 159 20.91 25.80 5.56
C TYR A 159 22.25 25.94 4.84
N VAL A 160 22.85 27.12 4.93
CA VAL A 160 24.09 27.42 4.24
C VAL A 160 25.13 27.89 5.26
N LYS A 161 26.32 27.31 5.18
CA LYS A 161 27.44 27.66 6.05
C LYS A 161 28.57 28.21 5.21
N ILE A 162 28.95 29.47 5.48
CA ILE A 162 30.08 30.06 4.78
C ILE A 162 31.39 29.39 5.20
N GLU A 163 31.52 29.08 6.49
CA GLU A 163 32.67 28.37 7.03
C GLU A 163 32.17 27.25 7.93
N PRO A 164 32.86 26.11 7.95
CA PRO A 164 32.38 24.98 8.77
C PRO A 164 32.39 25.22 10.27
N ASN A 165 33.13 26.22 10.76
CA ASN A 165 33.13 26.57 12.18
C ASN A 165 32.36 27.86 12.43
N LEU A 166 31.26 28.06 11.70
CA LEU A 166 30.43 29.25 11.81
C LEU A 166 28.96 28.84 11.88
N PRO A 167 28.12 29.66 12.50
CA PRO A 167 26.68 29.35 12.54
C PRO A 167 26.05 29.37 11.16
N SER A 168 25.02 28.54 11.00
CA SER A 168 24.36 28.37 9.71
C SER A 168 23.31 29.45 9.49
N TYR A 169 23.01 29.70 8.22
CA TYR A 169 21.99 30.66 7.82
C TYR A 169 20.81 29.92 7.21
N ARG A 170 19.60 30.20 7.71
CA ARG A 170 18.40 29.56 7.20
C ARG A 170 17.92 30.28 5.94
N ILE A 171 17.66 29.52 4.89
CA ILE A 171 17.20 30.07 3.62
C ILE A 171 15.69 29.97 3.46
N THR A 172 15.15 28.76 3.62
CA THR A 172 13.73 28.50 3.42
C THR A 172 13.06 28.22 4.76
N TRP A 173 11.94 28.88 5.02
CA TRP A 173 11.18 28.68 6.25
C TRP A 173 9.87 27.95 6.03
N THR A 174 9.60 27.50 4.79
CA THR A 174 8.31 26.93 4.45
C THR A 174 8.35 25.41 4.31
N GLY A 175 9.45 24.76 4.70
CA GLY A 175 9.55 23.32 4.56
C GLY A 175 8.62 22.58 5.51
N LYS A 176 8.11 21.45 5.04
CA LYS A 176 7.17 20.64 5.80
C LYS A 176 7.29 19.19 5.35
N GLU A 177 7.02 18.27 6.27
CA GLU A 177 7.15 16.86 5.96
C GLU A 177 6.01 16.42 5.06
N ASP A 178 6.37 15.89 3.88
CA ASP A 178 5.45 15.37 2.87
C ASP A 178 4.47 16.41 2.33
N ILE A 179 4.79 17.70 2.49
CA ILE A 179 3.95 18.75 1.92
C ILE A 179 4.80 19.65 1.01
N ILE A 180 5.82 20.29 1.59
CA ILE A 180 6.68 21.21 0.86
C ILE A 180 8.11 20.70 0.95
N TYR A 181 8.74 20.53 -0.20
CA TYR A 181 10.13 20.10 -0.30
C TYR A 181 10.96 21.26 -0.82
N ASN A 182 11.93 21.71 -0.03
CA ASN A 182 12.77 22.84 -0.38
C ASN A 182 14.19 22.34 -0.62
N GLY A 183 14.64 22.36 -1.87
CA GLY A 183 15.99 21.98 -2.20
C GLY A 183 16.23 20.49 -2.32
N ILE A 184 15.22 19.67 -2.06
CA ILE A 184 15.31 18.23 -2.23
C ILE A 184 14.08 17.78 -3.02
N THR A 185 14.27 16.79 -3.89
CA THR A 185 13.19 16.32 -4.73
C THR A 185 12.21 15.46 -3.94
N ASP A 186 10.95 15.49 -4.38
CA ASP A 186 9.94 14.58 -3.85
C ASP A 186 10.08 13.23 -4.55
N TRP A 187 9.08 12.36 -4.40
CA TRP A 187 9.21 11.00 -4.91
C TRP A 187 9.25 10.96 -6.43
N VAL A 188 8.28 11.61 -7.09
CA VAL A 188 8.11 11.43 -8.52
C VAL A 188 9.24 12.08 -9.30
N TYR A 189 9.67 13.27 -8.87
CA TYR A 189 10.78 13.94 -9.54
C TYR A 189 12.08 13.16 -9.38
N GLU A 190 12.35 12.64 -8.19
CA GLU A 190 13.55 11.84 -7.96
C GLU A 190 13.52 10.54 -8.77
N GLU A 191 12.34 9.92 -8.88
CA GLU A 191 12.28 8.66 -9.62
C GLU A 191 12.38 8.86 -11.12
N GLU A 192 11.73 9.88 -11.68
CA GLU A 192 11.64 10.01 -13.12
C GLU A 192 12.33 11.25 -13.66
N VAL A 193 12.06 12.43 -13.10
CA VAL A 193 12.44 13.67 -13.76
C VAL A 193 13.92 13.97 -13.57
N PHE A 194 14.36 14.09 -12.32
CA PHE A 194 15.72 14.51 -12.03
C PHE A 194 16.69 13.35 -11.86
N SER A 195 16.17 12.15 -11.54
CA SER A 195 16.97 10.94 -11.28
C SER A 195 18.00 11.15 -10.17
N ALA A 196 17.69 12.02 -9.22
CA ALA A 196 18.57 12.30 -8.09
C ALA A 196 17.75 12.92 -6.98
N TYR A 197 18.34 12.94 -5.79
CA TYR A 197 17.73 13.59 -4.63
C TYR A 197 18.13 15.06 -4.50
N SER A 198 19.02 15.54 -5.35
CA SER A 198 19.55 16.89 -5.23
C SER A 198 18.77 17.87 -6.09
N ALA A 199 18.30 18.94 -5.46
CA ALA A 199 17.71 20.07 -6.18
C ALA A 199 18.47 21.36 -5.91
N LEU A 200 19.69 21.25 -5.40
CA LEU A 200 20.55 22.41 -5.14
C LEU A 200 21.59 22.52 -6.24
N TRP A 201 21.77 23.73 -6.78
CA TRP A 201 22.71 23.99 -7.86
C TRP A 201 23.48 25.26 -7.54
N TRP A 202 24.76 25.10 -7.18
CA TRP A 202 25.61 26.24 -6.91
C TRP A 202 25.99 26.96 -8.21
N SER A 203 26.35 28.23 -8.08
CA SER A 203 26.94 28.96 -9.17
C SER A 203 28.35 28.42 -9.44
N PRO A 204 28.89 28.65 -10.66
CA PRO A 204 30.22 28.09 -10.97
C PRO A 204 31.35 28.57 -10.06
N ASN A 205 31.26 29.77 -9.48
CA ASN A 205 32.25 30.22 -8.50
C ASN A 205 31.68 30.32 -7.10
N GLY A 206 30.55 29.65 -6.84
CA GLY A 206 29.98 29.56 -5.51
C GLY A 206 29.44 30.85 -4.93
N THR A 207 28.71 31.63 -5.73
CA THR A 207 28.08 32.86 -5.26
C THR A 207 26.57 32.72 -5.16
N PHE A 208 25.91 32.21 -6.18
CA PHE A 208 24.47 32.01 -6.19
C PHE A 208 24.14 30.55 -5.93
N LEU A 209 23.14 30.32 -5.08
CA LEU A 209 22.62 28.99 -4.83
C LEU A 209 21.22 28.90 -5.43
N ALA A 210 21.03 27.93 -6.32
CA ALA A 210 19.75 27.75 -7.01
C ALA A 210 19.07 26.49 -6.48
N TYR A 211 17.84 26.64 -6.00
CA TYR A 211 17.09 25.53 -5.47
C TYR A 211 15.67 25.56 -6.00
N ALA A 212 15.04 24.39 -6.03
CA ALA A 212 13.68 24.23 -6.50
C ALA A 212 12.78 23.80 -5.35
N GLN A 213 11.59 24.38 -5.28
CA GLN A 213 10.62 24.05 -4.25
C GLN A 213 9.48 23.24 -4.85
N PHE A 214 9.19 22.09 -4.25
CA PHE A 214 8.14 21.20 -4.70
C PHE A 214 6.97 21.25 -3.72
N ASN A 215 5.76 21.39 -4.25
CA ASN A 215 4.55 21.45 -3.45
C ASN A 215 3.77 20.15 -3.63
N ASP A 216 3.49 19.48 -2.52
CA ASP A 216 2.70 18.24 -2.51
C ASP A 216 1.58 18.43 -1.50
N THR A 217 0.49 19.07 -1.94
CA THR A 217 -0.66 19.29 -1.06
C THR A 217 -1.91 18.62 -1.59
N GLU A 218 -2.21 18.79 -2.88
CA GLU A 218 -3.40 18.20 -3.47
C GLU A 218 -3.16 16.81 -4.03
N VAL A 219 -1.92 16.34 -4.03
CA VAL A 219 -1.60 15.02 -4.59
C VAL A 219 -2.07 13.94 -3.62
N PRO A 220 -2.77 12.92 -4.09
CA PRO A 220 -3.19 11.83 -3.19
C PRO A 220 -2.02 10.95 -2.78
N LEU A 221 -2.20 10.26 -1.67
CA LEU A 221 -1.18 9.41 -1.07
C LEU A 221 -1.43 7.94 -1.41
N ILE A 222 -0.39 7.13 -1.21
CA ILE A 222 -0.47 5.68 -1.35
C ILE A 222 -0.21 5.07 0.02
N GLU A 223 -1.03 4.10 0.41
CA GLU A 223 -0.91 3.46 1.71
C GLU A 223 -0.54 1.99 1.52
N TYR A 224 0.59 1.59 2.09
CA TYR A 224 0.96 0.19 2.19
C TYR A 224 1.48 -0.09 3.59
N SER A 225 1.09 -1.23 4.14
CA SER A 225 1.51 -1.59 5.49
C SER A 225 2.98 -1.96 5.51
N PHE A 226 3.65 -1.62 6.61
CA PHE A 226 5.06 -1.93 6.81
C PHE A 226 5.19 -2.77 8.07
N TYR A 227 5.20 -4.08 7.92
CA TYR A 227 5.37 -5.00 9.04
C TYR A 227 6.83 -5.04 9.41
N SER A 228 7.21 -4.28 10.44
CA SER A 228 8.61 -4.16 10.86
C SER A 228 9.05 -5.39 11.65
N ASP A 229 10.16 -5.25 12.38
CA ASP A 229 10.75 -6.35 13.14
C ASP A 229 9.76 -6.93 14.15
N GLU A 230 10.08 -8.15 14.60
CA GLU A 230 9.15 -8.98 15.37
C GLU A 230 8.75 -8.36 16.71
N SER A 231 9.60 -7.47 17.26
CA SER A 231 9.28 -6.83 18.53
C SER A 231 8.06 -5.91 18.39
N LEU A 232 7.94 -5.20 17.27
CA LEU A 232 6.79 -4.35 17.03
C LEU A 232 5.58 -5.19 16.68
N GLN A 233 4.48 -4.99 17.39
CA GLN A 233 3.28 -5.80 17.23
C GLN A 233 2.20 -5.14 16.38
N TYR A 234 2.29 -3.83 16.17
CA TYR A 234 1.31 -3.13 15.33
C TYR A 234 2.01 -2.60 14.08
N PRO A 235 1.65 -3.09 12.89
CA PRO A 235 2.34 -2.65 11.68
C PRO A 235 2.11 -1.18 11.37
N LYS A 236 3.14 -0.54 10.84
CA LYS A 236 3.07 0.85 10.43
C LYS A 236 2.54 0.95 9.01
N THR A 237 1.98 2.11 8.69
CA THR A 237 1.45 2.39 7.36
C THR A 237 2.20 3.59 6.79
N VAL A 238 2.74 3.44 5.58
CA VAL A 238 3.62 4.44 4.99
C VAL A 238 2.80 5.35 4.09
N ARG A 239 3.00 6.66 4.23
CA ARG A 239 2.32 7.67 3.42
C ARG A 239 3.33 8.30 2.48
N VAL A 240 3.13 8.11 1.17
CA VAL A 240 4.00 8.66 0.14
C VAL A 240 3.13 9.50 -0.79
N PRO A 241 3.49 10.75 -1.07
CA PRO A 241 2.76 11.50 -2.10
C PRO A 241 3.05 10.96 -3.49
N TYR A 242 2.08 10.29 -4.09
CA TYR A 242 2.28 9.52 -5.32
C TYR A 242 1.22 9.91 -6.34
N PRO A 243 1.55 10.77 -7.30
CA PRO A 243 0.59 11.11 -8.36
C PRO A 243 0.55 10.03 -9.43
N LYS A 244 -0.57 9.30 -9.48
CA LYS A 244 -0.75 8.25 -10.47
C LYS A 244 -1.21 8.84 -11.79
N ALA A 245 -1.46 7.97 -12.77
CA ALA A 245 -1.86 8.42 -14.10
C ALA A 245 -3.24 9.05 -14.05
N GLY A 246 -3.32 10.34 -14.39
CA GLY A 246 -4.54 11.10 -14.27
C GLY A 246 -4.70 11.86 -12.97
N ALA A 247 -3.79 11.65 -12.02
CA ALA A 247 -3.84 12.39 -10.76
C ALA A 247 -3.19 13.76 -10.96
N VAL A 248 -3.07 14.53 -9.88
CA VAL A 248 -2.56 15.89 -9.95
C VAL A 248 -1.05 15.88 -9.66
N ASN A 249 -0.30 16.48 -10.56
CA ASN A 249 1.15 16.50 -10.45
C ASN A 249 1.60 17.56 -9.42
N PRO A 250 2.80 17.39 -8.85
CA PRO A 250 3.32 18.43 -7.96
C PRO A 250 3.62 19.72 -8.69
N THR A 251 3.48 20.82 -7.95
CA THR A 251 3.78 22.15 -8.48
C THR A 251 5.21 22.52 -8.10
N VAL A 252 5.97 22.98 -9.09
CA VAL A 252 7.38 23.31 -8.92
C VAL A 252 7.54 24.83 -8.98
N LYS A 253 8.40 25.36 -8.12
CA LYS A 253 8.85 26.74 -8.18
C LYS A 253 10.38 26.75 -8.19
N PHE A 254 10.96 27.81 -8.71
CA PHE A 254 12.40 27.92 -8.83
C PHE A 254 12.88 29.21 -8.18
N PHE A 255 13.90 29.11 -7.34
CA PHE A 255 14.46 30.26 -6.64
C PHE A 255 15.97 30.25 -6.76
N VAL A 256 16.55 31.44 -6.71
CA VAL A 256 18.00 31.63 -6.67
C VAL A 256 18.29 32.63 -5.56
N VAL A 257 19.17 32.26 -4.63
CA VAL A 257 19.51 33.08 -3.48
C VAL A 257 20.99 33.45 -3.57
N ASN A 258 21.29 34.73 -3.39
CA ASN A 258 22.68 35.21 -3.39
C ASN A 258 23.30 34.92 -2.04
N THR A 259 24.34 34.07 -2.03
CA THR A 259 24.99 33.68 -0.79
C THR A 259 26.09 34.63 -0.36
N ASP A 260 26.44 35.63 -1.17
CA ASP A 260 27.48 36.57 -0.78
C ASP A 260 26.94 37.67 0.12
N SER A 261 25.64 37.95 0.06
CA SER A 261 25.02 38.99 0.87
C SER A 261 24.27 38.43 2.07
N LEU A 262 24.80 37.35 2.66
CA LEU A 262 24.14 36.73 3.80
C LEU A 262 24.51 37.43 5.09
N SER A 263 23.51 37.62 5.96
CA SER A 263 23.71 38.22 7.27
C SER A 263 22.92 37.45 8.31
N SER A 264 23.34 37.56 9.56
CA SER A 264 22.69 36.86 10.66
C SER A 264 21.58 37.68 11.31
N VAL A 265 21.36 38.92 10.86
CA VAL A 265 20.36 39.78 11.49
C VAL A 265 19.07 39.89 10.67
N THR A 266 19.07 39.47 9.41
CA THR A 266 17.88 39.54 8.59
C THR A 266 17.75 38.27 7.75
N ASN A 267 16.53 38.02 7.29
CA ASN A 267 16.26 36.82 6.51
C ASN A 267 16.82 36.97 5.11
N ALA A 268 17.32 35.86 4.55
CA ALA A 268 17.83 35.86 3.19
C ALA A 268 16.69 35.94 2.19
N THR A 269 16.85 36.75 1.17
CA THR A 269 15.83 36.97 0.14
C THR A 269 16.18 36.15 -1.10
N SER A 270 15.23 35.35 -1.56
CA SER A 270 15.40 34.51 -2.73
C SER A 270 14.57 35.07 -3.88
N ILE A 271 15.21 35.21 -5.04
CA ILE A 271 14.55 35.77 -6.21
C ILE A 271 13.97 34.61 -7.03
N GLN A 272 12.66 34.63 -7.24
CA GLN A 272 11.99 33.56 -7.95
C GLN A 272 12.06 33.77 -9.45
N ILE A 273 12.38 32.71 -10.18
CA ILE A 273 12.40 32.71 -11.64
C ILE A 273 11.16 31.99 -12.13
N THR A 274 10.28 32.72 -12.83
CA THR A 274 9.04 32.15 -13.29
C THR A 274 9.27 31.29 -14.54
N ALA A 275 8.34 30.38 -14.78
CA ALA A 275 8.39 29.51 -15.94
C ALA A 275 8.02 30.30 -17.20
N PRO A 276 8.42 29.81 -18.38
CA PRO A 276 7.95 30.43 -19.62
C PRO A 276 6.44 30.33 -19.76
N ALA A 277 5.84 31.34 -20.38
CA ALA A 277 4.39 31.45 -20.41
C ALA A 277 3.76 30.44 -21.35
N SER A 278 4.57 29.81 -22.21
CA SER A 278 4.06 28.70 -23.02
C SER A 278 3.72 27.49 -22.16
N MET A 279 4.37 27.38 -21.00
CA MET A 279 4.14 26.23 -20.14
C MET A 279 3.12 26.54 -19.05
N LEU A 280 2.81 27.82 -18.85
CA LEU A 280 1.84 28.23 -17.85
C LEU A 280 0.40 28.00 -18.28
N ILE A 281 0.18 27.49 -19.49
CA ILE A 281 -1.17 27.17 -19.95
C ILE A 281 -1.77 26.07 -19.11
N GLY A 282 -1.00 25.02 -18.84
CA GLY A 282 -1.44 23.91 -18.02
C GLY A 282 -0.35 23.45 -17.07
N ASP A 283 -0.37 22.17 -16.72
CA ASP A 283 0.65 21.62 -15.84
C ASP A 283 1.99 21.53 -16.57
N HIS A 284 3.07 21.65 -15.80
CA HIS A 284 4.41 21.67 -16.38
C HIS A 284 5.40 21.09 -15.38
N TYR A 285 6.56 20.70 -15.90
CA TYR A 285 7.65 20.16 -15.08
C TYR A 285 8.90 21.00 -15.26
N LEU A 286 9.80 20.89 -14.29
CA LEU A 286 11.15 21.44 -14.39
C LEU A 286 12.10 20.25 -14.50
N CYS A 287 12.69 20.07 -15.68
CA CYS A 287 13.39 18.83 -15.99
C CYS A 287 14.90 18.93 -15.95
N ASP A 288 15.48 20.12 -16.16
CA ASP A 288 16.93 20.24 -16.16
C ASP A 288 17.32 21.66 -15.81
N VAL A 289 18.35 21.80 -14.99
CA VAL A 289 18.92 23.09 -14.60
C VAL A 289 20.41 23.04 -14.83
N THR A 290 20.93 23.99 -15.61
CA THR A 290 22.36 24.05 -15.94
C THR A 290 22.83 25.48 -15.84
N TRP A 291 23.96 25.70 -15.15
CA TRP A 291 24.54 27.02 -15.05
C TRP A 291 25.42 27.29 -16.26
N ALA A 292 25.16 28.42 -16.93
CA ALA A 292 25.92 28.77 -18.12
C ALA A 292 27.24 29.45 -17.76
N THR A 293 27.16 30.57 -17.04
CA THR A 293 28.35 31.27 -16.54
C THR A 293 28.02 31.75 -15.13
N GLN A 294 28.83 32.69 -14.63
CA GLN A 294 28.69 33.13 -13.25
C GLN A 294 27.39 33.90 -13.02
N GLU A 295 26.82 34.51 -14.07
CA GLU A 295 25.61 35.31 -13.92
C GLU A 295 24.48 34.87 -14.85
N ARG A 296 24.59 33.67 -15.44
CA ARG A 296 23.56 33.18 -16.34
C ARG A 296 23.23 31.73 -16.02
N ILE A 297 21.94 31.43 -15.95
CA ILE A 297 21.46 30.07 -15.66
C ILE A 297 20.46 29.69 -16.74
N SER A 298 20.53 28.44 -17.19
CA SER A 298 19.64 27.92 -18.23
C SER A 298 18.73 26.87 -17.60
N LEU A 299 17.42 27.06 -17.75
CA LEU A 299 16.43 26.15 -17.22
C LEU A 299 15.70 25.45 -18.36
N GLN A 300 15.42 24.16 -18.19
CA GLN A 300 14.69 23.38 -19.17
C GLN A 300 13.37 22.93 -18.53
N TRP A 301 12.27 23.26 -19.17
CA TRP A 301 10.94 22.94 -18.68
C TRP A 301 10.28 21.94 -19.62
N LEU A 302 9.44 21.07 -19.05
CA LEU A 302 8.75 20.05 -19.82
C LEU A 302 7.26 20.11 -19.50
N ARG A 303 6.43 20.11 -20.55
CA ARG A 303 4.99 20.18 -20.38
C ARG A 303 4.45 18.86 -19.85
N ARG A 304 3.22 18.91 -19.33
CA ARG A 304 2.59 17.69 -18.82
C ARG A 304 2.32 16.70 -19.94
N ILE A 305 1.84 17.19 -21.09
CA ILE A 305 1.83 16.40 -22.32
C ILE A 305 3.25 16.49 -22.89
N GLN A 306 4.07 15.49 -22.58
CA GLN A 306 5.52 15.62 -22.75
C GLN A 306 5.90 15.44 -24.22
N ASN A 307 5.52 16.43 -25.02
CA ASN A 307 6.00 16.53 -26.39
C ASN A 307 6.33 17.96 -26.80
N TYR A 308 6.29 18.91 -25.87
CA TYR A 308 6.65 20.30 -26.14
C TYR A 308 7.46 20.81 -24.96
N SER A 309 8.73 21.15 -25.20
CA SER A 309 9.62 21.62 -24.16
C SER A 309 10.33 22.87 -24.62
N VAL A 310 10.53 23.81 -23.69
CA VAL A 310 11.24 25.05 -23.98
C VAL A 310 12.37 25.22 -22.98
N MET A 311 13.51 25.70 -23.46
CA MET A 311 14.66 25.99 -22.64
C MET A 311 14.71 27.48 -22.36
N ASP A 312 14.78 27.84 -21.09
CA ASP A 312 14.75 29.24 -20.67
C ASP A 312 16.13 29.64 -20.18
N ILE A 313 16.71 30.64 -20.83
CA ILE A 313 18.05 31.14 -20.50
C ILE A 313 17.88 32.50 -19.85
N CYS A 314 18.30 32.62 -18.60
CA CYS A 314 18.06 33.82 -17.80
C CYS A 314 19.37 34.48 -17.40
N ASP A 315 19.40 35.80 -17.52
CA ASP A 315 20.55 36.60 -17.11
C ASP A 315 20.25 37.32 -15.80
N TYR A 316 21.32 37.62 -15.06
CA TYR A 316 21.23 38.29 -13.77
C TYR A 316 21.64 39.74 -13.96
N ASP A 317 20.72 40.68 -13.73
CA ASP A 317 21.06 42.08 -13.83
C ASP A 317 21.59 42.59 -12.49
N GLU A 318 22.32 43.70 -12.55
CA GLU A 318 22.86 44.32 -11.35
C GLU A 318 22.00 45.48 -10.86
N SER A 319 21.19 46.08 -11.74
CA SER A 319 20.37 47.23 -11.35
C SER A 319 19.27 46.82 -10.37
N SER A 320 18.66 45.66 -10.56
CA SER A 320 17.57 45.22 -9.71
C SER A 320 17.85 43.92 -8.95
N GLY A 321 18.81 43.12 -9.39
CA GLY A 321 19.03 41.84 -8.76
C GLY A 321 17.98 40.81 -9.09
N ARG A 322 17.25 40.99 -10.19
CA ARG A 322 16.19 40.09 -10.61
C ARG A 322 16.65 39.33 -11.85
N TRP A 323 16.35 38.04 -11.89
CA TRP A 323 16.75 37.21 -13.02
C TRP A 323 15.75 37.40 -14.15
N ASN A 324 16.23 37.91 -15.29
CA ASN A 324 15.39 38.20 -16.44
C ASN A 324 15.66 37.18 -17.54
N CYS A 325 14.59 36.57 -18.05
CA CYS A 325 14.68 35.59 -19.12
C CYS A 325 13.97 36.16 -20.33
N LEU A 326 14.74 36.55 -21.34
CA LEU A 326 14.18 37.18 -22.52
C LEU A 326 13.43 36.16 -23.38
N VAL A 327 12.42 36.65 -24.11
CA VAL A 327 11.65 35.80 -25.00
C VAL A 327 12.52 35.34 -26.16
N ALA A 328 13.40 36.21 -26.66
CA ALA A 328 14.27 35.87 -27.77
C ALA A 328 15.29 34.80 -27.42
N ARG A 329 15.63 34.65 -26.15
CA ARG A 329 16.58 33.64 -25.72
C ARG A 329 15.94 32.27 -25.50
N GLN A 330 14.61 32.17 -25.54
CA GLN A 330 13.95 30.89 -25.41
C GLN A 330 14.20 30.02 -26.63
N HIS A 331 14.43 28.74 -26.40
CA HIS A 331 14.63 27.76 -27.48
C HIS A 331 13.62 26.65 -27.32
N ILE A 332 12.89 26.37 -28.40
CA ILE A 332 11.74 25.49 -28.36
C ILE A 332 12.09 24.16 -29.01
N GLU A 333 11.87 23.07 -28.29
CA GLU A 333 12.03 21.72 -28.81
C GLU A 333 10.68 21.02 -28.77
N MET A 334 10.31 20.39 -29.88
CA MET A 334 9.03 19.71 -29.96
C MET A 334 9.20 18.45 -30.79
N SER A 335 8.29 17.49 -30.56
CA SER A 335 8.26 16.24 -31.32
C SER A 335 6.84 16.03 -31.84
N THR A 336 6.71 15.91 -33.15
CA THR A 336 5.40 15.74 -33.76
C THR A 336 4.94 14.28 -33.74
N THR A 337 5.86 13.34 -33.54
CA THR A 337 5.53 11.92 -33.61
C THR A 337 5.48 11.23 -32.26
N GLY A 338 6.21 11.74 -31.26
CA GLY A 338 6.28 11.10 -29.96
C GLY A 338 6.63 12.07 -28.88
N TRP A 339 7.53 11.67 -27.98
CA TRP A 339 7.95 12.47 -26.86
C TRP A 339 9.35 13.04 -27.11
N VAL A 340 9.60 14.22 -26.56
CA VAL A 340 10.90 14.87 -26.72
C VAL A 340 11.91 14.21 -25.79
N GLY A 341 13.15 14.10 -26.25
CA GLY A 341 14.21 13.50 -25.47
C GLY A 341 14.10 11.99 -25.43
N ARG A 342 15.12 11.38 -24.81
CA ARG A 342 15.10 9.94 -24.61
C ARG A 342 14.24 9.57 -23.41
N PHE A 343 14.61 10.08 -22.23
CA PHE A 343 13.78 10.04 -21.04
C PHE A 343 13.37 11.44 -20.60
N ARG A 344 14.34 12.35 -20.54
CA ARG A 344 14.13 13.76 -20.26
C ARG A 344 14.90 14.53 -21.32
N PRO A 345 14.54 15.80 -21.55
CA PRO A 345 15.31 16.61 -22.51
C PRO A 345 16.78 16.75 -22.10
N SER A 346 17.64 16.73 -23.11
CA SER A 346 19.09 16.69 -22.87
C SER A 346 19.60 18.02 -22.36
N GLU A 347 20.60 17.95 -21.48
CA GLU A 347 21.20 19.14 -20.91
C GLU A 347 22.10 19.83 -21.93
N PRO A 348 22.18 21.15 -21.91
CA PRO A 348 23.10 21.85 -22.79
C PRO A 348 24.53 21.81 -22.24
N HIS A 349 25.46 22.21 -23.09
CA HIS A 349 26.88 22.29 -22.72
C HIS A 349 27.41 23.64 -23.21
N PHE A 350 27.48 24.61 -22.31
CA PHE A 350 27.85 25.97 -22.68
C PHE A 350 29.35 26.09 -22.88
N THR A 351 29.74 27.11 -23.63
CA THR A 351 31.15 27.43 -23.84
C THR A 351 31.65 28.27 -22.68
N LEU A 352 32.88 28.80 -22.79
CA LEU A 352 33.45 29.58 -21.69
C LEU A 352 32.76 30.94 -21.57
N ASP A 353 32.46 31.59 -22.69
CA ASP A 353 31.81 32.88 -22.65
C ASP A 353 30.33 32.78 -22.30
N GLY A 354 29.71 31.63 -22.54
CA GLY A 354 28.30 31.45 -22.24
C GLY A 354 27.36 32.00 -23.27
N ASN A 355 27.85 32.45 -24.41
CA ASN A 355 27.01 33.00 -25.47
C ASN A 355 26.56 31.94 -26.47
N SER A 356 26.99 30.69 -26.30
CA SER A 356 26.62 29.60 -27.21
C SER A 356 26.76 28.29 -26.46
N PHE A 357 26.08 27.26 -26.98
CA PHE A 357 26.10 25.96 -26.31
C PHE A 357 25.82 24.87 -27.33
N TYR A 358 26.14 23.64 -26.94
CA TYR A 358 25.93 22.46 -27.76
C TYR A 358 24.88 21.57 -27.09
N LYS A 359 23.90 21.11 -27.87
CA LYS A 359 22.78 20.35 -27.35
C LYS A 359 22.50 19.17 -28.26
N ILE A 360 21.93 18.11 -27.68
CA ILE A 360 21.59 16.91 -28.42
C ILE A 360 20.09 16.91 -28.68
N ILE A 361 19.70 17.07 -29.95
CA ILE A 361 18.31 16.98 -30.37
C ILE A 361 18.22 16.09 -31.59
N SER A 362 17.01 15.63 -31.87
CA SER A 362 16.76 14.76 -33.02
C SER A 362 16.73 15.58 -34.31
N ASN A 363 17.29 15.00 -35.37
CA ASN A 363 17.33 15.68 -36.66
C ASN A 363 16.05 15.38 -37.45
N GLU A 364 16.05 15.73 -38.74
CA GLU A 364 14.90 15.46 -39.58
C GLU A 364 14.71 13.97 -39.84
N GLU A 365 15.80 13.22 -39.91
CA GLU A 365 15.71 11.78 -40.13
C GLU A 365 15.32 11.01 -38.87
N GLY A 366 15.32 11.64 -37.70
CA GLY A 366 14.94 10.99 -36.47
C GLY A 366 16.07 10.47 -35.62
N TYR A 367 17.29 10.93 -35.84
CA TYR A 367 18.45 10.48 -35.08
C TYR A 367 19.00 11.63 -34.26
N ARG A 368 19.35 11.35 -33.00
CA ARG A 368 19.83 12.40 -32.12
C ARG A 368 21.25 12.79 -32.47
N HIS A 369 21.48 14.09 -32.65
CA HIS A 369 22.79 14.61 -33.03
C HIS A 369 22.99 15.95 -32.35
N ILE A 370 24.17 16.52 -32.55
CA ILE A 370 24.58 17.73 -31.85
C ILE A 370 24.32 18.95 -32.73
N CYS A 371 23.61 19.94 -32.18
CA CYS A 371 23.44 21.24 -32.81
C CYS A 371 24.29 22.28 -32.10
N TYR A 372 25.01 23.08 -32.87
CA TYR A 372 25.55 24.33 -32.35
C TYR A 372 24.43 25.35 -32.22
N PHE A 373 24.18 25.78 -30.97
CA PHE A 373 23.11 26.72 -30.69
C PHE A 373 23.72 28.07 -30.33
N GLN A 374 22.97 29.12 -30.64
CA GLN A 374 23.29 30.47 -30.19
C GLN A 374 22.16 30.97 -29.32
N ILE A 375 22.51 31.69 -28.25
CA ILE A 375 21.52 32.11 -27.26
C ILE A 375 20.60 33.21 -27.78
N ASP A 376 20.91 33.80 -28.94
CA ASP A 376 20.04 34.80 -29.55
C ASP A 376 19.44 34.37 -30.88
N LYS A 377 20.09 33.48 -31.61
CA LYS A 377 19.57 32.99 -32.89
C LYS A 377 18.87 31.65 -32.67
N LYS A 378 17.67 31.53 -33.25
CA LYS A 378 16.82 30.38 -32.95
C LYS A 378 17.34 29.10 -33.61
N ASP A 379 17.89 29.20 -34.81
CA ASP A 379 18.23 28.04 -35.61
C ASP A 379 19.50 27.36 -35.07
N CYS A 380 19.58 26.05 -35.26
CA CYS A 380 20.75 25.26 -34.90
C CYS A 380 21.36 24.66 -36.16
N THR A 381 22.68 24.58 -36.18
CA THR A 381 23.40 23.93 -37.25
C THR A 381 23.96 22.61 -36.75
N PHE A 382 23.59 21.52 -37.42
CA PHE A 382 24.02 20.20 -37.01
C PHE A 382 25.50 20.01 -37.34
N ILE A 383 26.27 19.53 -36.36
CA ILE A 383 27.68 19.24 -36.57
C ILE A 383 27.97 17.76 -36.71
N THR A 384 26.98 16.90 -36.48
CA THR A 384 27.11 15.46 -36.67
C THR A 384 25.90 14.97 -37.44
N LYS A 385 26.11 14.00 -38.33
CA LYS A 385 25.03 13.43 -39.12
C LYS A 385 25.35 11.98 -39.43
N GLY A 386 24.31 11.20 -39.68
CA GLY A 386 24.46 9.80 -40.02
C GLY A 386 23.28 9.01 -39.50
N THR A 387 23.44 7.69 -39.51
CA THR A 387 22.43 6.76 -39.02
C THR A 387 22.75 6.27 -37.62
N TRP A 388 23.33 7.13 -36.79
CA TRP A 388 23.71 6.77 -35.43
C TRP A 388 23.33 7.90 -34.49
N GLU A 389 23.24 7.58 -33.21
CA GLU A 389 22.79 8.52 -32.19
C GLU A 389 23.94 8.90 -31.28
N VAL A 390 24.10 10.19 -31.02
CA VAL A 390 25.09 10.66 -30.06
C VAL A 390 24.54 10.42 -28.65
N ILE A 391 25.24 9.60 -27.87
CA ILE A 391 24.73 9.18 -26.57
C ILE A 391 24.76 10.33 -25.58
N GLY A 392 25.87 11.06 -25.53
CA GLY A 392 25.98 12.16 -24.59
C GLY A 392 27.19 13.00 -24.85
N ILE A 393 27.16 14.21 -24.29
CA ILE A 393 28.28 15.14 -24.35
C ILE A 393 29.06 15.03 -23.04
N GLU A 394 30.36 14.78 -23.16
CA GLU A 394 31.19 14.50 -21.99
C GLU A 394 32.02 15.71 -21.55
N ALA A 395 32.81 16.27 -22.45
CA ALA A 395 33.67 17.39 -22.09
C ALA A 395 33.78 18.33 -23.28
N LEU A 396 33.76 19.63 -23.00
CA LEU A 396 33.89 20.65 -24.04
C LEU A 396 35.02 21.59 -23.65
N THR A 397 36.00 21.72 -24.55
CA THR A 397 37.01 22.75 -24.47
C THR A 397 36.87 23.67 -25.67
N SER A 398 37.69 24.72 -25.72
CA SER A 398 37.62 25.67 -26.83
C SER A 398 38.10 25.05 -28.13
N ASP A 399 38.99 24.06 -28.05
CA ASP A 399 39.57 23.50 -29.25
C ASP A 399 38.79 22.28 -29.75
N TYR A 400 38.40 21.38 -28.86
CA TYR A 400 37.72 20.16 -29.24
C TYR A 400 36.50 19.92 -28.37
N LEU A 401 35.59 19.08 -28.89
CA LEU A 401 34.40 18.63 -28.18
C LEU A 401 34.38 17.12 -28.18
N TYR A 402 34.17 16.52 -27.00
CA TYR A 402 34.22 15.08 -26.83
C TYR A 402 32.81 14.54 -26.62
N TYR A 403 32.48 13.45 -27.31
CA TYR A 403 31.16 12.85 -27.20
C TYR A 403 31.27 11.34 -27.37
N ILE A 404 30.20 10.65 -26.98
CA ILE A 404 30.10 9.20 -27.06
C ILE A 404 28.96 8.86 -28.02
N SER A 405 29.24 7.98 -28.99
CA SER A 405 28.25 7.57 -29.98
C SER A 405 28.40 6.09 -30.29
N ASN A 406 27.40 5.53 -30.95
CA ASN A 406 27.38 4.13 -31.36
C ASN A 406 27.59 3.96 -32.85
N GLU A 407 28.50 4.77 -33.42
CA GLU A 407 28.75 4.75 -34.86
C GLU A 407 29.60 3.58 -35.29
N TYR A 408 30.51 3.13 -34.43
CA TYR A 408 31.60 2.27 -34.85
C TYR A 408 31.11 0.85 -35.11
N LYS A 409 31.32 0.38 -36.35
CA LYS A 409 30.75 -0.83 -36.95
C LYS A 409 29.22 -0.84 -36.96
N GLY A 410 28.56 0.28 -36.69
CA GLY A 410 27.12 0.31 -36.75
C GLY A 410 26.39 -0.43 -35.65
N MET A 411 27.10 -0.89 -34.61
CA MET A 411 26.44 -1.61 -33.54
C MET A 411 25.86 -0.61 -32.55
N PRO A 412 24.54 -0.60 -32.33
CA PRO A 412 23.96 0.28 -31.31
C PRO A 412 24.38 -0.09 -29.90
N GLY A 413 24.77 -1.34 -29.67
CA GLY A 413 25.22 -1.74 -28.34
C GLY A 413 26.56 -1.13 -27.96
N GLY A 414 27.47 -1.00 -28.92
CA GLY A 414 28.80 -0.51 -28.61
C GLY A 414 28.81 1.00 -28.37
N ARG A 415 29.76 1.43 -27.56
CA ARG A 415 29.97 2.85 -27.25
C ARG A 415 31.44 3.17 -27.43
N ASN A 416 31.73 4.28 -28.09
CA ASN A 416 33.10 4.69 -28.33
C ASN A 416 33.21 6.21 -28.17
N LEU A 417 34.42 6.67 -27.87
CA LEU A 417 34.68 8.08 -27.61
C LEU A 417 35.20 8.74 -28.88
N TYR A 418 34.58 9.85 -29.26
CA TYR A 418 34.99 10.64 -30.42
C TYR A 418 35.26 12.07 -29.99
N LYS A 419 36.18 12.72 -30.70
CA LYS A 419 36.41 14.15 -30.51
C LYS A 419 36.28 14.84 -31.86
N ILE A 420 35.55 15.96 -31.86
CA ILE A 420 35.38 16.77 -33.05
C ILE A 420 36.12 18.08 -32.84
N GLN A 421 36.48 18.72 -33.96
CA GLN A 421 37.18 20.00 -33.92
C GLN A 421 36.15 21.12 -34.10
N LEU A 422 36.22 22.12 -33.22
CA LEU A 422 35.26 23.20 -33.27
C LEU A 422 35.46 24.10 -34.48
N SER A 423 36.70 24.26 -34.93
CA SER A 423 36.97 25.09 -36.10
C SER A 423 36.55 24.38 -37.38
N ASP A 424 36.85 23.08 -37.50
CA ASP A 424 36.55 22.30 -38.69
C ASP A 424 35.70 21.11 -38.27
N TYR A 425 34.43 21.11 -38.67
CA TYR A 425 33.49 20.08 -38.23
C TYR A 425 33.62 18.77 -38.99
N THR A 426 34.42 18.73 -40.05
CA THR A 426 34.58 17.53 -40.87
C THR A 426 35.76 16.67 -40.44
N LYS A 427 36.46 17.03 -39.38
CA LYS A 427 37.61 16.28 -38.89
C LYS A 427 37.22 15.64 -37.57
N VAL A 428 36.83 14.37 -37.62
CA VAL A 428 36.39 13.63 -36.45
C VAL A 428 37.43 12.56 -36.15
N THR A 429 37.94 12.57 -34.91
CA THR A 429 38.94 11.60 -34.47
C THR A 429 38.35 10.72 -33.38
N CYS A 430 38.55 9.42 -33.51
CA CYS A 430 38.10 8.45 -32.52
C CYS A 430 39.24 8.12 -31.56
N LEU A 431 38.95 8.18 -30.27
CA LEU A 431 39.95 7.96 -29.24
C LEU A 431 39.88 6.58 -28.59
N SER A 432 38.83 5.81 -28.88
CA SER A 432 38.68 4.49 -28.28
C SER A 432 38.24 3.44 -29.31
N CYS A 433 38.36 3.74 -30.60
CA CYS A 433 37.92 2.80 -31.62
C CYS A 433 38.87 1.62 -31.74
N GLU A 434 40.18 1.88 -31.73
CA GLU A 434 41.19 0.85 -31.98
C GLU A 434 42.15 0.65 -30.82
N LEU A 435 41.74 1.03 -29.60
CA LEU A 435 42.58 0.76 -28.44
C LEU A 435 42.64 -0.74 -28.15
N ASN A 436 41.50 -1.42 -28.22
CA ASN A 436 41.40 -2.86 -28.05
C ASN A 436 40.15 -3.35 -28.74
N PRO A 437 40.24 -3.77 -30.00
CA PRO A 437 39.02 -4.11 -30.76
C PRO A 437 38.33 -5.37 -30.27
N GLU A 438 39.07 -6.38 -29.82
CA GLU A 438 38.48 -7.64 -29.44
C GLU A 438 38.10 -7.71 -27.97
N ARG A 439 38.51 -6.75 -27.15
CA ARG A 439 38.24 -6.77 -25.72
C ARG A 439 37.25 -5.69 -25.29
N CYS A 440 37.44 -4.46 -25.72
CA CYS A 440 36.71 -3.33 -25.15
C CYS A 440 35.90 -2.69 -26.27
N GLN A 441 34.57 -2.69 -26.13
CA GLN A 441 33.68 -2.09 -27.11
C GLN A 441 32.63 -1.18 -26.51
N TYR A 442 32.50 -1.12 -25.19
CA TYR A 442 31.52 -0.30 -24.50
C TYR A 442 32.29 0.64 -23.59
N TYR A 443 32.64 1.82 -24.10
CA TYR A 443 33.52 2.72 -23.40
C TYR A 443 32.73 3.76 -22.60
N SER A 444 33.25 4.08 -21.42
CA SER A 444 32.76 5.19 -20.61
C SER A 444 33.96 6.02 -20.19
N VAL A 445 33.74 7.32 -20.03
CA VAL A 445 34.84 8.26 -19.86
C VAL A 445 34.59 9.11 -18.62
N SER A 446 35.69 9.67 -18.08
CA SER A 446 35.61 10.54 -16.91
C SER A 446 36.75 11.54 -17.03
N PHE A 447 36.42 12.75 -17.49
CA PHE A 447 37.44 13.77 -17.72
C PHE A 447 37.81 14.46 -16.42
N SER A 448 38.88 15.27 -16.50
CA SER A 448 39.38 16.01 -15.35
C SER A 448 38.65 17.34 -15.24
N LYS A 449 39.16 18.24 -14.39
CA LYS A 449 38.53 19.54 -14.19
C LYS A 449 38.63 20.40 -15.45
N GLU A 450 39.82 20.46 -16.04
CA GLU A 450 40.04 21.19 -17.29
C GLU A 450 39.88 20.28 -18.50
N ALA A 451 39.48 19.03 -18.27
CA ALA A 451 39.39 17.98 -19.30
C ALA A 451 40.74 17.74 -19.98
N LYS A 452 41.81 17.91 -19.21
CA LYS A 452 43.17 17.67 -19.71
C LYS A 452 43.49 16.18 -19.71
N TYR A 453 42.85 15.42 -18.82
CA TYR A 453 43.00 13.98 -18.70
C TYR A 453 41.64 13.31 -18.69
N TYR A 454 41.57 12.08 -19.18
CA TYR A 454 40.35 11.29 -19.11
C TYR A 454 40.68 9.83 -18.82
N GLN A 455 39.97 9.25 -17.85
CA GLN A 455 40.10 7.83 -17.55
C GLN A 455 39.03 7.07 -18.31
N LEU A 456 39.45 6.13 -19.15
CA LEU A 456 38.53 5.37 -19.96
C LEU A 456 38.11 4.11 -19.20
N ARG A 457 36.81 3.88 -19.15
CA ARG A 457 36.23 2.74 -18.44
C ARG A 457 35.51 1.88 -19.48
N CYS A 458 36.23 0.96 -20.11
CA CYS A 458 35.61 0.05 -21.06
C CYS A 458 34.93 -1.05 -20.26
N SER A 459 33.84 -1.57 -20.78
CA SER A 459 33.20 -2.75 -20.20
C SER A 459 32.70 -3.66 -21.31
N GLY A 460 33.56 -3.91 -22.30
CA GLY A 460 33.17 -4.59 -23.51
C GLY A 460 32.97 -6.08 -23.35
N PRO A 461 33.14 -6.83 -24.45
CA PRO A 461 32.99 -8.29 -24.38
C PRO A 461 33.98 -8.96 -23.44
N GLY A 462 35.19 -8.42 -23.30
CA GLY A 462 36.15 -8.93 -22.36
C GLY A 462 35.95 -8.34 -20.97
N LEU A 463 36.94 -8.57 -20.12
CA LEU A 463 36.92 -8.02 -18.78
C LEU A 463 37.04 -6.49 -18.83
N PRO A 464 36.46 -5.79 -17.86
CA PRO A 464 36.63 -4.32 -17.81
C PRO A 464 38.09 -3.93 -17.64
N LEU A 465 38.49 -2.88 -18.36
CA LEU A 465 39.86 -2.39 -18.34
C LEU A 465 39.82 -0.89 -18.13
N TYR A 466 40.63 -0.40 -17.19
CA TYR A 466 40.61 1.01 -16.79
C TYR A 466 41.96 1.61 -17.14
N THR A 467 41.97 2.52 -18.12
CA THR A 467 43.19 3.16 -18.59
C THR A 467 43.10 4.66 -18.36
N LEU A 468 44.26 5.29 -18.21
CA LEU A 468 44.37 6.72 -18.01
C LEU A 468 45.07 7.34 -19.20
N HIS A 469 44.50 8.42 -19.74
CA HIS A 469 45.02 9.08 -20.92
C HIS A 469 45.15 10.57 -20.68
N SER A 470 45.93 11.22 -21.54
CA SER A 470 46.09 12.67 -21.53
C SER A 470 45.58 13.22 -22.85
N SER A 471 44.74 14.26 -22.79
CA SER A 471 44.09 14.78 -23.97
C SER A 471 44.97 15.73 -24.78
N VAL A 472 46.20 16.00 -24.32
CA VAL A 472 47.09 16.88 -25.07
C VAL A 472 47.51 16.24 -26.39
N ASN A 473 47.83 14.94 -26.35
CA ASN A 473 48.21 14.24 -27.57
C ASN A 473 47.61 12.84 -27.66
N ASP A 474 46.60 12.53 -26.83
CA ASP A 474 45.89 11.24 -26.85
C ASP A 474 46.83 10.06 -26.66
N LYS A 475 47.78 10.19 -25.73
CA LYS A 475 48.74 9.14 -25.45
C LYS A 475 48.31 8.35 -24.22
N GLY A 476 48.41 7.03 -24.31
CA GLY A 476 48.07 6.19 -23.18
C GLY A 476 49.14 6.29 -22.10
N LEU A 477 48.76 6.78 -20.91
CA LEU A 477 49.71 6.95 -19.83
C LEU A 477 50.05 5.62 -19.17
N ARG A 478 49.04 4.96 -18.60
CA ARG A 478 49.24 3.68 -17.92
C ARG A 478 47.91 2.94 -17.89
N VAL A 479 47.93 1.76 -17.28
CA VAL A 479 46.73 0.95 -17.08
C VAL A 479 46.43 0.91 -15.59
N LEU A 480 45.28 1.44 -15.20
CA LEU A 480 44.91 1.48 -13.79
C LEU A 480 44.46 0.11 -13.28
N GLU A 481 43.69 -0.61 -14.08
CA GLU A 481 43.19 -1.92 -13.67
C GLU A 481 42.90 -2.76 -14.90
N ASP A 482 43.18 -4.06 -14.80
CA ASP A 482 42.86 -4.99 -15.89
C ASP A 482 42.30 -6.31 -15.42
N ASN A 483 42.06 -6.49 -14.12
CA ASN A 483 41.45 -7.69 -13.53
C ASN A 483 42.25 -8.95 -13.88
N SER A 484 43.51 -8.97 -13.45
CA SER A 484 44.38 -10.09 -13.75
C SER A 484 44.01 -11.34 -12.96
N ALA A 485 43.84 -11.19 -11.64
CA ALA A 485 43.48 -12.34 -10.80
C ALA A 485 42.08 -12.85 -11.13
N LEU A 486 41.17 -11.93 -11.45
CA LEU A 486 39.87 -12.33 -11.95
C LEU A 486 39.98 -13.08 -13.27
N ASP A 487 40.94 -12.70 -14.12
CA ASP A 487 41.16 -13.43 -15.36
C ASP A 487 41.65 -14.85 -15.09
N LYS A 488 42.54 -15.03 -14.10
CA LYS A 488 42.95 -16.39 -13.73
C LYS A 488 41.79 -17.21 -13.18
N MET A 489 40.98 -16.60 -12.31
CA MET A 489 39.85 -17.32 -11.73
C MET A 489 38.80 -17.68 -12.78
N LEU A 490 38.59 -16.80 -13.76
CA LEU A 490 37.63 -17.07 -14.81
C LEU A 490 38.15 -18.03 -15.86
N GLN A 491 39.47 -18.09 -16.08
CA GLN A 491 40.00 -19.12 -16.97
C GLN A 491 40.12 -20.46 -16.26
N ASN A 492 40.04 -20.48 -14.94
CA ASN A 492 39.89 -21.76 -14.23
C ASN A 492 38.52 -22.38 -14.49
N VAL A 493 37.47 -21.56 -14.53
CA VAL A 493 36.09 -22.04 -14.51
C VAL A 493 35.50 -21.98 -15.91
N GLN A 494 34.55 -22.87 -16.19
CA GLN A 494 33.79 -22.79 -17.44
C GLN A 494 32.84 -21.60 -17.39
N MET A 495 32.86 -20.79 -18.44
CA MET A 495 32.05 -19.59 -18.49
C MET A 495 31.27 -19.51 -19.79
N PRO A 496 30.07 -18.94 -19.77
CA PRO A 496 29.29 -18.80 -21.00
C PRO A 496 29.87 -17.76 -21.95
N SER A 497 29.46 -17.85 -23.21
CA SER A 497 29.92 -16.96 -24.26
C SER A 497 28.73 -16.18 -24.82
N LYS A 498 28.95 -14.89 -25.07
CA LYS A 498 27.93 -14.02 -25.63
C LYS A 498 27.95 -14.07 -27.16
N LYS A 499 26.86 -13.62 -27.75
CA LYS A 499 26.72 -13.58 -29.21
C LYS A 499 25.79 -12.44 -29.57
N LEU A 500 26.26 -11.51 -30.41
CA LEU A 500 25.48 -10.36 -30.82
C LEU A 500 25.26 -10.41 -32.33
N ASP A 501 24.00 -10.31 -32.74
CA ASP A 501 23.63 -10.32 -34.15
C ASP A 501 22.30 -9.60 -34.29
N PHE A 502 21.66 -9.76 -35.45
CA PHE A 502 20.40 -9.08 -35.73
C PHE A 502 19.59 -9.88 -36.73
N ILE A 503 18.32 -9.52 -36.84
CA ILE A 503 17.39 -10.13 -37.80
C ILE A 503 16.76 -9.03 -38.63
N ILE A 504 16.30 -9.40 -39.83
CA ILE A 504 15.83 -8.40 -40.79
C ILE A 504 14.41 -7.95 -40.46
N LEU A 505 13.50 -8.90 -40.28
CA LEU A 505 12.09 -8.67 -39.91
C LEU A 505 11.43 -7.78 -40.96
N ASN A 506 10.84 -6.65 -40.60
CA ASN A 506 10.14 -5.79 -41.55
C ASN A 506 11.07 -4.71 -42.12
N GLU A 507 12.15 -5.20 -42.76
CA GLU A 507 13.16 -4.37 -43.42
C GLU A 507 13.80 -3.35 -42.47
N THR A 508 13.98 -3.76 -41.21
CA THR A 508 14.64 -2.92 -40.21
C THR A 508 15.36 -3.83 -39.24
N LYS A 509 16.69 -3.67 -39.14
CA LYS A 509 17.49 -4.56 -38.30
C LYS A 509 17.17 -4.36 -36.82
N PHE A 510 16.93 -5.45 -36.12
CA PHE A 510 16.67 -5.46 -34.70
C PHE A 510 17.71 -6.34 -34.04
N TRP A 511 18.48 -5.76 -33.10
CA TRP A 511 19.62 -6.46 -32.52
C TRP A 511 19.19 -7.30 -31.33
N TYR A 512 19.91 -8.40 -31.11
CA TYR A 512 19.62 -9.32 -30.03
C TYR A 512 20.92 -9.90 -29.50
N GLN A 513 20.86 -10.41 -28.26
CA GLN A 513 21.99 -11.07 -27.64
C GLN A 513 21.56 -12.43 -27.14
N MET A 514 22.54 -13.33 -27.02
CA MET A 514 22.29 -14.71 -26.59
C MET A 514 23.48 -15.17 -25.77
N ILE A 515 23.24 -15.46 -24.49
CA ILE A 515 24.30 -15.93 -23.60
C ILE A 515 24.32 -17.46 -23.76
N LEU A 516 25.16 -17.92 -24.67
CA LEU A 516 25.21 -19.33 -25.02
C LEU A 516 25.93 -20.13 -23.93
N PRO A 517 25.53 -21.38 -23.71
CA PRO A 517 26.22 -22.24 -22.74
C PRO A 517 27.61 -22.61 -23.21
N PRO A 518 28.51 -23.00 -22.31
CA PRO A 518 29.84 -23.46 -22.75
C PRO A 518 29.75 -24.75 -23.54
N HIS A 519 30.70 -24.92 -24.48
CA HIS A 519 30.74 -26.03 -25.44
C HIS A 519 29.42 -26.14 -26.21
N PHE A 520 29.10 -25.03 -26.88
CA PHE A 520 27.81 -24.84 -27.54
C PHE A 520 27.89 -25.33 -28.98
N ASP A 521 27.04 -26.29 -29.31
CA ASP A 521 26.92 -26.79 -30.68
C ASP A 521 25.51 -26.54 -31.18
N LYS A 522 25.39 -26.29 -32.49
CA LYS A 522 24.09 -25.92 -33.05
C LYS A 522 23.15 -27.12 -33.13
N SER A 523 23.70 -28.33 -33.29
CA SER A 523 22.90 -29.53 -33.47
C SER A 523 22.00 -29.82 -32.27
N LYS A 524 22.54 -29.74 -31.07
CA LYS A 524 21.75 -29.94 -29.86
C LYS A 524 20.83 -28.76 -29.61
N LYS A 525 19.56 -29.05 -29.33
CA LYS A 525 18.58 -28.00 -29.05
C LYS A 525 18.61 -27.66 -27.57
N TYR A 526 18.67 -26.37 -27.26
CA TYR A 526 18.79 -25.90 -25.89
C TYR A 526 17.53 -25.17 -25.46
N PRO A 527 17.17 -25.22 -24.18
CA PRO A 527 16.04 -24.42 -23.71
C PRO A 527 16.36 -22.94 -23.76
N LEU A 528 15.32 -22.13 -23.93
CA LEU A 528 15.47 -20.69 -24.06
C LEU A 528 14.70 -20.00 -22.94
N LEU A 529 15.34 -19.03 -22.30
CA LEU A 529 14.68 -18.12 -21.38
C LEU A 529 14.88 -16.71 -21.91
N LEU A 530 13.82 -16.10 -22.40
CA LEU A 530 13.90 -14.80 -23.07
C LEU A 530 13.86 -13.73 -21.99
N ASP A 531 15.05 -13.32 -21.55
CA ASP A 531 15.18 -12.20 -20.61
C ASP A 531 14.75 -10.91 -21.29
N VAL A 532 13.65 -10.33 -20.84
CA VAL A 532 13.04 -9.21 -21.56
C VAL A 532 12.83 -8.05 -20.60
N TYR A 533 13.20 -6.86 -21.07
CA TYR A 533 12.76 -5.61 -20.47
C TYR A 533 11.79 -4.87 -21.38
N ALA A 534 12.21 -4.60 -22.62
CA ALA A 534 11.37 -4.05 -23.69
C ALA A 534 10.77 -2.69 -23.34
N GLY A 535 11.38 -1.95 -22.42
CA GLY A 535 10.91 -0.65 -22.05
C GLY A 535 11.16 0.36 -23.15
N PRO A 536 10.44 1.49 -23.11
CA PRO A 536 10.70 2.56 -24.07
C PRO A 536 12.07 3.18 -23.86
N CYS A 537 12.84 3.25 -24.94
CA CYS A 537 14.25 3.69 -24.92
C CYS A 537 15.08 2.85 -23.94
N SER A 538 15.05 1.54 -24.16
CA SER A 538 15.81 0.60 -23.35
C SER A 538 16.72 -0.22 -24.25
N GLN A 539 17.96 -0.43 -23.80
CA GLN A 539 18.94 -1.22 -24.53
C GLN A 539 19.18 -2.52 -23.76
N LYS A 540 19.01 -3.65 -24.45
CA LYS A 540 19.20 -4.95 -23.83
C LYS A 540 20.13 -5.85 -24.63
N ALA A 541 20.73 -5.35 -25.70
CA ALA A 541 21.66 -6.11 -26.53
C ALA A 541 22.98 -5.36 -26.64
N ASP A 542 23.48 -4.88 -25.51
CA ASP A 542 24.75 -4.16 -25.47
C ASP A 542 25.89 -5.12 -25.21
N THR A 543 27.08 -4.73 -25.66
CA THR A 543 28.30 -5.51 -25.43
C THR A 543 28.88 -5.16 -24.06
N VAL A 544 28.19 -5.65 -23.03
CA VAL A 544 28.58 -5.42 -21.64
C VAL A 544 28.84 -6.77 -20.99
N PHE A 545 29.98 -6.91 -20.33
CA PHE A 545 30.32 -8.12 -19.60
C PHE A 545 29.71 -8.05 -18.21
N ARG A 546 28.84 -9.00 -17.89
CA ARG A 546 28.18 -9.05 -16.60
C ARG A 546 28.27 -10.45 -16.02
N LEU A 547 28.36 -10.52 -14.70
CA LEU A 547 28.30 -11.78 -13.95
C LEU A 547 26.96 -11.79 -13.24
N ASN A 548 25.93 -12.29 -13.93
CA ASN A 548 24.56 -12.23 -13.45
C ASN A 548 23.97 -13.63 -13.35
N TRP A 549 22.66 -13.69 -13.11
CA TRP A 549 21.95 -14.96 -13.01
C TRP A 549 21.90 -15.68 -14.35
N ALA A 550 21.93 -14.93 -15.45
CA ALA A 550 21.93 -15.55 -16.78
C ALA A 550 23.22 -16.32 -17.04
N THR A 551 24.34 -15.84 -16.52
CA THR A 551 25.60 -16.58 -16.65
C THR A 551 25.54 -17.90 -15.88
N TYR A 552 24.88 -17.90 -14.72
CA TYR A 552 24.69 -19.15 -13.98
C TYR A 552 23.77 -20.09 -14.74
N LEU A 553 22.70 -19.56 -15.33
CA LEU A 553 21.75 -20.39 -16.06
C LEU A 553 22.40 -21.00 -17.30
N ALA A 554 23.24 -20.24 -17.99
CA ALA A 554 23.92 -20.77 -19.17
C ALA A 554 25.05 -21.72 -18.80
N SER A 555 25.82 -21.41 -17.77
CA SER A 555 27.00 -22.19 -17.45
C SER A 555 26.66 -23.52 -16.78
N THR A 556 25.65 -23.53 -15.90
CA THR A 556 25.33 -24.71 -15.11
C THR A 556 24.19 -25.52 -15.71
N GLU A 557 23.04 -24.89 -15.94
CA GLU A 557 21.86 -25.59 -16.42
C GLU A 557 21.80 -25.70 -17.94
N ASN A 558 22.75 -25.07 -18.65
CA ASN A 558 22.82 -25.05 -20.11
C ASN A 558 21.52 -24.48 -20.71
N ILE A 559 21.26 -23.22 -20.38
CA ILE A 559 20.07 -22.51 -20.83
C ILE A 559 20.51 -21.31 -21.66
N ILE A 560 20.01 -21.22 -22.89
CA ILE A 560 20.27 -20.06 -23.74
C ILE A 560 19.39 -18.93 -23.23
N VAL A 561 20.01 -17.87 -22.72
CA VAL A 561 19.29 -16.69 -22.26
C VAL A 561 19.42 -15.62 -23.32
N ALA A 562 18.28 -15.11 -23.78
CA ALA A 562 18.25 -14.18 -24.90
C ALA A 562 17.50 -12.91 -24.52
N SER A 563 17.87 -11.82 -25.21
CA SER A 563 17.19 -10.54 -25.05
C SER A 563 16.97 -9.94 -26.43
N PHE A 564 15.94 -9.12 -26.55
CA PHE A 564 15.55 -8.56 -27.84
C PHE A 564 15.28 -7.08 -27.69
N ASP A 565 15.47 -6.35 -28.80
CA ASP A 565 15.20 -4.92 -28.88
C ASP A 565 14.25 -4.69 -30.05
N GLY A 566 12.95 -4.76 -29.77
CA GLY A 566 11.92 -4.54 -30.77
C GLY A 566 11.62 -3.06 -30.95
N ARG A 567 10.38 -2.77 -31.30
CA ARG A 567 9.95 -1.38 -31.46
C ARG A 567 9.86 -0.70 -30.10
N GLY A 568 10.40 0.51 -30.01
CA GLY A 568 10.48 1.24 -28.77
C GLY A 568 11.84 1.24 -28.12
N SER A 569 12.76 0.39 -28.58
CA SER A 569 14.11 0.39 -28.04
C SER A 569 14.87 1.63 -28.52
N GLY A 570 15.71 2.18 -27.64
CA GLY A 570 16.38 3.42 -27.91
C GLY A 570 17.69 3.25 -28.66
N TYR A 571 18.34 4.39 -28.92
CA TYR A 571 19.63 4.48 -29.60
C TYR A 571 19.61 3.88 -31.01
N GLN A 572 18.42 3.87 -31.63
CA GLN A 572 18.27 3.35 -32.99
C GLN A 572 17.41 4.27 -33.84
N GLY A 573 17.29 5.54 -33.47
CA GLY A 573 16.48 6.48 -34.21
C GLY A 573 15.08 6.62 -33.64
N ASP A 574 14.43 7.73 -33.98
CA ASP A 574 13.09 8.02 -33.48
C ASP A 574 12.01 7.21 -34.18
N LYS A 575 12.28 6.69 -35.37
CA LYS A 575 11.28 5.87 -36.05
C LYS A 575 11.02 4.56 -35.30
N ILE A 576 12.08 3.92 -34.81
CA ILE A 576 11.92 2.72 -34.00
C ILE A 576 11.36 3.07 -32.63
N MET A 577 11.86 4.14 -32.02
CA MET A 577 11.52 4.45 -30.64
C MET A 577 10.08 4.94 -30.49
N HIS A 578 9.59 5.71 -31.46
CA HIS A 578 8.29 6.35 -31.35
C HIS A 578 7.16 5.54 -31.96
N ALA A 579 7.43 4.31 -32.40
CA ALA A 579 6.37 3.44 -32.88
C ALA A 579 5.43 3.00 -31.77
N ILE A 580 5.88 3.07 -30.53
CA ILE A 580 5.09 2.65 -29.38
C ILE A 580 4.44 3.85 -28.68
N ASN A 581 4.37 5.00 -29.36
CA ASN A 581 3.76 6.18 -28.75
C ASN A 581 2.25 6.02 -28.63
N ARG A 582 1.73 6.32 -27.43
CA ARG A 582 0.32 6.23 -27.06
C ARG A 582 -0.24 4.81 -27.12
N ARG A 583 0.61 3.82 -27.34
CA ARG A 583 0.19 2.41 -27.40
C ARG A 583 1.27 1.58 -26.72
N LEU A 584 1.01 1.16 -25.49
CA LEU A 584 1.92 0.31 -24.73
C LEU A 584 1.34 -1.09 -24.59
N GLY A 585 2.20 -2.10 -24.71
CA GLY A 585 1.79 -3.47 -24.54
C GLY A 585 1.15 -4.11 -25.75
N THR A 586 1.13 -3.43 -26.90
CA THR A 586 0.58 -4.01 -28.12
C THR A 586 1.62 -4.16 -29.23
N PHE A 587 2.72 -3.43 -29.19
CA PHE A 587 3.76 -3.54 -30.21
C PHE A 587 4.98 -4.30 -29.73
N GLU A 588 5.54 -3.92 -28.57
CA GLU A 588 6.71 -4.60 -28.05
C GLU A 588 6.40 -6.04 -27.67
N VAL A 589 5.16 -6.32 -27.25
CA VAL A 589 4.75 -7.70 -26.99
C VAL A 589 4.78 -8.50 -28.28
N GLU A 590 4.28 -7.92 -29.38
CA GLU A 590 4.30 -8.60 -30.67
C GLU A 590 5.73 -8.82 -31.16
N ASP A 591 6.61 -7.83 -30.93
CA ASP A 591 8.02 -8.01 -31.30
C ASP A 591 8.70 -9.09 -30.47
N GLN A 592 8.40 -9.18 -29.17
CA GLN A 592 8.97 -10.24 -28.35
C GLN A 592 8.48 -11.62 -28.80
N ILE A 593 7.19 -11.73 -29.13
CA ILE A 593 6.64 -13.00 -29.62
C ILE A 593 7.26 -13.37 -30.96
N GLU A 594 7.42 -12.39 -31.85
CA GLU A 594 8.05 -12.64 -33.15
C GLU A 594 9.52 -13.04 -32.98
N ALA A 595 10.23 -12.42 -32.05
CA ALA A 595 11.61 -12.79 -31.78
C ALA A 595 11.71 -14.21 -31.24
N ALA A 596 10.76 -14.60 -30.38
CA ALA A 596 10.73 -15.98 -29.91
C ALA A 596 10.46 -16.94 -31.06
N ARG A 597 9.58 -16.57 -31.98
CA ARG A 597 9.31 -17.40 -33.15
C ARG A 597 10.55 -17.57 -34.02
N GLN A 598 11.26 -16.47 -34.29
CA GLN A 598 12.50 -16.54 -35.07
C GLN A 598 13.56 -17.37 -34.37
N PHE A 599 13.68 -17.21 -33.05
CA PHE A 599 14.65 -18.00 -32.29
C PHE A 599 14.31 -19.48 -32.32
N SER A 600 13.01 -19.81 -32.26
CA SER A 600 12.60 -21.21 -32.35
C SER A 600 12.88 -21.79 -33.74
N LYS A 601 12.73 -20.97 -34.79
CA LYS A 601 13.01 -21.50 -36.13
C LYS A 601 14.47 -21.31 -36.54
N MET A 602 15.34 -20.81 -35.66
CA MET A 602 16.77 -20.81 -35.94
C MET A 602 17.30 -22.24 -36.07
N GLY A 603 16.88 -23.14 -35.19
CA GLY A 603 17.27 -24.53 -35.31
C GLY A 603 17.85 -25.15 -34.05
N PHE A 604 18.51 -24.34 -33.22
CA PHE A 604 19.16 -24.82 -32.02
C PHE A 604 18.34 -24.57 -30.76
N VAL A 605 17.07 -24.22 -30.90
CA VAL A 605 16.21 -23.89 -29.76
C VAL A 605 15.05 -24.87 -29.73
N ASP A 606 14.87 -25.52 -28.57
CA ASP A 606 13.71 -26.39 -28.37
C ASP A 606 12.46 -25.53 -28.25
N ASN A 607 11.47 -25.82 -29.10
CA ASN A 607 10.26 -25.01 -29.12
C ASN A 607 9.36 -25.28 -27.93
N LYS A 608 9.46 -26.47 -27.33
CA LYS A 608 8.60 -26.84 -26.21
C LYS A 608 9.12 -26.36 -24.87
N ARG A 609 10.31 -25.77 -24.82
CA ARG A 609 10.93 -25.36 -23.56
C ARG A 609 11.37 -23.90 -23.63
N ILE A 610 10.49 -23.03 -24.12
CA ILE A 610 10.76 -21.60 -24.21
C ILE A 610 10.01 -20.91 -23.08
N ALA A 611 10.74 -20.14 -22.26
CA ALA A 611 10.16 -19.42 -21.14
C ALA A 611 10.44 -17.94 -21.30
N ILE A 612 9.98 -17.15 -20.34
CA ILE A 612 10.12 -15.70 -20.39
C ILE A 612 10.12 -15.16 -18.97
N TRP A 613 10.99 -14.18 -18.70
CA TRP A 613 11.02 -13.55 -17.40
C TRP A 613 11.47 -12.10 -17.58
N GLY A 614 11.05 -11.26 -16.63
CA GLY A 614 11.37 -9.84 -16.73
C GLY A 614 11.20 -9.13 -15.40
N TRP A 615 11.77 -7.93 -15.34
CA TRP A 615 11.76 -7.09 -14.15
C TRP A 615 10.95 -5.84 -14.44
N SER A 616 10.06 -5.48 -13.51
CA SER A 616 9.23 -4.28 -13.57
C SER A 616 8.43 -4.20 -14.86
N TYR A 617 8.88 -3.38 -15.80
CA TYR A 617 8.27 -3.34 -17.13
C TYR A 617 8.45 -4.67 -17.86
N GLY A 618 9.57 -5.36 -17.61
CA GLY A 618 9.75 -6.68 -18.17
C GLY A 618 8.74 -7.68 -17.63
N GLY A 619 8.36 -7.53 -16.36
CA GLY A 619 7.30 -8.36 -15.82
C GLY A 619 5.96 -8.09 -16.48
N TYR A 620 5.68 -6.82 -16.81
CA TYR A 620 4.46 -6.48 -17.53
C TYR A 620 4.46 -7.07 -18.93
N VAL A 621 5.61 -7.01 -19.61
CA VAL A 621 5.72 -7.58 -20.94
C VAL A 621 5.56 -9.10 -20.87
N THR A 622 6.16 -9.73 -19.84
CA THR A 622 6.01 -11.16 -19.65
C THR A 622 4.55 -11.56 -19.39
N SER A 623 3.86 -10.78 -18.55
CA SER A 623 2.45 -11.05 -18.27
C SER A 623 1.61 -10.91 -19.53
N MET A 624 1.88 -9.88 -20.34
CA MET A 624 1.13 -9.70 -21.59
C MET A 624 1.43 -10.79 -22.61
N VAL A 625 2.69 -11.24 -22.71
CA VAL A 625 3.02 -12.32 -23.62
C VAL A 625 2.33 -13.61 -23.19
N LEU A 626 2.32 -13.90 -21.89
CA LEU A 626 1.63 -15.09 -21.41
C LEU A 626 0.12 -14.99 -21.59
N GLY A 627 -0.46 -13.80 -21.44
CA GLY A 627 -1.87 -13.61 -21.67
C GLY A 627 -2.28 -13.41 -23.11
N SER A 628 -1.31 -13.33 -24.03
CA SER A 628 -1.63 -13.16 -25.44
C SER A 628 -2.19 -14.42 -26.07
N GLY A 629 -1.98 -15.58 -25.46
CA GLY A 629 -2.50 -16.81 -26.01
C GLY A 629 -1.78 -17.29 -27.26
N SER A 630 -0.53 -16.88 -27.45
CA SER A 630 0.22 -17.31 -28.63
C SER A 630 0.56 -18.79 -28.56
N GLY A 631 0.82 -19.31 -27.37
CA GLY A 631 1.17 -20.71 -27.20
C GLY A 631 2.63 -21.03 -27.41
N VAL A 632 3.46 -20.03 -27.70
CA VAL A 632 4.89 -20.28 -27.88
C VAL A 632 5.56 -20.61 -26.56
N PHE A 633 5.15 -19.93 -25.49
CA PHE A 633 5.86 -19.98 -24.21
C PHE A 633 5.23 -20.99 -23.27
N LYS A 634 6.10 -21.62 -22.47
CA LYS A 634 5.67 -22.66 -21.53
C LYS A 634 5.37 -22.08 -20.15
N CYS A 635 6.35 -21.45 -19.53
CA CYS A 635 6.19 -20.87 -18.21
C CYS A 635 6.75 -19.46 -18.21
N GLY A 636 6.36 -18.69 -17.20
CA GLY A 636 6.82 -17.32 -17.10
C GLY A 636 6.96 -16.79 -15.69
N ILE A 637 7.99 -15.99 -15.46
CA ILE A 637 8.22 -15.30 -14.20
C ILE A 637 8.03 -13.81 -14.41
N ALA A 638 7.32 -13.16 -13.49
CA ALA A 638 7.09 -11.71 -13.57
C ALA A 638 7.24 -11.15 -12.16
N VAL A 639 8.44 -10.67 -11.85
CA VAL A 639 8.74 -10.11 -10.54
C VAL A 639 8.42 -8.62 -10.56
N ALA A 640 7.53 -8.21 -9.65
CA ALA A 640 7.01 -6.85 -9.56
C ALA A 640 6.51 -6.29 -10.90
N PRO A 641 5.52 -6.92 -11.51
CA PRO A 641 5.12 -6.50 -12.85
C PRO A 641 4.21 -5.27 -12.81
N VAL A 642 4.07 -4.64 -13.97
CA VAL A 642 3.10 -3.59 -14.17
C VAL A 642 1.80 -4.23 -14.64
N SER A 643 0.68 -3.88 -14.01
CA SER A 643 -0.61 -4.51 -14.32
C SER A 643 -1.51 -3.61 -15.16
N ARG A 644 -1.86 -2.46 -14.62
CA ARG A 644 -2.72 -1.47 -15.26
C ARG A 644 -1.99 -0.13 -15.24
N TRP A 645 -2.05 0.60 -16.34
CA TRP A 645 -1.30 1.83 -16.45
C TRP A 645 -1.90 2.98 -15.67
N GLU A 646 -3.11 2.83 -15.14
CA GLU A 646 -3.67 3.84 -14.25
C GLU A 646 -3.16 3.70 -12.82
N TYR A 647 -2.34 2.68 -12.56
CA TYR A 647 -1.76 2.49 -11.24
C TYR A 647 -0.34 3.04 -11.12
N TYR A 648 0.38 3.16 -12.23
CA TYR A 648 1.73 3.71 -12.22
C TYR A 648 1.69 5.23 -12.13
N ASP A 649 2.87 5.83 -11.95
CA ASP A 649 2.94 7.26 -11.66
C ASP A 649 2.63 8.09 -12.90
N SER A 650 2.39 9.39 -12.67
CA SER A 650 1.86 10.25 -13.71
C SER A 650 2.88 10.54 -14.80
N VAL A 651 4.13 10.80 -14.42
CA VAL A 651 5.13 11.26 -15.38
C VAL A 651 5.47 10.16 -16.38
N TYR A 652 5.81 8.97 -15.88
CA TYR A 652 6.23 7.88 -16.75
C TYR A 652 5.08 7.40 -17.64
N THR A 653 3.89 7.27 -17.09
CA THR A 653 2.77 6.78 -17.88
C THR A 653 2.29 7.83 -18.88
N GLU A 654 2.26 9.10 -18.47
CA GLU A 654 1.77 10.15 -19.35
C GLU A 654 2.79 10.53 -20.42
N ARG A 655 4.06 10.18 -20.23
CA ARG A 655 5.04 10.44 -21.28
C ARG A 655 4.80 9.57 -22.50
N TYR A 656 4.42 8.31 -22.30
CA TYR A 656 4.28 7.37 -23.40
C TYR A 656 2.83 7.01 -23.72
N MET A 657 1.86 7.46 -22.91
CA MET A 657 0.46 7.15 -23.15
C MET A 657 -0.47 8.35 -23.11
N GLY A 658 -0.08 9.45 -22.48
CA GLY A 658 -0.98 10.57 -22.32
C GLY A 658 -1.91 10.38 -21.14
N LEU A 659 -2.81 11.34 -20.96
CA LEU A 659 -3.74 11.31 -19.84
C LEU A 659 -4.82 10.26 -20.07
N PRO A 660 -5.32 9.62 -18.96
CA PRO A 660 -6.44 8.67 -19.06
C PRO A 660 -7.80 9.36 -19.09
N THR A 661 -7.91 10.39 -19.89
CA THR A 661 -9.06 11.24 -20.13
C THR A 661 -9.90 10.65 -21.26
N PRO A 662 -11.21 10.46 -21.06
CA PRO A 662 -11.98 9.61 -21.98
C PRO A 662 -12.32 10.23 -23.33
N GLU A 663 -11.70 11.36 -23.69
CA GLU A 663 -11.71 11.81 -25.06
C GLU A 663 -10.35 11.72 -25.74
N ASP A 664 -9.31 11.29 -25.02
CA ASP A 664 -7.96 11.25 -25.59
C ASP A 664 -7.41 9.84 -25.71
N ASN A 665 -7.21 9.11 -24.58
CA ASN A 665 -6.55 7.82 -24.68
C ASN A 665 -7.08 6.79 -23.69
N LEU A 666 -8.34 6.89 -23.26
CA LEU A 666 -8.84 5.93 -22.27
C LEU A 666 -9.04 4.54 -22.86
N ASP A 667 -9.24 4.45 -24.18
CA ASP A 667 -9.44 3.15 -24.82
C ASP A 667 -8.20 2.28 -24.69
N HIS A 668 -7.02 2.84 -24.96
CA HIS A 668 -5.80 2.04 -24.79
C HIS A 668 -5.40 1.92 -23.32
N TYR A 669 -5.85 2.82 -22.45
CA TYR A 669 -5.62 2.64 -21.02
C TYR A 669 -6.37 1.43 -20.49
N ARG A 670 -7.62 1.25 -20.94
CA ARG A 670 -8.43 0.13 -20.49
C ARG A 670 -8.24 -1.12 -21.34
N ASN A 671 -7.56 -1.03 -22.48
CA ASN A 671 -7.28 -2.20 -23.30
C ASN A 671 -5.94 -2.85 -22.97
N SER A 672 -5.04 -2.11 -22.31
CA SER A 672 -3.69 -2.59 -22.04
C SER A 672 -3.52 -3.10 -20.61
N THR A 673 -4.53 -3.76 -20.07
CA THR A 673 -4.42 -4.37 -18.75
C THR A 673 -4.10 -5.85 -18.88
N VAL A 674 -3.33 -6.36 -17.91
CA VAL A 674 -3.07 -7.79 -17.84
C VAL A 674 -4.35 -8.55 -17.50
N MET A 675 -5.17 -7.96 -16.63
CA MET A 675 -6.40 -8.58 -16.15
C MET A 675 -7.44 -8.80 -17.25
N SER A 676 -7.32 -8.11 -18.38
CA SER A 676 -8.18 -8.39 -19.52
C SER A 676 -7.77 -9.67 -20.26
N ARG A 677 -6.56 -10.15 -20.03
CA ARG A 677 -6.05 -11.36 -20.67
C ARG A 677 -5.89 -12.50 -19.67
N ALA A 678 -6.71 -12.52 -18.62
CA ALA A 678 -6.55 -13.50 -17.55
C ALA A 678 -7.02 -14.89 -17.96
N GLU A 679 -7.91 -15.00 -18.95
CA GLU A 679 -8.41 -16.31 -19.36
C GLU A 679 -7.34 -17.11 -20.08
N ASN A 680 -6.47 -16.43 -20.82
CA ASN A 680 -5.44 -17.11 -21.61
C ASN A 680 -4.28 -17.63 -20.78
N PHE A 681 -4.25 -17.34 -19.47
CA PHE A 681 -3.20 -17.82 -18.59
C PHE A 681 -3.31 -19.30 -18.28
N LYS A 682 -4.39 -19.96 -18.68
CA LYS A 682 -4.61 -21.36 -18.32
C LYS A 682 -3.63 -22.29 -19.02
N GLN A 683 -3.06 -21.86 -20.15
CA GLN A 683 -2.13 -22.71 -20.89
C GLN A 683 -0.69 -22.57 -20.44
N VAL A 684 -0.37 -21.59 -19.59
CA VAL A 684 1.00 -21.32 -19.18
C VAL A 684 1.10 -21.43 -17.65
N GLU A 685 2.33 -21.50 -17.18
CA GLU A 685 2.64 -21.49 -15.75
C GLU A 685 3.15 -20.11 -15.36
N TYR A 686 2.53 -19.51 -14.35
CA TYR A 686 2.81 -18.14 -13.96
C TYR A 686 3.39 -18.11 -12.56
N LEU A 687 4.51 -17.41 -12.39
CA LEU A 687 5.11 -17.15 -11.09
C LEU A 687 5.10 -15.65 -10.85
N LEU A 688 4.34 -15.22 -9.85
CA LEU A 688 4.14 -13.81 -9.56
C LEU A 688 4.86 -13.46 -8.27
N ILE A 689 5.89 -12.62 -8.37
CA ILE A 689 6.70 -12.23 -7.23
C ILE A 689 6.59 -10.72 -7.07
N HIS A 690 6.40 -10.26 -5.83
CA HIS A 690 6.33 -8.84 -5.56
C HIS A 690 6.71 -8.60 -4.11
N GLY A 691 7.19 -7.38 -3.83
CA GLY A 691 7.49 -6.96 -2.48
C GLY A 691 6.33 -6.18 -1.89
N THR A 692 6.04 -6.44 -0.62
CA THR A 692 4.90 -5.78 0.04
C THR A 692 5.20 -4.30 0.29
N ALA A 693 6.45 -3.97 0.63
CA ALA A 693 6.84 -2.59 0.90
C ALA A 693 7.40 -1.89 -0.33
N ASP A 694 6.98 -2.30 -1.52
CA ASP A 694 7.44 -1.66 -2.75
C ASP A 694 6.81 -0.26 -2.89
N ASP A 695 7.61 0.68 -3.34
CA ASP A 695 7.16 2.05 -3.58
C ASP A 695 7.11 2.43 -5.05
N ASN A 696 7.95 1.81 -5.89
CA ASN A 696 7.94 2.13 -7.31
C ASN A 696 6.73 1.50 -8.00
N VAL A 697 6.61 0.18 -7.92
CA VAL A 697 5.47 -0.56 -8.45
C VAL A 697 4.77 -1.21 -7.25
N HIS A 698 3.60 -0.69 -6.91
CA HIS A 698 2.96 -1.04 -5.65
C HIS A 698 2.44 -2.47 -5.66
N PHE A 699 2.19 -2.99 -4.44
CA PHE A 699 1.63 -4.33 -4.25
C PHE A 699 0.18 -4.44 -4.72
N GLN A 700 -0.49 -3.31 -4.94
CA GLN A 700 -1.82 -3.29 -5.55
C GLN A 700 -1.83 -3.98 -6.90
N GLN A 701 -0.73 -3.87 -7.65
CA GLN A 701 -0.69 -4.34 -9.03
C GLN A 701 -0.76 -5.86 -9.07
N SER A 702 0.13 -6.52 -8.31
CA SER A 702 0.12 -7.96 -8.21
C SER A 702 -1.10 -8.46 -7.46
N ALA A 703 -1.65 -7.65 -6.55
CA ALA A 703 -2.92 -8.02 -5.92
C ALA A 703 -4.03 -8.12 -6.96
N GLN A 704 -4.09 -7.16 -7.89
CA GLN A 704 -5.11 -7.19 -8.94
C GLN A 704 -4.89 -8.35 -9.91
N ILE A 705 -3.62 -8.65 -10.23
CA ILE A 705 -3.33 -9.80 -11.09
C ILE A 705 -3.80 -11.09 -10.43
N SER A 706 -3.49 -11.25 -9.14
CA SER A 706 -3.91 -12.45 -8.41
C SER A 706 -5.42 -12.53 -8.29
N LYS A 707 -6.09 -11.39 -8.09
CA LYS A 707 -7.54 -11.38 -8.00
C LYS A 707 -8.19 -11.79 -9.31
N ALA A 708 -7.68 -11.28 -10.44
CA ALA A 708 -8.19 -11.69 -11.74
C ALA A 708 -7.93 -13.17 -12.00
N LEU A 709 -6.76 -13.66 -11.62
CA LEU A 709 -6.42 -15.05 -11.87
C LEU A 709 -7.24 -16.01 -11.01
N VAL A 710 -7.58 -15.61 -9.78
CA VAL A 710 -8.43 -16.48 -8.97
C VAL A 710 -9.90 -16.29 -9.30
N ASP A 711 -10.29 -15.17 -9.90
CA ASP A 711 -11.67 -15.02 -10.35
C ASP A 711 -11.93 -15.85 -11.59
N VAL A 712 -10.97 -15.88 -12.53
CA VAL A 712 -11.11 -16.76 -13.68
C VAL A 712 -10.94 -18.22 -13.25
N GLY A 713 -10.01 -18.49 -12.34
CA GLY A 713 -9.76 -19.84 -11.90
C GLY A 713 -8.57 -20.47 -12.56
N VAL A 714 -7.45 -19.74 -12.61
CA VAL A 714 -6.23 -20.17 -13.26
C VAL A 714 -5.23 -20.59 -12.19
N ASP A 715 -4.68 -21.79 -12.33
CA ASP A 715 -3.63 -22.24 -11.42
C ASP A 715 -2.33 -21.51 -11.72
N PHE A 716 -1.72 -20.95 -10.68
CA PHE A 716 -0.50 -20.19 -10.84
C PHE A 716 0.26 -20.18 -9.52
N GLN A 717 1.52 -19.79 -9.58
CA GLN A 717 2.38 -19.70 -8.41
C GLN A 717 2.58 -18.24 -8.03
N ALA A 718 2.78 -18.00 -6.74
CA ALA A 718 2.95 -16.66 -6.22
C ALA A 718 3.95 -16.67 -5.08
N MET A 719 4.48 -15.48 -4.77
CA MET A 719 5.45 -15.32 -3.69
C MET A 719 5.53 -13.85 -3.29
N TRP A 720 5.44 -13.54 -2.00
CA TRP A 720 5.57 -12.17 -1.53
C TRP A 720 6.78 -12.06 -0.62
N TYR A 721 7.46 -10.91 -0.72
CA TYR A 721 8.68 -10.64 0.05
C TYR A 721 8.44 -9.39 0.87
N THR A 722 8.18 -9.57 2.17
CA THR A 722 7.84 -8.46 3.03
C THR A 722 9.05 -7.57 3.32
N ASP A 723 8.79 -6.28 3.53
CA ASP A 723 9.80 -5.25 3.77
C ASP A 723 10.85 -5.20 2.67
N GLU A 724 10.41 -5.33 1.43
CA GLU A 724 11.31 -5.30 0.29
C GLU A 724 10.88 -4.21 -0.67
N ASP A 725 11.84 -3.40 -1.10
CA ASP A 725 11.59 -2.32 -2.05
C ASP A 725 11.53 -2.89 -3.46
N HIS A 726 11.57 -2.01 -4.46
CA HIS A 726 11.58 -2.46 -5.85
C HIS A 726 12.86 -3.22 -6.18
N GLY A 727 13.99 -2.75 -5.63
CA GLY A 727 15.25 -3.42 -5.92
C GLY A 727 15.37 -4.80 -5.32
N ILE A 728 14.83 -4.99 -4.11
CA ILE A 728 15.03 -6.17 -3.26
C ILE A 728 16.53 -6.40 -3.12
N ALA A 729 17.22 -5.43 -2.53
CA ALA A 729 18.68 -5.43 -2.46
C ALA A 729 19.22 -6.02 -1.17
N SER A 730 18.36 -6.40 -0.23
CA SER A 730 18.83 -7.09 0.97
C SER A 730 19.35 -8.48 0.60
N SER A 731 20.45 -8.87 1.22
CA SER A 731 21.21 -10.05 0.78
C SER A 731 20.41 -11.33 0.95
N THR A 732 19.74 -11.49 2.09
CA THR A 732 18.94 -12.69 2.34
C THR A 732 17.77 -12.78 1.38
N ALA A 733 17.06 -11.67 1.16
CA ALA A 733 15.93 -11.67 0.24
C ALA A 733 16.39 -11.87 -1.20
N HIS A 734 17.53 -11.29 -1.57
CA HIS A 734 18.07 -11.48 -2.91
C HIS A 734 18.44 -12.94 -3.16
N GLN A 735 19.10 -13.56 -2.18
CA GLN A 735 19.46 -14.97 -2.31
C GLN A 735 18.22 -15.85 -2.39
N HIS A 736 17.20 -15.56 -1.55
CA HIS A 736 15.99 -16.36 -1.56
C HIS A 736 15.22 -16.21 -2.87
N ILE A 737 15.12 -14.99 -3.40
CA ILE A 737 14.34 -14.80 -4.62
C ILE A 737 15.04 -15.43 -5.81
N TYR A 738 16.38 -15.36 -5.87
CA TYR A 738 17.04 -15.98 -7.00
C TYR A 738 17.08 -17.50 -6.87
N THR A 739 17.16 -18.02 -5.65
CA THR A 739 17.03 -19.47 -5.45
C THR A 739 15.65 -19.96 -5.86
N HIS A 740 14.60 -19.20 -5.50
CA HIS A 740 13.25 -19.60 -5.86
C HIS A 740 13.03 -19.52 -7.37
N MET A 741 13.58 -18.49 -8.02
CA MET A 741 13.49 -18.40 -9.48
C MET A 741 14.22 -19.56 -10.15
N SER A 742 15.40 -19.92 -9.63
CA SER A 742 16.14 -21.07 -10.18
C SER A 742 15.36 -22.36 -9.99
N HIS A 743 14.72 -22.53 -8.83
CA HIS A 743 13.91 -23.71 -8.58
C HIS A 743 12.72 -23.79 -9.53
N PHE A 744 12.05 -22.66 -9.74
CA PHE A 744 10.91 -22.62 -10.66
C PHE A 744 11.34 -22.93 -12.08
N ILE A 745 12.47 -22.36 -12.52
CA ILE A 745 12.96 -22.60 -13.88
C ILE A 745 13.34 -24.06 -14.06
N LYS A 746 14.03 -24.64 -13.08
CA LYS A 746 14.45 -26.03 -13.18
C LYS A 746 13.25 -26.98 -13.15
N GLN A 747 12.23 -26.66 -12.35
CA GLN A 747 11.04 -27.51 -12.33
C GLN A 747 10.18 -27.32 -13.57
N CYS A 748 10.26 -26.14 -14.21
CA CYS A 748 9.52 -25.93 -15.46
C CYS A 748 10.18 -26.64 -16.62
N PHE A 749 11.51 -26.60 -16.69
CA PHE A 749 12.23 -27.21 -17.81
C PHE A 749 12.52 -28.69 -17.60
N SER A 750 12.21 -29.23 -16.41
CA SER A 750 12.51 -30.61 -16.04
C SER A 750 14.00 -30.93 -16.20
N LEU A 751 14.85 -29.98 -15.83
CA LEU A 751 16.28 -30.17 -15.98
C LEU A 751 16.79 -31.16 -14.94
N PRO A 752 17.74 -32.04 -15.31
CA PRO A 752 18.30 -33.03 -14.38
C PRO A 752 19.14 -32.40 -13.28
N SER B 25 -15.16 -50.80 -10.90
CA SER B 25 -14.66 -49.57 -10.31
C SER B 25 -15.52 -48.38 -10.75
N ARG B 26 -16.49 -48.02 -9.92
CA ARG B 26 -17.36 -46.89 -10.21
C ARG B 26 -16.65 -45.57 -9.92
N LYS B 27 -17.36 -44.47 -10.15
CA LYS B 27 -16.81 -43.13 -9.98
C LYS B 27 -16.54 -42.84 -8.52
N THR B 28 -15.70 -41.84 -8.25
CA THR B 28 -15.29 -41.48 -6.90
C THR B 28 -15.70 -40.05 -6.59
N TYR B 29 -15.49 -39.66 -5.33
CA TYR B 29 -15.75 -38.29 -4.90
C TYR B 29 -14.62 -37.40 -5.42
N THR B 30 -14.84 -36.77 -6.57
CA THR B 30 -13.82 -35.96 -7.20
C THR B 30 -13.73 -34.59 -6.53
N LEU B 31 -12.69 -33.84 -6.91
CA LEU B 31 -12.52 -32.49 -6.39
C LEU B 31 -13.62 -31.56 -6.88
N THR B 32 -14.01 -31.71 -8.14
CA THR B 32 -15.08 -30.86 -8.68
C THR B 32 -16.43 -31.16 -8.04
N ASP B 33 -16.62 -32.39 -7.53
CA ASP B 33 -17.84 -32.71 -6.80
C ASP B 33 -17.93 -31.92 -5.50
N TYR B 34 -16.81 -31.76 -4.80
CA TYR B 34 -16.80 -30.96 -3.58
C TYR B 34 -16.88 -29.48 -3.89
N LEU B 35 -16.17 -29.02 -4.93
CA LEU B 35 -16.10 -27.59 -5.22
C LEU B 35 -17.43 -27.08 -5.78
N LYS B 36 -18.07 -27.86 -6.64
CA LYS B 36 -19.33 -27.43 -7.25
C LYS B 36 -20.55 -27.84 -6.43
N ASN B 37 -20.35 -28.56 -5.33
CA ASN B 37 -21.42 -28.99 -4.41
C ASN B 37 -22.47 -29.83 -5.14
N THR B 38 -22.01 -30.87 -5.82
CA THR B 38 -22.93 -31.75 -6.54
C THR B 38 -23.78 -32.58 -5.58
N TYR B 39 -23.17 -33.09 -4.52
CA TYR B 39 -23.89 -33.87 -3.51
C TYR B 39 -24.23 -32.95 -2.36
N ARG B 40 -25.49 -32.52 -2.30
CA ARG B 40 -25.94 -31.52 -1.34
C ARG B 40 -26.65 -32.19 -0.18
N LEU B 41 -26.22 -31.87 1.03
CA LEU B 41 -26.89 -32.36 2.23
C LEU B 41 -28.16 -31.55 2.44
N LYS B 42 -29.31 -32.23 2.40
CA LYS B 42 -30.58 -31.53 2.53
C LYS B 42 -30.81 -31.13 3.98
N LEU B 43 -31.19 -29.87 4.19
CA LEU B 43 -31.37 -29.29 5.51
C LEU B 43 -32.85 -28.99 5.73
N TYR B 44 -33.37 -29.40 6.87
CA TYR B 44 -34.74 -29.11 7.28
C TYR B 44 -34.68 -28.12 8.43
N SER B 45 -34.67 -26.83 8.09
CA SER B 45 -34.59 -25.76 9.08
C SER B 45 -35.97 -25.19 9.32
N LEU B 46 -36.38 -25.19 10.59
CA LEU B 46 -37.71 -24.70 10.96
C LEU B 46 -37.59 -23.77 12.14
N ARG B 47 -38.58 -22.90 12.29
CA ARG B 47 -38.66 -21.95 13.40
C ARG B 47 -40.05 -22.06 14.01
N TRP B 48 -40.10 -22.29 15.32
CA TRP B 48 -41.37 -22.37 16.01
C TRP B 48 -41.90 -20.97 16.27
N ILE B 49 -43.15 -20.70 15.84
CA ILE B 49 -43.82 -19.45 16.17
C ILE B 49 -44.78 -19.62 17.34
N SER B 50 -45.08 -20.86 17.74
CA SER B 50 -46.03 -21.12 18.80
C SER B 50 -45.76 -22.51 19.36
N ASP B 51 -46.57 -22.89 20.34
CA ASP B 51 -46.48 -24.25 20.88
C ASP B 51 -46.84 -25.29 19.84
N HIS B 52 -47.87 -25.01 19.03
CA HIS B 52 -48.40 -26.03 18.13
C HIS B 52 -47.62 -26.10 16.83
N GLU B 53 -47.23 -24.96 16.27
CA GLU B 53 -46.89 -24.87 14.86
C GLU B 53 -45.44 -24.43 14.68
N TYR B 54 -44.98 -24.52 13.43
CA TYR B 54 -43.67 -24.05 13.01
C TYR B 54 -43.73 -23.70 11.53
N LEU B 55 -42.73 -22.98 11.05
CA LEU B 55 -42.67 -22.52 9.68
C LEU B 55 -41.49 -23.15 8.97
N TYR B 56 -41.72 -23.69 7.78
CA TYR B 56 -40.69 -24.26 6.93
C TYR B 56 -40.78 -23.62 5.55
N LYS B 57 -39.73 -22.92 5.14
CA LYS B 57 -39.70 -22.28 3.85
C LYS B 57 -39.30 -23.30 2.78
N GLN B 58 -40.19 -23.50 1.79
CA GLN B 58 -39.91 -24.40 0.69
C GLN B 58 -40.45 -23.80 -0.60
N GLU B 59 -39.66 -23.94 -1.68
CA GLU B 59 -39.98 -23.43 -3.01
C GLU B 59 -40.31 -21.94 -2.99
N ASN B 60 -39.52 -21.19 -2.20
CA ASN B 60 -39.68 -19.75 -2.00
C ASN B 60 -41.08 -19.40 -1.47
N ASN B 61 -41.66 -20.28 -0.66
CA ASN B 61 -42.96 -20.06 -0.05
C ASN B 61 -42.88 -20.40 1.42
N ILE B 62 -43.62 -19.65 2.23
CA ILE B 62 -43.66 -19.84 3.67
C ILE B 62 -44.93 -20.63 4.01
N LEU B 63 -44.76 -21.72 4.75
CA LEU B 63 -45.85 -22.64 5.05
C LEU B 63 -45.94 -22.86 6.55
N VAL B 64 -47.17 -22.90 7.07
CA VAL B 64 -47.38 -23.25 8.47
C VAL B 64 -47.65 -24.74 8.58
N PHE B 65 -46.93 -25.39 9.49
CA PHE B 65 -47.07 -26.83 9.73
C PHE B 65 -47.59 -27.05 11.14
N ASN B 66 -48.68 -27.79 11.27
CA ASN B 66 -49.20 -28.17 12.58
C ASN B 66 -48.56 -29.50 12.96
N ALA B 67 -47.79 -29.48 14.05
CA ALA B 67 -46.93 -30.61 14.39
C ALA B 67 -47.71 -31.87 14.78
N GLU B 68 -48.96 -31.73 15.20
CA GLU B 68 -49.73 -32.90 15.63
C GLU B 68 -50.15 -33.77 14.44
N TYR B 69 -50.70 -33.16 13.39
CA TYR B 69 -51.39 -33.91 12.34
C TYR B 69 -50.80 -33.67 10.95
N GLY B 70 -49.60 -33.10 10.85
CA GLY B 70 -49.09 -32.75 9.54
C GLY B 70 -49.58 -31.38 9.13
N ASN B 71 -50.67 -31.34 8.35
CA ASN B 71 -51.50 -30.14 8.16
C ASN B 71 -50.71 -28.98 7.55
N SER B 72 -50.22 -29.20 6.34
CA SER B 72 -49.39 -28.21 5.65
C SER B 72 -50.27 -27.07 5.16
N SER B 73 -50.31 -25.98 5.93
CA SER B 73 -51.04 -24.79 5.53
C SER B 73 -50.11 -23.89 4.72
N VAL B 74 -50.55 -22.65 4.45
CA VAL B 74 -49.76 -21.69 3.70
C VAL B 74 -49.73 -20.37 4.48
N PHE B 75 -48.59 -19.70 4.45
CA PHE B 75 -48.40 -18.42 5.13
C PHE B 75 -48.12 -17.29 4.17
N LEU B 76 -47.16 -17.46 3.27
CA LEU B 76 -46.85 -16.45 2.27
C LEU B 76 -46.68 -17.14 0.92
N GLU B 77 -46.96 -16.40 -0.14
CA GLU B 77 -46.91 -16.91 -1.50
C GLU B 77 -45.79 -16.23 -2.27
N ASN B 78 -45.69 -16.58 -3.56
CA ASN B 78 -44.69 -15.98 -4.43
C ASN B 78 -45.04 -14.55 -4.83
N SER B 79 -46.31 -14.16 -4.70
CA SER B 79 -46.77 -12.86 -5.18
C SER B 79 -46.13 -11.71 -4.41
N THR B 80 -46.01 -11.86 -3.09
CA THR B 80 -45.35 -10.86 -2.26
C THR B 80 -43.87 -10.73 -2.64
N PHE B 81 -43.24 -11.86 -2.99
CA PHE B 81 -41.82 -11.81 -3.32
C PHE B 81 -41.57 -11.15 -4.67
N ASP B 82 -42.35 -11.49 -5.70
CA ASP B 82 -42.01 -10.93 -7.01
C ASP B 82 -42.66 -9.57 -7.23
N GLU B 83 -43.60 -9.15 -6.37
CA GLU B 83 -44.17 -7.82 -6.55
C GLU B 83 -43.21 -6.70 -6.17
N PHE B 84 -42.19 -6.99 -5.37
CA PHE B 84 -41.20 -5.98 -5.00
C PHE B 84 -40.11 -5.90 -6.06
N GLY B 85 -39.40 -4.77 -6.06
CA GLY B 85 -38.38 -4.49 -7.04
C GLY B 85 -37.00 -4.98 -6.72
N HIS B 86 -36.82 -5.73 -5.63
CA HIS B 86 -35.49 -6.21 -5.24
C HIS B 86 -35.62 -7.60 -4.64
N SER B 87 -34.51 -8.33 -4.69
CA SER B 87 -34.47 -9.68 -4.16
C SER B 87 -34.39 -9.66 -2.65
N ILE B 88 -35.04 -10.64 -2.01
CA ILE B 88 -35.09 -10.76 -0.56
C ILE B 88 -34.44 -12.07 -0.18
N ASN B 89 -33.44 -12.01 0.69
CA ASN B 89 -32.69 -13.20 1.09
C ASN B 89 -33.17 -13.80 2.41
N ASP B 90 -33.59 -12.98 3.36
CA ASP B 90 -34.01 -13.45 4.66
C ASP B 90 -35.30 -12.76 5.09
N TYR B 91 -36.07 -13.46 5.93
CA TYR B 91 -37.33 -12.96 6.43
C TYR B 91 -37.34 -13.09 7.95
N SER B 92 -38.19 -12.28 8.59
CA SER B 92 -38.41 -12.36 10.02
C SER B 92 -39.89 -12.24 10.29
N ILE B 93 -40.39 -13.02 11.24
CA ILE B 93 -41.81 -13.10 11.56
C ILE B 93 -42.05 -12.45 12.91
N SER B 94 -43.03 -11.56 12.98
CA SER B 94 -43.48 -11.05 14.27
C SER B 94 -44.12 -12.19 15.07
N PRO B 95 -43.91 -12.22 16.38
CA PRO B 95 -44.44 -13.35 17.18
C PRO B 95 -45.96 -13.47 17.17
N ASP B 96 -46.69 -12.35 17.08
CA ASP B 96 -48.14 -12.44 16.96
C ASP B 96 -48.58 -12.82 15.55
N GLY B 97 -47.68 -12.79 14.57
CA GLY B 97 -48.00 -13.20 13.23
C GLY B 97 -48.65 -12.16 12.36
N GLN B 98 -48.77 -10.92 12.83
CA GLN B 98 -49.42 -9.88 12.07
C GLN B 98 -48.49 -9.13 11.12
N PHE B 99 -47.17 -9.31 11.25
CA PHE B 99 -46.22 -8.59 10.42
C PHE B 99 -45.06 -9.50 10.04
N ILE B 100 -44.48 -9.20 8.88
CA ILE B 100 -43.29 -9.90 8.40
C ILE B 100 -42.24 -8.85 8.05
N LEU B 101 -41.00 -9.09 8.48
CA LEU B 101 -39.88 -8.18 8.24
C LEU B 101 -39.04 -8.75 7.11
N LEU B 102 -38.83 -7.94 6.08
CA LEU B 102 -38.10 -8.36 4.89
C LEU B 102 -36.75 -7.66 4.84
N GLU B 103 -35.70 -8.42 4.53
CA GLU B 103 -34.34 -7.93 4.51
C GLU B 103 -33.79 -8.01 3.09
N TYR B 104 -33.25 -6.89 2.61
CA TYR B 104 -32.61 -6.85 1.30
C TYR B 104 -31.39 -5.93 1.38
N ASN B 105 -30.63 -5.90 0.28
CA ASN B 105 -29.37 -5.18 0.18
C ASN B 105 -28.38 -5.62 1.26
N TYR B 106 -28.05 -6.91 1.23
CA TYR B 106 -27.17 -7.51 2.22
C TYR B 106 -25.73 -7.14 1.92
N VAL B 107 -25.07 -6.48 2.86
CA VAL B 107 -23.65 -6.16 2.77
C VAL B 107 -22.99 -6.69 4.03
N LYS B 108 -22.22 -7.78 3.90
CA LYS B 108 -21.56 -8.39 5.02
C LYS B 108 -20.31 -7.60 5.41
N GLN B 109 -20.12 -7.40 6.70
CA GLN B 109 -18.94 -6.72 7.23
C GLN B 109 -17.98 -7.68 7.93
N TRP B 110 -18.46 -8.41 8.93
CA TRP B 110 -17.63 -9.38 9.64
C TRP B 110 -18.30 -10.75 9.63
N ARG B 111 -17.82 -11.66 10.48
CA ARG B 111 -18.38 -13.01 10.54
C ARG B 111 -19.85 -12.99 10.92
N HIS B 112 -20.22 -12.18 11.91
CA HIS B 112 -21.61 -12.09 12.35
C HIS B 112 -22.24 -10.74 12.05
N SER B 113 -21.45 -9.69 11.91
CA SER B 113 -22.00 -8.37 11.66
C SER B 113 -22.36 -8.21 10.18
N TYR B 114 -23.40 -7.43 9.93
CA TYR B 114 -23.85 -7.14 8.58
C TYR B 114 -24.61 -5.82 8.60
N THR B 115 -24.85 -5.28 7.42
CA THR B 115 -25.73 -4.14 7.26
C THR B 115 -26.68 -4.39 6.08
N ALA B 116 -27.91 -3.89 6.20
CA ALA B 116 -28.95 -4.20 5.23
C ALA B 116 -30.05 -3.15 5.30
N SER B 117 -31.03 -3.29 4.42
CA SER B 117 -32.21 -2.44 4.39
C SER B 117 -33.44 -3.27 4.69
N TYR B 118 -34.41 -2.66 5.35
CA TYR B 118 -35.59 -3.39 5.85
C TYR B 118 -36.86 -2.64 5.49
N ASP B 119 -37.95 -3.40 5.33
CA ASP B 119 -39.28 -2.84 5.20
C ASP B 119 -40.28 -3.81 5.82
N ILE B 120 -41.32 -3.26 6.43
CA ILE B 120 -42.33 -4.06 7.12
C ILE B 120 -43.52 -4.25 6.20
N TYR B 121 -43.95 -5.51 6.05
CA TYR B 121 -45.08 -5.86 5.21
C TYR B 121 -46.20 -6.38 6.10
N ASP B 122 -47.32 -5.66 6.14
CA ASP B 122 -48.45 -6.09 6.94
C ASP B 122 -49.15 -7.28 6.30
N LEU B 123 -49.62 -8.20 7.13
CA LEU B 123 -50.34 -9.37 6.65
C LEU B 123 -51.85 -9.26 6.83
N ASN B 124 -52.31 -8.50 7.83
CA ASN B 124 -53.75 -8.32 8.00
C ASN B 124 -54.34 -7.48 6.87
N LYS B 125 -53.66 -6.41 6.48
CA LYS B 125 -54.09 -5.59 5.35
C LYS B 125 -53.50 -6.04 4.02
N ARG B 126 -52.54 -6.97 4.04
CA ARG B 126 -51.84 -7.47 2.85
C ARG B 126 -51.22 -6.32 2.05
N GLN B 127 -50.64 -5.35 2.75
CA GLN B 127 -50.04 -4.19 2.11
C GLN B 127 -48.71 -3.88 2.78
N LEU B 128 -47.83 -3.20 2.03
CA LEU B 128 -46.53 -2.81 2.52
C LEU B 128 -46.62 -1.49 3.26
N ILE B 129 -46.01 -1.43 4.44
CA ILE B 129 -46.01 -0.21 5.25
C ILE B 129 -45.06 0.79 4.62
N THR B 130 -45.55 2.00 4.38
CA THR B 130 -44.77 3.03 3.70
C THR B 130 -44.46 4.24 4.58
N GLU B 131 -44.97 4.27 5.81
CA GLU B 131 -44.78 5.41 6.70
C GLU B 131 -43.73 5.06 7.75
N GLU B 132 -42.69 5.89 7.84
CA GLU B 132 -41.59 5.75 8.80
C GLU B 132 -40.92 4.37 8.67
N ARG B 133 -40.48 4.06 7.46
CA ARG B 133 -39.81 2.81 7.20
C ARG B 133 -38.44 2.78 7.87
N ILE B 134 -37.92 1.57 8.06
CA ILE B 134 -36.60 1.37 8.68
C ILE B 134 -35.54 1.92 7.74
N PRO B 135 -34.65 2.82 8.22
CA PRO B 135 -33.69 3.47 7.33
C PRO B 135 -32.67 2.52 6.71
N ASN B 136 -32.07 2.94 5.60
CA ASN B 136 -31.06 2.14 4.94
C ASN B 136 -29.82 2.02 5.82
N ASN B 137 -29.05 0.96 5.55
CA ASN B 137 -27.83 0.62 6.28
C ASN B 137 -28.10 0.45 7.78
N THR B 138 -29.07 -0.40 8.09
CA THR B 138 -29.41 -0.70 9.47
C THR B 138 -28.60 -1.92 9.94
N GLN B 139 -27.92 -1.77 11.07
CA GLN B 139 -26.97 -2.79 11.51
C GLN B 139 -27.69 -4.02 12.07
N TRP B 140 -28.74 -3.83 12.86
CA TRP B 140 -29.39 -4.95 13.54
C TRP B 140 -30.83 -4.59 13.84
N VAL B 141 -31.77 -5.45 13.44
CA VAL B 141 -33.18 -5.30 13.78
C VAL B 141 -33.63 -6.55 14.50
N THR B 142 -34.30 -6.38 15.64
CA THR B 142 -34.83 -7.49 16.40
C THR B 142 -36.30 -7.23 16.76
N TRP B 143 -37.08 -8.30 16.78
CA TRP B 143 -38.47 -8.23 17.20
C TRP B 143 -38.59 -8.45 18.71
N SER B 144 -39.65 -7.91 19.29
CA SER B 144 -39.98 -8.22 20.68
C SER B 144 -40.46 -9.67 20.77
N PRO B 145 -40.25 -10.32 21.92
CA PRO B 145 -40.72 -11.72 22.06
C PRO B 145 -42.22 -11.87 22.00
N VAL B 146 -42.98 -10.85 22.41
CA VAL B 146 -44.43 -10.82 22.24
C VAL B 146 -44.83 -9.47 21.69
N GLY B 147 -46.02 -9.42 21.10
CA GLY B 147 -46.48 -8.17 20.51
C GLY B 147 -45.77 -7.87 19.21
N HIS B 148 -45.62 -6.58 18.90
CA HIS B 148 -44.96 -6.17 17.68
C HIS B 148 -44.02 -4.99 17.91
N LYS B 149 -43.41 -4.90 19.09
CA LYS B 149 -42.41 -3.87 19.33
C LYS B 149 -41.15 -4.16 18.52
N LEU B 150 -40.57 -3.10 17.96
CA LEU B 150 -39.42 -3.23 17.08
C LEU B 150 -38.33 -2.28 17.54
N ALA B 151 -37.13 -2.82 17.74
CA ALA B 151 -35.96 -2.03 18.11
C ALA B 151 -34.84 -2.32 17.13
N TYR B 152 -34.27 -1.27 16.55
CA TYR B 152 -33.21 -1.43 15.55
C TYR B 152 -32.08 -0.47 15.85
N VAL B 153 -30.90 -0.81 15.34
CA VAL B 153 -29.68 -0.03 15.54
C VAL B 153 -29.25 0.56 14.21
N TRP B 154 -29.26 1.90 14.13
CA TRP B 154 -28.82 2.62 12.95
C TRP B 154 -27.83 3.69 13.37
N ASN B 155 -26.65 3.70 12.72
CA ASN B 155 -25.53 4.59 13.04
C ASN B 155 -25.13 4.49 14.50
N ASN B 156 -25.10 3.25 15.01
CA ASN B 156 -24.76 2.92 16.40
C ASN B 156 -25.66 3.65 17.39
N ASP B 157 -26.93 3.79 17.03
CA ASP B 157 -27.95 4.39 17.89
C ASP B 157 -29.20 3.52 17.88
N ILE B 158 -29.88 3.47 19.02
CA ILE B 158 -30.99 2.55 19.22
C ILE B 158 -32.30 3.31 19.01
N TYR B 159 -33.14 2.80 18.13
CA TYR B 159 -34.45 3.36 17.84
C TYR B 159 -35.50 2.30 18.12
N VAL B 160 -36.55 2.69 18.84
CA VAL B 160 -37.61 1.77 19.23
C VAL B 160 -38.92 2.25 18.61
N LYS B 161 -39.60 1.35 17.90
CA LYS B 161 -40.92 1.61 17.33
C LYS B 161 -41.93 0.73 18.07
N ILE B 162 -42.93 1.37 18.68
CA ILE B 162 -44.01 0.62 19.29
C ILE B 162 -44.87 -0.03 18.21
N GLU B 163 -45.10 0.68 17.11
CA GLU B 163 -45.83 0.16 15.96
C GLU B 163 -45.01 0.36 14.70
N PRO B 164 -45.12 -0.55 13.73
CA PRO B 164 -44.36 -0.37 12.47
C PRO B 164 -44.81 0.81 11.63
N ASN B 165 -46.01 1.34 11.86
CA ASN B 165 -46.49 2.53 11.15
C ASN B 165 -46.43 3.77 12.04
N LEU B 166 -45.48 3.80 12.98
CA LEU B 166 -45.32 4.89 13.92
C LEU B 166 -43.87 5.36 13.90
N PRO B 167 -43.63 6.65 14.21
CA PRO B 167 -42.25 7.13 14.26
C PRO B 167 -41.44 6.49 15.37
N SER B 168 -40.14 6.35 15.13
CA SER B 168 -39.25 5.73 16.09
C SER B 168 -38.92 6.69 17.22
N TYR B 169 -38.50 6.11 18.35
CA TYR B 169 -38.07 6.88 19.51
C TYR B 169 -36.57 6.66 19.73
N ARG B 170 -35.82 7.76 19.80
CA ARG B 170 -34.37 7.66 20.00
C ARG B 170 -34.06 7.32 21.44
N ILE B 171 -33.18 6.35 21.65
CA ILE B 171 -32.78 5.89 22.98
C ILE B 171 -31.40 6.41 23.36
N THR B 172 -30.43 6.24 22.47
CA THR B 172 -29.05 6.65 22.73
C THR B 172 -28.64 7.78 21.80
N TRP B 173 -27.87 8.71 22.35
CA TRP B 173 -27.37 9.85 21.58
C TRP B 173 -25.85 9.88 21.49
N THR B 174 -25.16 8.87 22.02
CA THR B 174 -23.71 8.86 22.10
C THR B 174 -23.07 7.96 21.05
N GLY B 175 -23.81 7.58 20.02
CA GLY B 175 -23.26 6.70 19.00
C GLY B 175 -22.24 7.42 18.13
N LYS B 176 -21.17 6.69 17.79
CA LYS B 176 -20.10 7.24 16.97
C LYS B 176 -19.44 6.09 16.22
N GLU B 177 -19.07 6.34 14.97
CA GLU B 177 -18.48 5.29 14.14
C GLU B 177 -17.09 4.94 14.64
N ASP B 178 -16.89 3.65 14.94
CA ASP B 178 -15.62 3.06 15.40
C ASP B 178 -15.13 3.65 16.72
N ILE B 179 -16.01 4.28 17.50
CA ILE B 179 -15.63 4.82 18.80
C ILE B 179 -16.55 4.29 19.88
N ILE B 180 -17.86 4.53 19.74
CA ILE B 180 -18.85 4.11 20.73
C ILE B 180 -19.91 3.28 20.02
N TYR B 181 -20.15 2.08 20.52
CA TYR B 181 -21.15 1.18 19.97
C TYR B 181 -22.30 1.06 20.97
N ASN B 182 -23.51 1.39 20.52
CA ASN B 182 -24.70 1.32 21.36
C ASN B 182 -25.64 0.27 20.79
N GLY B 183 -25.92 -0.76 21.59
CA GLY B 183 -26.81 -1.83 21.16
C GLY B 183 -26.16 -2.87 20.28
N ILE B 184 -24.93 -2.66 19.83
CA ILE B 184 -24.19 -3.62 19.04
C ILE B 184 -22.79 -3.74 19.63
N THR B 185 -22.11 -4.82 19.26
CA THR B 185 -20.78 -5.11 19.77
C THR B 185 -19.71 -4.66 18.79
N ASP B 186 -18.52 -4.40 19.32
CA ASP B 186 -17.37 -4.11 18.48
C ASP B 186 -16.75 -5.44 18.04
N TRP B 187 -15.51 -5.39 17.52
CA TRP B 187 -14.92 -6.57 16.89
C TRP B 187 -14.62 -7.67 17.90
N VAL B 188 -13.96 -7.32 19.01
CA VAL B 188 -13.42 -8.34 19.91
C VAL B 188 -14.54 -9.06 20.65
N TYR B 189 -15.55 -8.32 21.12
CA TYR B 189 -16.67 -8.94 21.81
C TYR B 189 -17.47 -9.84 20.89
N GLU B 190 -17.71 -9.38 19.65
CA GLU B 190 -18.44 -10.18 18.68
C GLU B 190 -17.68 -11.44 18.30
N GLU B 191 -16.36 -11.33 18.18
CA GLU B 191 -15.58 -12.50 17.78
C GLU B 191 -15.45 -13.53 18.91
N GLU B 192 -15.19 -13.08 20.14
CA GLU B 192 -14.86 -14.02 21.21
C GLU B 192 -15.89 -14.05 22.33
N VAL B 193 -16.32 -12.89 22.82
CA VAL B 193 -17.07 -12.89 24.08
C VAL B 193 -18.53 -13.24 23.87
N PHE B 194 -19.21 -12.51 22.99
CA PHE B 194 -20.64 -12.69 22.80
C PHE B 194 -20.99 -13.65 21.67
N SER B 195 -20.08 -13.80 20.70
CA SER B 195 -20.28 -14.64 19.51
C SER B 195 -21.52 -14.24 18.72
N ALA B 196 -21.87 -12.96 18.75
CA ALA B 196 -23.03 -12.45 18.04
C ALA B 196 -22.86 -10.95 17.86
N TYR B 197 -23.64 -10.38 16.94
CA TYR B 197 -23.65 -8.95 16.71
C TYR B 197 -24.68 -8.22 17.56
N SER B 198 -25.54 -8.94 18.26
CA SER B 198 -26.64 -8.33 19.00
C SER B 198 -26.22 -8.09 20.45
N ALA B 199 -26.30 -6.84 20.88
CA ALA B 199 -26.17 -6.50 22.29
C ALA B 199 -27.49 -6.02 22.88
N LEU B 200 -28.60 -6.30 22.19
CA LEU B 200 -29.94 -5.94 22.67
C LEU B 200 -30.59 -7.17 23.29
N TRP B 201 -31.18 -6.99 24.46
CA TRP B 201 -31.86 -8.08 25.18
C TRP B 201 -33.21 -7.56 25.67
N TRP B 202 -34.27 -7.98 25.00
CA TRP B 202 -35.62 -7.57 25.39
C TRP B 202 -36.06 -8.24 26.68
N SER B 203 -36.99 -7.59 27.37
CA SER B 203 -37.67 -8.21 28.50
C SER B 203 -38.54 -9.37 28.01
N PRO B 204 -38.83 -10.35 28.88
CA PRO B 204 -39.64 -11.50 28.44
C PRO B 204 -41.02 -11.16 27.89
N ASN B 205 -41.63 -10.05 28.30
CA ASN B 205 -42.88 -9.61 27.68
C ASN B 205 -42.73 -8.28 26.96
N GLY B 206 -41.50 -7.89 26.63
CA GLY B 206 -41.25 -6.69 25.86
C GLY B 206 -41.56 -5.38 26.56
N THR B 207 -41.11 -5.24 27.80
CA THR B 207 -41.24 -3.98 28.54
C THR B 207 -39.92 -3.24 28.66
N PHE B 208 -38.88 -3.91 29.16
CA PHE B 208 -37.56 -3.33 29.27
C PHE B 208 -36.69 -3.77 28.10
N LEU B 209 -35.80 -2.87 27.67
CA LEU B 209 -34.79 -3.19 26.68
C LEU B 209 -33.43 -2.98 27.31
N ALA B 210 -32.67 -4.06 27.45
CA ALA B 210 -31.36 -4.03 28.08
C ALA B 210 -30.30 -4.09 27.00
N TYR B 211 -29.44 -3.08 26.96
CA TYR B 211 -28.40 -3.00 25.95
C TYR B 211 -27.06 -2.70 26.60
N ALA B 212 -25.98 -3.04 25.90
CA ALA B 212 -24.63 -2.85 26.36
C ALA B 212 -23.92 -1.84 25.47
N GLN B 213 -23.25 -0.88 26.09
CA GLN B 213 -22.54 0.19 25.38
C GLN B 213 -21.04 -0.05 25.49
N PHE B 214 -20.35 -0.04 24.34
CA PHE B 214 -18.93 -0.32 24.28
C PHE B 214 -18.17 0.94 23.91
N ASN B 215 -17.09 1.21 24.65
CA ASN B 215 -16.24 2.37 24.42
C ASN B 215 -14.94 1.90 23.77
N ASP B 216 -14.59 2.52 22.65
CA ASP B 216 -13.34 2.25 21.92
C ASP B 216 -12.65 3.59 21.66
N THR B 217 -11.89 4.05 22.64
CA THR B 217 -11.15 5.30 22.50
C THR B 217 -9.65 5.12 22.66
N GLU B 218 -9.21 4.33 23.63
CA GLU B 218 -7.80 4.03 23.81
C GLU B 218 -7.38 2.73 23.14
N VAL B 219 -8.29 2.06 22.45
CA VAL B 219 -7.98 0.79 21.80
C VAL B 219 -7.18 1.06 20.54
N PRO B 220 -5.97 0.52 20.42
CA PRO B 220 -5.16 0.75 19.21
C PRO B 220 -5.77 0.08 17.99
N LEU B 221 -5.50 0.66 16.83
CA LEU B 221 -6.13 0.28 15.58
C LEU B 221 -5.19 -0.53 14.71
N ILE B 222 -5.74 -1.48 13.97
CA ILE B 222 -5.01 -2.24 12.97
C ILE B 222 -5.30 -1.65 11.60
N GLU B 223 -4.28 -1.59 10.74
CA GLU B 223 -4.39 -0.99 9.43
C GLU B 223 -3.87 -1.96 8.38
N TYR B 224 -4.77 -2.47 7.55
CA TYR B 224 -4.41 -3.30 6.41
C TYR B 224 -5.05 -2.74 5.16
N SER B 225 -4.31 -2.77 4.06
CA SER B 225 -4.79 -2.21 2.80
C SER B 225 -5.87 -3.10 2.20
N PHE B 226 -6.78 -2.47 1.46
CA PHE B 226 -7.91 -3.14 0.82
C PHE B 226 -7.88 -2.81 -0.67
N TYR B 227 -7.44 -3.76 -1.48
CA TYR B 227 -7.38 -3.58 -2.93
C TYR B 227 -8.71 -4.00 -3.54
N SER B 228 -9.52 -3.01 -3.92
CA SER B 228 -10.85 -3.25 -4.49
C SER B 228 -10.74 -3.55 -5.98
N ASP B 229 -11.86 -3.44 -6.69
CA ASP B 229 -11.92 -3.69 -8.13
C ASP B 229 -10.97 -2.79 -8.91
N GLU B 230 -10.78 -3.13 -10.19
CA GLU B 230 -9.72 -2.53 -11.00
C GLU B 230 -9.97 -1.05 -11.26
N SER B 231 -11.21 -0.59 -11.11
CA SER B 231 -11.50 0.83 -11.28
C SER B 231 -10.84 1.68 -10.20
N LEU B 232 -10.82 1.19 -8.96
CA LEU B 232 -10.19 1.91 -7.87
C LEU B 232 -8.67 1.91 -8.03
N GLN B 233 -8.11 3.09 -8.30
CA GLN B 233 -6.68 3.22 -8.53
C GLN B 233 -5.89 3.52 -7.26
N TYR B 234 -6.56 3.76 -6.14
CA TYR B 234 -5.87 4.01 -4.87
C TYR B 234 -6.44 3.06 -3.82
N PRO B 235 -5.64 2.17 -3.25
CA PRO B 235 -6.18 1.19 -2.28
C PRO B 235 -6.60 1.88 -0.98
N LYS B 236 -7.79 1.52 -0.51
CA LYS B 236 -8.28 2.03 0.76
C LYS B 236 -7.56 1.36 1.92
N THR B 237 -7.56 2.03 3.06
CA THR B 237 -6.98 1.51 4.29
C THR B 237 -8.11 1.21 5.27
N VAL B 238 -8.13 -0.02 5.77
CA VAL B 238 -9.18 -0.46 6.69
C VAL B 238 -8.70 -0.21 8.11
N ARG B 239 -9.44 0.61 8.85
CA ARG B 239 -9.10 0.98 10.22
C ARG B 239 -10.04 0.26 11.16
N VAL B 240 -9.51 -0.68 11.94
CA VAL B 240 -10.32 -1.50 12.84
C VAL B 240 -9.74 -1.43 14.25
N PRO B 241 -10.54 -1.07 15.26
CA PRO B 241 -10.05 -1.14 16.65
C PRO B 241 -9.84 -2.58 17.07
N TYR B 242 -8.56 -2.97 17.20
CA TYR B 242 -8.19 -4.36 17.45
C TYR B 242 -7.29 -4.41 18.69
N PRO B 243 -7.82 -4.81 19.83
CA PRO B 243 -7.00 -4.93 21.04
C PRO B 243 -6.14 -6.19 20.99
N LYS B 244 -4.84 -6.02 20.78
CA LYS B 244 -3.93 -7.14 20.76
C LYS B 244 -3.56 -7.53 22.20
N ALA B 245 -2.72 -8.55 22.33
CA ALA B 245 -2.38 -9.10 23.64
C ALA B 245 -1.54 -8.11 24.43
N GLY B 246 -1.99 -7.79 25.64
CA GLY B 246 -1.31 -6.83 26.48
C GLY B 246 -1.65 -5.39 26.21
N ALA B 247 -2.55 -5.11 25.27
CA ALA B 247 -2.90 -3.74 24.93
C ALA B 247 -4.14 -3.31 25.71
N VAL B 248 -4.67 -2.13 25.39
CA VAL B 248 -5.86 -1.62 26.04
C VAL B 248 -7.06 -2.38 25.47
N ASN B 249 -8.10 -2.53 26.26
CA ASN B 249 -9.29 -3.30 25.92
C ASN B 249 -10.48 -2.37 25.95
N PRO B 250 -11.55 -2.70 25.20
CA PRO B 250 -12.77 -1.90 25.27
C PRO B 250 -13.42 -1.99 26.64
N THR B 251 -14.09 -0.91 27.04
CA THR B 251 -14.81 -0.87 28.30
C THR B 251 -16.30 -1.01 28.00
N VAL B 252 -16.96 -1.92 28.73
CA VAL B 252 -18.36 -2.23 28.50
C VAL B 252 -19.19 -1.61 29.63
N LYS B 253 -20.27 -0.94 29.24
CA LYS B 253 -21.28 -0.46 30.16
C LYS B 253 -22.57 -1.24 29.91
N PHE B 254 -23.48 -1.16 30.87
CA PHE B 254 -24.79 -1.81 30.74
C PHE B 254 -25.88 -0.80 31.04
N PHE B 255 -27.00 -0.91 30.32
CA PHE B 255 -28.11 0.01 30.49
C PHE B 255 -29.42 -0.77 30.34
N VAL B 256 -30.47 -0.26 30.98
CA VAL B 256 -31.82 -0.78 30.83
C VAL B 256 -32.76 0.41 30.62
N VAL B 257 -33.52 0.38 29.52
CA VAL B 257 -34.47 1.42 29.22
C VAL B 257 -35.88 0.84 29.32
N ASN B 258 -36.86 1.70 29.58
CA ASN B 258 -38.25 1.31 29.71
C ASN B 258 -39.00 1.71 28.46
N THR B 259 -39.50 0.73 27.72
CA THR B 259 -40.24 0.99 26.49
C THR B 259 -41.70 1.35 26.73
N ASP B 260 -42.21 1.10 27.94
CA ASP B 260 -43.62 1.38 28.21
C ASP B 260 -43.86 2.87 28.40
N SER B 261 -42.91 3.59 28.97
CA SER B 261 -43.02 5.02 29.22
C SER B 261 -42.35 5.86 28.15
N LEU B 262 -42.36 5.37 26.90
CA LEU B 262 -41.73 6.09 25.79
C LEU B 262 -42.65 7.21 25.32
N SER B 263 -42.13 8.44 25.32
CA SER B 263 -42.87 9.60 24.83
C SER B 263 -41.97 10.41 23.91
N SER B 264 -42.55 10.96 22.85
CA SER B 264 -41.77 11.73 21.89
C SER B 264 -41.44 13.13 22.39
N VAL B 265 -42.17 13.62 23.40
CA VAL B 265 -41.96 15.00 23.87
C VAL B 265 -40.72 15.16 24.73
N THR B 266 -40.14 14.06 25.21
CA THR B 266 -38.94 14.13 26.04
C THR B 266 -38.01 12.98 25.67
N ASN B 267 -36.75 13.12 26.08
CA ASN B 267 -35.74 12.10 25.83
C ASN B 267 -35.97 10.89 26.72
N ALA B 268 -35.77 9.71 26.16
CA ALA B 268 -35.80 8.50 26.95
C ALA B 268 -34.52 8.39 27.77
N THR B 269 -34.64 7.84 28.97
CA THR B 269 -33.51 7.71 29.88
C THR B 269 -33.32 6.25 30.26
N SER B 270 -32.08 5.90 30.57
CA SER B 270 -31.70 4.55 30.93
C SER B 270 -30.89 4.58 32.22
N ILE B 271 -30.92 3.46 32.93
CA ILE B 271 -30.28 3.34 34.25
C ILE B 271 -29.13 2.36 34.11
N GLN B 272 -27.93 2.80 34.47
CA GLN B 272 -26.73 2.02 34.26
C GLN B 272 -26.53 1.05 35.42
N ILE B 273 -26.67 -0.24 35.15
CA ILE B 273 -26.37 -1.26 36.14
C ILE B 273 -24.86 -1.44 36.21
N THR B 274 -24.26 -1.05 37.32
CA THR B 274 -22.82 -1.09 37.46
C THR B 274 -22.33 -2.50 37.76
N ALA B 275 -21.03 -2.70 37.57
CA ALA B 275 -20.39 -3.97 37.87
C ALA B 275 -20.35 -4.19 39.38
N PRO B 276 -20.22 -5.43 39.83
CA PRO B 276 -20.00 -5.67 41.27
C PRO B 276 -18.69 -5.07 41.75
N ALA B 277 -18.62 -4.85 43.06
CA ALA B 277 -17.46 -4.19 43.66
C ALA B 277 -16.19 -5.01 43.51
N SER B 278 -16.31 -6.33 43.35
CA SER B 278 -15.16 -7.18 43.09
C SER B 278 -14.67 -7.11 41.65
N MET B 279 -15.42 -6.46 40.75
CA MET B 279 -15.05 -6.36 39.35
C MET B 279 -14.48 -4.99 38.98
N LEU B 280 -14.83 -3.94 39.72
CA LEU B 280 -14.39 -2.60 39.41
C LEU B 280 -12.95 -2.32 39.84
N ILE B 281 -12.32 -3.23 40.57
CA ILE B 281 -10.94 -3.02 40.99
C ILE B 281 -9.99 -3.15 39.79
N GLY B 282 -10.32 -4.02 38.85
CA GLY B 282 -9.50 -4.19 37.66
C GLY B 282 -10.30 -4.19 36.38
N ASP B 283 -9.69 -4.63 35.28
CA ASP B 283 -10.38 -4.72 34.00
C ASP B 283 -11.35 -5.89 34.02
N HIS B 284 -12.53 -5.68 33.43
CA HIS B 284 -13.60 -6.67 33.49
C HIS B 284 -14.26 -6.79 32.12
N TYR B 285 -14.97 -7.91 31.93
CA TYR B 285 -15.76 -8.15 30.73
C TYR B 285 -17.22 -8.32 31.12
N LEU B 286 -18.08 -8.38 30.10
CA LEU B 286 -19.49 -8.71 30.25
C LEU B 286 -19.75 -9.87 29.31
N CYS B 287 -19.83 -11.08 29.87
CA CYS B 287 -19.87 -12.28 29.03
C CYS B 287 -21.27 -12.78 28.74
N ASP B 288 -22.22 -12.61 29.64
CA ASP B 288 -23.53 -13.23 29.47
C ASP B 288 -24.60 -12.38 30.11
N VAL B 289 -25.70 -12.19 29.39
CA VAL B 289 -26.86 -11.46 29.88
C VAL B 289 -28.08 -12.34 29.67
N THR B 290 -28.87 -12.53 30.73
CA THR B 290 -30.05 -13.39 30.66
C THR B 290 -31.12 -12.81 31.56
N TRP B 291 -32.30 -12.58 31.00
CA TRP B 291 -33.44 -12.11 31.78
C TRP B 291 -33.98 -13.27 32.61
N ALA B 292 -33.85 -13.16 33.94
CA ALA B 292 -34.18 -14.29 34.80
C ALA B 292 -35.68 -14.45 34.95
N THR B 293 -36.36 -13.40 35.37
CA THR B 293 -37.81 -13.43 35.55
C THR B 293 -38.36 -12.16 34.91
N GLN B 294 -39.64 -11.88 35.16
CA GLN B 294 -40.34 -10.83 34.45
C GLN B 294 -39.76 -9.45 34.77
N GLU B 295 -39.24 -9.26 35.99
CA GLU B 295 -38.75 -7.96 36.43
C GLU B 295 -37.32 -8.01 36.96
N ARG B 296 -36.56 -9.07 36.71
CA ARG B 296 -35.19 -9.14 37.19
C ARG B 296 -34.30 -9.70 36.09
N ILE B 297 -33.02 -9.32 36.12
CA ILE B 297 -32.05 -9.71 35.12
C ILE B 297 -30.84 -10.30 35.84
N SER B 298 -30.08 -11.11 35.11
CA SER B 298 -28.92 -11.81 35.67
C SER B 298 -27.71 -11.53 34.78
N LEU B 299 -26.89 -10.57 35.16
CA LEU B 299 -25.68 -10.24 34.43
C LEU B 299 -24.54 -11.14 34.90
N GLN B 300 -23.63 -11.43 33.97
CA GLN B 300 -22.49 -12.29 34.25
C GLN B 300 -21.23 -11.57 33.81
N TRP B 301 -20.37 -11.21 34.76
CA TRP B 301 -19.15 -10.48 34.48
C TRP B 301 -17.94 -11.41 34.61
N LEU B 302 -16.88 -11.07 33.89
CA LEU B 302 -15.66 -11.86 33.87
C LEU B 302 -14.46 -10.92 33.96
N ARG B 303 -13.48 -11.31 34.78
CA ARG B 303 -12.26 -10.52 34.95
C ARG B 303 -11.37 -10.62 33.71
N ARG B 304 -10.47 -9.66 33.55
CA ARG B 304 -9.48 -9.71 32.48
C ARG B 304 -8.58 -10.92 32.63
N ILE B 305 -8.09 -11.18 33.84
CA ILE B 305 -7.44 -12.44 34.15
C ILE B 305 -8.56 -13.46 34.28
N GLN B 306 -8.80 -14.22 33.21
CA GLN B 306 -10.05 -14.97 33.05
C GLN B 306 -10.03 -16.26 33.86
N ASN B 307 -10.00 -16.10 35.19
CA ASN B 307 -10.20 -17.23 36.08
C ASN B 307 -11.08 -16.85 37.27
N TYR B 308 -11.85 -15.78 37.18
CA TYR B 308 -12.70 -15.34 38.28
C TYR B 308 -13.90 -14.64 37.68
N SER B 309 -15.07 -15.27 37.78
CA SER B 309 -16.31 -14.73 37.24
C SER B 309 -17.35 -14.65 38.34
N VAL B 310 -18.10 -13.54 38.38
CA VAL B 310 -19.17 -13.35 39.34
C VAL B 310 -20.44 -13.00 38.56
N MET B 311 -21.52 -13.71 38.84
CA MET B 311 -22.82 -13.42 38.26
C MET B 311 -23.59 -12.48 39.19
N ASP B 312 -24.06 -11.38 38.65
CA ASP B 312 -24.78 -10.37 39.42
C ASP B 312 -26.25 -10.40 39.01
N ILE B 313 -27.13 -10.58 39.99
CA ILE B 313 -28.57 -10.64 39.76
C ILE B 313 -29.19 -9.39 40.36
N CYS B 314 -29.93 -8.64 39.54
CA CYS B 314 -30.48 -7.36 39.94
C CYS B 314 -31.99 -7.36 39.77
N ASP B 315 -32.67 -6.75 40.74
CA ASP B 315 -34.14 -6.69 40.76
C ASP B 315 -34.59 -5.26 40.49
N TYR B 316 -35.68 -5.14 39.73
CA TYR B 316 -36.24 -3.82 39.46
C TYR B 316 -36.95 -3.29 40.70
N ASP B 317 -36.67 -2.04 41.05
CA ASP B 317 -37.26 -1.39 42.22
C ASP B 317 -38.35 -0.46 41.75
N GLU B 318 -39.60 -0.77 42.08
CA GLU B 318 -40.72 0.07 41.66
C GLU B 318 -40.73 1.39 42.44
N SER B 319 -40.33 1.35 43.71
CA SER B 319 -40.40 2.55 44.54
C SER B 319 -39.39 3.60 44.12
N SER B 320 -38.15 3.18 43.83
CA SER B 320 -37.11 4.12 43.42
C SER B 320 -37.01 4.30 41.92
N GLY B 321 -37.53 3.35 41.14
CA GLY B 321 -37.43 3.41 39.69
C GLY B 321 -36.13 2.94 39.11
N ARG B 322 -35.20 2.47 39.94
CA ARG B 322 -33.87 2.06 39.52
C ARG B 322 -33.71 0.54 39.68
N TRP B 323 -32.50 0.07 39.41
CA TRP B 323 -32.17 -1.36 39.53
C TRP B 323 -31.16 -1.53 40.66
N ASN B 324 -31.50 -2.38 41.63
CA ASN B 324 -30.63 -2.68 42.76
C ASN B 324 -30.16 -4.13 42.66
N CYS B 325 -28.91 -4.36 43.05
CA CYS B 325 -28.32 -5.70 43.04
C CYS B 325 -27.77 -5.99 44.43
N LEU B 326 -28.10 -7.17 44.96
CA LEU B 326 -27.72 -7.54 46.31
C LEU B 326 -26.41 -8.31 46.30
N VAL B 327 -25.63 -8.13 47.38
CA VAL B 327 -24.35 -8.81 47.52
C VAL B 327 -24.57 -10.30 47.72
N ALA B 328 -25.57 -10.67 48.53
CA ALA B 328 -25.86 -12.08 48.78
C ALA B 328 -26.38 -12.80 47.55
N ARG B 329 -26.95 -12.07 46.58
CA ARG B 329 -27.40 -12.67 45.33
C ARG B 329 -26.26 -12.98 44.38
N GLN B 330 -25.07 -12.43 44.62
CA GLN B 330 -23.94 -12.66 43.74
C GLN B 330 -23.41 -14.08 43.90
N HIS B 331 -23.08 -14.72 42.78
CA HIS B 331 -22.52 -16.06 42.76
C HIS B 331 -21.17 -16.03 42.05
N ILE B 332 -20.18 -16.66 42.67
CA ILE B 332 -18.78 -16.57 42.25
C ILE B 332 -18.35 -17.93 41.71
N GLU B 333 -17.84 -17.94 40.47
CA GLU B 333 -17.25 -19.12 39.87
C GLU B 333 -15.74 -18.91 39.81
N MET B 334 -14.98 -19.93 40.23
CA MET B 334 -13.54 -19.84 40.32
C MET B 334 -12.90 -21.05 39.66
N SER B 335 -11.68 -20.86 39.15
CA SER B 335 -10.91 -21.94 38.54
C SER B 335 -9.45 -21.75 38.93
N THR B 336 -8.97 -22.58 39.87
CA THR B 336 -7.59 -22.47 40.31
C THR B 336 -6.63 -23.03 39.27
N THR B 337 -6.98 -24.16 38.64
CA THR B 337 -6.06 -24.84 37.73
C THR B 337 -5.94 -24.13 36.39
N GLY B 338 -6.92 -23.33 35.99
CA GLY B 338 -6.88 -22.66 34.70
C GLY B 338 -7.96 -21.63 34.53
N TRP B 339 -8.51 -21.54 33.32
CA TRP B 339 -9.55 -20.57 33.03
C TRP B 339 -10.92 -21.10 33.41
N VAL B 340 -11.91 -20.22 33.42
CA VAL B 340 -13.27 -20.55 33.82
C VAL B 340 -14.10 -20.80 32.56
N GLY B 341 -14.90 -21.88 32.59
CA GLY B 341 -15.76 -22.22 31.48
C GLY B 341 -15.01 -22.87 30.34
N ARG B 342 -15.77 -23.23 29.30
CA ARG B 342 -15.19 -23.83 28.11
C ARG B 342 -14.59 -22.76 27.21
N PHE B 343 -15.44 -21.85 26.73
CA PHE B 343 -15.01 -20.62 26.06
C PHE B 343 -15.42 -19.40 26.86
N ARG B 344 -16.69 -19.34 27.23
CA ARG B 344 -17.28 -18.33 28.10
C ARG B 344 -18.02 -19.07 29.20
N PRO B 345 -18.12 -18.50 30.40
CA PRO B 345 -18.94 -19.12 31.45
C PRO B 345 -20.38 -19.26 31.01
N SER B 346 -20.97 -20.41 31.36
CA SER B 346 -22.22 -20.85 30.77
C SER B 346 -23.39 -19.99 31.22
N GLU B 347 -24.41 -19.92 30.37
CA GLU B 347 -25.61 -19.14 30.70
C GLU B 347 -26.47 -19.91 31.71
N PRO B 348 -27.12 -19.22 32.64
CA PRO B 348 -28.03 -19.90 33.55
C PRO B 348 -29.40 -20.12 32.92
N HIS B 349 -30.10 -21.13 33.42
CA HIS B 349 -31.46 -21.45 32.97
C HIS B 349 -32.38 -21.32 34.16
N PHE B 350 -32.99 -20.15 34.32
CA PHE B 350 -33.85 -19.89 35.46
C PHE B 350 -35.18 -20.62 35.32
N THR B 351 -35.83 -20.82 36.47
CA THR B 351 -37.13 -21.46 36.49
C THR B 351 -38.22 -20.43 36.18
N LEU B 352 -39.48 -20.86 36.30
CA LEU B 352 -40.59 -19.98 35.96
C LEU B 352 -40.76 -18.88 36.99
N ASP B 353 -40.61 -19.20 38.28
CA ASP B 353 -40.76 -18.20 39.33
C ASP B 353 -39.54 -17.30 39.46
N GLY B 354 -38.40 -17.71 38.91
CA GLY B 354 -37.18 -16.92 39.01
C GLY B 354 -36.46 -17.02 40.32
N ASN B 355 -36.86 -17.95 41.20
CA ASN B 355 -36.23 -18.11 42.50
C ASN B 355 -35.13 -19.17 42.51
N SER B 356 -34.84 -19.77 41.36
CA SER B 356 -33.76 -20.76 41.26
C SER B 356 -33.34 -20.86 39.80
N PHE B 357 -32.13 -21.37 39.58
CA PHE B 357 -31.62 -21.55 38.24
C PHE B 357 -30.68 -22.73 38.18
N TYR B 358 -30.44 -23.20 36.96
CA TYR B 358 -29.56 -24.33 36.69
C TYR B 358 -28.39 -23.85 35.83
N LYS B 359 -27.18 -24.23 36.22
CA LYS B 359 -25.97 -23.80 35.51
C LYS B 359 -25.02 -24.98 35.36
N ILE B 360 -24.20 -24.93 34.32
CA ILE B 360 -23.14 -25.91 34.11
C ILE B 360 -21.92 -25.47 34.92
N ILE B 361 -21.57 -26.24 35.93
CA ILE B 361 -20.49 -25.92 36.85
C ILE B 361 -19.55 -27.11 36.90
N SER B 362 -18.25 -26.86 36.79
CA SER B 362 -17.26 -27.93 36.88
C SER B 362 -17.26 -28.55 38.28
N ASN B 363 -17.08 -29.87 38.32
CA ASN B 363 -17.09 -30.60 39.58
C ASN B 363 -15.79 -30.34 40.36
N GLU B 364 -15.72 -30.94 41.55
CA GLU B 364 -14.46 -30.96 42.28
C GLU B 364 -13.43 -31.82 41.55
N GLU B 365 -13.87 -32.89 40.92
CA GLU B 365 -12.96 -33.72 40.12
C GLU B 365 -12.52 -33.01 38.86
N GLY B 366 -13.43 -32.28 38.21
CA GLY B 366 -13.07 -31.51 37.03
C GLY B 366 -14.11 -31.49 35.93
N TYR B 367 -14.96 -32.52 35.89
CA TYR B 367 -15.96 -32.62 34.83
C TYR B 367 -17.09 -31.61 35.06
N ARG B 368 -17.60 -31.06 33.96
CA ARG B 368 -18.68 -30.08 34.04
C ARG B 368 -20.02 -30.78 34.15
N HIS B 369 -20.83 -30.37 35.12
CA HIS B 369 -22.11 -31.00 35.37
C HIS B 369 -23.11 -29.94 35.80
N ILE B 370 -24.39 -30.32 35.76
CA ILE B 370 -25.47 -29.41 36.14
C ILE B 370 -25.51 -29.30 37.66
N CYS B 371 -25.53 -28.07 38.16
CA CYS B 371 -25.64 -27.81 39.59
C CYS B 371 -26.89 -26.99 39.84
N TYR B 372 -27.73 -27.44 40.77
CA TYR B 372 -28.96 -26.73 41.10
C TYR B 372 -28.63 -25.59 42.07
N PHE B 373 -28.96 -24.36 41.68
CA PHE B 373 -28.60 -23.18 42.42
C PHE B 373 -29.83 -22.54 43.07
N GLN B 374 -29.55 -21.68 44.04
CA GLN B 374 -30.55 -20.81 44.64
C GLN B 374 -30.05 -19.38 44.59
N ILE B 375 -30.99 -18.43 44.59
CA ILE B 375 -30.62 -17.03 44.44
C ILE B 375 -29.87 -16.53 45.67
N ASP B 376 -30.38 -16.85 46.85
CA ASP B 376 -29.83 -16.32 48.10
C ASP B 376 -28.89 -17.30 48.80
N LYS B 377 -28.59 -18.44 48.19
CA LYS B 377 -27.72 -19.44 48.80
C LYS B 377 -26.47 -19.62 47.95
N LYS B 378 -25.30 -19.59 48.62
CA LYS B 378 -24.04 -19.69 47.90
C LYS B 378 -23.80 -21.10 47.39
N ASP B 379 -24.09 -22.11 48.22
CA ASP B 379 -23.82 -23.49 47.84
C ASP B 379 -24.82 -23.97 46.79
N CYS B 380 -24.36 -24.92 45.96
CA CYS B 380 -25.20 -25.56 44.97
C CYS B 380 -25.03 -27.06 45.08
N THR B 381 -26.11 -27.79 44.79
CA THR B 381 -26.12 -29.24 44.83
C THR B 381 -26.12 -29.77 43.40
N PHE B 382 -25.11 -30.56 43.05
CA PHE B 382 -25.01 -31.12 41.72
C PHE B 382 -26.10 -32.17 41.52
N ILE B 383 -26.73 -32.14 40.35
CA ILE B 383 -27.78 -33.11 40.03
C ILE B 383 -27.30 -34.20 39.07
N THR B 384 -26.12 -34.05 38.49
CA THR B 384 -25.54 -35.07 37.61
C THR B 384 -24.11 -35.34 38.05
N LYS B 385 -23.67 -36.59 37.87
CA LYS B 385 -22.37 -37.01 38.33
C LYS B 385 -21.85 -38.12 37.43
N GLY B 386 -20.54 -38.11 37.22
CA GLY B 386 -19.88 -39.13 36.42
C GLY B 386 -18.62 -38.58 35.79
N THR B 387 -18.01 -39.38 34.92
CA THR B 387 -16.82 -38.98 34.18
C THR B 387 -17.15 -38.42 32.81
N TRP B 388 -18.30 -37.76 32.69
CA TRP B 388 -18.78 -37.18 31.44
C TRP B 388 -19.17 -35.73 31.69
N GLU B 389 -19.37 -35.00 30.61
CA GLU B 389 -19.65 -33.57 30.67
C GLU B 389 -21.02 -33.28 30.04
N VAL B 390 -21.77 -32.39 30.67
CA VAL B 390 -23.04 -31.94 30.12
C VAL B 390 -22.75 -30.81 29.14
N ILE B 391 -23.18 -30.97 27.89
CA ILE B 391 -22.90 -29.99 26.86
C ILE B 391 -23.69 -28.71 27.10
N GLY B 392 -24.96 -28.82 27.47
CA GLY B 392 -25.77 -27.65 27.73
C GLY B 392 -27.23 -27.92 27.99
N ILE B 393 -27.84 -27.09 28.83
CA ILE B 393 -29.28 -27.20 29.09
C ILE B 393 -30.04 -26.69 27.87
N GLU B 394 -31.15 -27.35 27.55
CA GLU B 394 -31.99 -26.94 26.44
C GLU B 394 -33.36 -26.43 26.88
N ALA B 395 -34.09 -27.20 27.69
CA ALA B 395 -35.43 -26.77 28.08
C ALA B 395 -35.78 -27.38 29.44
N LEU B 396 -36.68 -26.69 30.14
CA LEU B 396 -37.28 -27.19 31.37
C LEU B 396 -38.63 -26.52 31.52
N THR B 397 -39.68 -27.32 31.76
CA THR B 397 -41.00 -26.72 31.86
C THR B 397 -41.38 -26.47 33.32
N SER B 398 -41.63 -27.55 34.07
CA SER B 398 -41.78 -27.44 35.51
C SER B 398 -41.22 -28.65 36.23
N ASP B 399 -41.04 -29.75 35.49
CA ASP B 399 -40.77 -31.04 36.10
C ASP B 399 -39.67 -31.88 35.46
N TYR B 400 -39.32 -31.66 34.20
CA TYR B 400 -38.18 -32.34 33.60
C TYR B 400 -37.23 -31.32 32.98
N LEU B 401 -35.94 -31.60 33.07
CA LEU B 401 -34.89 -30.78 32.48
C LEU B 401 -34.22 -31.57 31.38
N TYR B 402 -34.12 -30.98 30.19
CA TYR B 402 -33.56 -31.65 29.02
C TYR B 402 -32.15 -31.12 28.79
N TYR B 403 -31.17 -32.01 28.73
CA TYR B 403 -29.78 -31.63 28.54
C TYR B 403 -29.11 -32.59 27.57
N ILE B 404 -28.01 -32.13 26.99
CA ILE B 404 -27.19 -32.92 26.07
C ILE B 404 -25.90 -33.29 26.76
N SER B 405 -25.53 -34.57 26.72
CA SER B 405 -24.32 -35.03 27.37
C SER B 405 -23.70 -36.14 26.52
N ASN B 406 -22.41 -36.40 26.78
CA ASN B 406 -21.67 -37.44 26.08
C ASN B 406 -21.49 -38.69 26.95
N GLU B 407 -22.52 -39.02 27.74
CA GLU B 407 -22.42 -40.16 28.65
C GLU B 407 -22.53 -41.49 27.91
N TYR B 408 -23.20 -41.50 26.76
CA TYR B 408 -23.56 -42.75 26.09
C TYR B 408 -22.32 -43.47 25.58
N LYS B 409 -22.09 -44.68 26.10
CA LYS B 409 -21.01 -45.60 25.72
C LYS B 409 -19.62 -44.98 25.93
N GLY B 410 -19.52 -43.97 26.79
CA GLY B 410 -18.24 -43.35 27.11
C GLY B 410 -17.56 -42.68 25.93
N MET B 411 -18.35 -42.07 25.04
CA MET B 411 -17.83 -41.44 23.84
C MET B 411 -17.93 -39.92 23.97
N PRO B 412 -16.81 -39.20 24.15
CA PRO B 412 -16.88 -37.73 24.15
C PRO B 412 -17.26 -37.14 22.80
N GLY B 413 -17.11 -37.89 21.72
CA GLY B 413 -17.47 -37.42 20.40
C GLY B 413 -18.91 -37.61 19.99
N GLY B 414 -19.74 -38.18 20.86
CA GLY B 414 -21.14 -38.39 20.56
C GLY B 414 -22.03 -37.64 21.51
N ARG B 415 -23.14 -37.11 20.99
CA ARG B 415 -24.08 -36.33 21.78
C ARG B 415 -25.45 -36.99 21.73
N ASN B 416 -26.13 -37.02 22.87
CA ASN B 416 -27.48 -37.56 22.97
C ASN B 416 -28.30 -36.69 23.90
N LEU B 417 -29.62 -36.74 23.74
CA LEU B 417 -30.54 -35.94 24.53
C LEU B 417 -31.00 -36.73 25.75
N TYR B 418 -30.84 -36.14 26.93
CA TYR B 418 -31.23 -36.77 28.18
C TYR B 418 -32.23 -35.89 28.90
N LYS B 419 -33.12 -36.52 29.65
CA LYS B 419 -34.08 -35.82 30.49
C LYS B 419 -33.98 -36.35 31.91
N ILE B 420 -34.19 -35.46 32.87
CA ILE B 420 -34.06 -35.81 34.29
C ILE B 420 -35.22 -35.20 35.04
N GLN B 421 -35.89 -36.01 35.87
CA GLN B 421 -36.99 -35.53 36.69
C GLN B 421 -36.46 -34.58 37.76
N LEU B 422 -37.14 -33.44 37.92
CA LEU B 422 -36.66 -32.42 38.84
C LEU B 422 -36.82 -32.85 40.30
N SER B 423 -37.92 -33.55 40.61
CA SER B 423 -38.15 -33.97 41.98
C SER B 423 -37.19 -35.09 42.39
N ASP B 424 -37.02 -36.09 41.53
CA ASP B 424 -36.16 -37.23 41.80
C ASP B 424 -35.01 -37.21 40.81
N TYR B 425 -33.80 -36.91 41.30
CA TYR B 425 -32.66 -36.75 40.42
C TYR B 425 -32.13 -38.07 39.88
N THR B 426 -32.52 -39.20 40.49
CA THR B 426 -32.07 -40.50 40.00
C THR B 426 -32.74 -40.83 38.66
N LYS B 427 -33.97 -40.35 38.46
CA LYS B 427 -34.71 -40.64 37.25
C LYS B 427 -34.12 -39.91 36.05
N VAL B 428 -33.31 -40.61 35.25
CA VAL B 428 -32.69 -40.05 34.05
C VAL B 428 -33.04 -40.95 32.88
N THR B 429 -33.60 -40.38 31.83
CA THR B 429 -34.01 -41.11 30.64
C THR B 429 -33.37 -40.50 29.40
N CYS B 430 -32.90 -41.36 28.50
CA CYS B 430 -32.31 -40.93 27.24
C CYS B 430 -33.36 -41.01 26.14
N LEU B 431 -33.63 -39.87 25.50
CA LEU B 431 -34.63 -39.79 24.45
C LEU B 431 -34.04 -39.98 23.05
N SER B 432 -32.73 -40.13 22.93
CA SER B 432 -32.10 -40.27 21.63
C SER B 432 -31.03 -41.34 21.58
N CYS B 433 -30.83 -42.11 22.66
CA CYS B 433 -29.82 -43.15 22.66
C CYS B 433 -30.21 -44.31 21.76
N GLU B 434 -31.46 -44.77 21.88
CA GLU B 434 -31.90 -46.00 21.23
C GLU B 434 -32.78 -45.77 20.01
N LEU B 435 -32.85 -44.53 19.51
CA LEU B 435 -33.70 -44.26 18.34
C LEU B 435 -33.14 -44.92 17.09
N ASN B 436 -31.84 -44.78 16.85
CA ASN B 436 -31.17 -45.45 15.73
C ASN B 436 -29.68 -45.56 16.05
N PRO B 437 -29.27 -46.62 16.75
CA PRO B 437 -27.88 -46.70 17.23
C PRO B 437 -26.84 -46.82 16.12
N GLU B 438 -27.17 -47.45 15.00
CA GLU B 438 -26.18 -47.67 13.95
C GLU B 438 -26.07 -46.51 12.98
N ARG B 439 -26.97 -45.53 13.04
CA ARG B 439 -26.99 -44.42 12.09
C ARG B 439 -26.70 -43.08 12.74
N CYS B 440 -27.40 -42.74 13.82
CA CYS B 440 -27.31 -41.43 14.43
C CYS B 440 -26.70 -41.54 15.82
N GLN B 441 -25.66 -40.76 16.08
CA GLN B 441 -25.04 -40.71 17.40
C GLN B 441 -24.70 -39.29 17.85
N TYR B 442 -24.96 -38.28 17.04
CA TYR B 442 -24.63 -36.89 17.34
C TYR B 442 -25.91 -36.07 17.22
N TYR B 443 -26.63 -35.92 18.33
CA TYR B 443 -27.94 -35.29 18.32
C TYR B 443 -27.86 -33.84 18.76
N SER B 444 -28.60 -32.99 18.06
CA SER B 444 -28.83 -31.61 18.46
C SER B 444 -30.32 -31.35 18.35
N VAL B 445 -30.90 -30.73 19.37
CA VAL B 445 -32.34 -30.64 19.51
C VAL B 445 -32.78 -29.18 19.46
N SER B 446 -34.01 -28.97 19.00
CA SER B 446 -34.66 -27.66 19.01
C SER B 446 -36.06 -27.83 19.57
N PHE B 447 -36.40 -27.05 20.59
CA PHE B 447 -37.66 -27.19 21.30
C PHE B 447 -38.64 -26.10 20.89
N SER B 448 -39.89 -26.28 21.32
CA SER B 448 -40.95 -25.33 21.04
C SER B 448 -40.99 -24.26 22.13
N LYS B 449 -42.07 -23.47 22.16
CA LYS B 449 -42.19 -22.40 23.15
C LYS B 449 -42.37 -22.96 24.56
N GLU B 450 -43.30 -23.90 24.72
CA GLU B 450 -43.53 -24.53 26.01
C GLU B 450 -42.95 -25.93 26.06
N ALA B 451 -42.09 -26.30 25.10
CA ALA B 451 -41.30 -27.53 25.10
C ALA B 451 -42.15 -28.79 25.11
N LYS B 452 -43.34 -28.74 24.49
CA LYS B 452 -44.11 -29.96 24.31
C LYS B 452 -43.70 -30.74 23.06
N TYR B 453 -43.01 -30.09 22.13
CA TYR B 453 -42.54 -30.73 20.91
C TYR B 453 -41.10 -30.34 20.66
N TYR B 454 -40.28 -31.31 20.27
CA TYR B 454 -38.88 -31.06 19.95
C TYR B 454 -38.50 -31.81 18.68
N GLN B 455 -37.68 -31.16 17.86
CA GLN B 455 -37.16 -31.75 16.64
C GLN B 455 -35.73 -32.20 16.87
N LEU B 456 -35.49 -33.49 16.67
CA LEU B 456 -34.16 -34.07 16.86
C LEU B 456 -33.44 -34.06 15.52
N ARG B 457 -32.27 -33.41 15.49
CA ARG B 457 -31.46 -33.29 14.28
C ARG B 457 -30.16 -34.06 14.52
N CYS B 458 -30.19 -35.36 14.25
CA CYS B 458 -29.00 -36.18 14.41
C CYS B 458 -28.13 -36.08 13.17
N SER B 459 -26.84 -35.89 13.39
CA SER B 459 -25.84 -35.82 12.34
C SER B 459 -24.71 -36.79 12.62
N GLY B 460 -25.08 -38.02 12.97
CA GLY B 460 -24.12 -39.01 13.42
C GLY B 460 -23.30 -39.62 12.30
N PRO B 461 -22.87 -40.87 12.49
CA PRO B 461 -22.11 -41.55 11.44
C PRO B 461 -22.87 -41.72 10.13
N GLY B 462 -24.18 -41.87 10.20
CA GLY B 462 -24.99 -41.97 9.00
C GLY B 462 -25.35 -40.60 8.45
N LEU B 463 -26.24 -40.61 7.46
CA LEU B 463 -26.72 -39.37 6.88
C LEU B 463 -27.61 -38.63 7.89
N PRO B 464 -27.64 -37.29 7.82
CA PRO B 464 -28.44 -36.52 8.79
C PRO B 464 -29.93 -36.78 8.63
N LEU B 465 -30.54 -37.22 9.72
CA LEU B 465 -31.96 -37.56 9.76
C LEU B 465 -32.67 -36.60 10.70
N TYR B 466 -33.82 -36.09 10.26
CA TYR B 466 -34.59 -35.10 11.00
C TYR B 466 -35.93 -35.71 11.39
N THR B 467 -36.21 -35.74 12.69
CA THR B 467 -37.45 -36.30 13.22
C THR B 467 -38.20 -35.23 14.01
N LEU B 468 -39.48 -35.51 14.25
CA LEU B 468 -40.33 -34.65 15.06
C LEU B 468 -40.93 -35.49 16.19
N HIS B 469 -40.83 -34.97 17.41
CA HIS B 469 -41.24 -35.71 18.60
C HIS B 469 -42.18 -34.86 19.44
N SER B 470 -42.99 -35.53 20.24
CA SER B 470 -43.85 -34.89 21.23
C SER B 470 -43.34 -35.24 22.62
N SER B 471 -43.06 -34.23 23.43
CA SER B 471 -42.38 -34.44 24.71
C SER B 471 -43.28 -35.03 25.78
N VAL B 472 -44.59 -35.13 25.55
CA VAL B 472 -45.48 -35.70 26.54
C VAL B 472 -45.24 -37.20 26.70
N ASN B 473 -45.09 -37.91 25.58
CA ASN B 473 -44.87 -39.35 25.62
C ASN B 473 -43.61 -39.80 24.91
N ASP B 474 -42.81 -38.86 24.38
CA ASP B 474 -41.53 -39.13 23.71
C ASP B 474 -41.69 -40.09 22.53
N LYS B 475 -42.76 -39.90 21.76
CA LYS B 475 -43.04 -40.73 20.60
C LYS B 475 -42.71 -40.00 19.32
N GLY B 476 -42.16 -40.73 18.35
CA GLY B 476 -41.84 -40.15 17.06
C GLY B 476 -43.08 -39.94 16.21
N LEU B 477 -43.48 -38.68 16.04
CA LEU B 477 -44.67 -38.38 15.26
C LEU B 477 -44.45 -38.68 13.78
N ARG B 478 -43.36 -38.17 13.22
CA ARG B 478 -43.00 -38.37 11.82
C ARG B 478 -41.55 -37.99 11.65
N VAL B 479 -40.99 -38.35 10.50
CA VAL B 479 -39.66 -37.90 10.11
C VAL B 479 -39.83 -36.69 9.19
N LEU B 480 -38.98 -35.68 9.36
CA LEU B 480 -39.07 -34.49 8.55
C LEU B 480 -38.17 -34.59 7.32
N GLU B 481 -36.97 -35.15 7.49
CA GLU B 481 -36.06 -35.35 6.37
C GLU B 481 -35.12 -36.49 6.72
N ASP B 482 -34.89 -37.39 5.77
CA ASP B 482 -33.98 -38.51 5.96
C ASP B 482 -32.95 -38.62 4.85
N ASN B 483 -32.90 -37.63 3.94
CA ASN B 483 -31.95 -37.57 2.83
C ASN B 483 -32.06 -38.81 1.94
N SER B 484 -33.27 -39.06 1.44
CA SER B 484 -33.51 -40.23 0.61
C SER B 484 -32.84 -40.11 -0.76
N ALA B 485 -32.92 -38.92 -1.37
CA ALA B 485 -32.33 -38.72 -2.69
C ALA B 485 -30.81 -38.78 -2.62
N LEU B 486 -30.22 -38.20 -1.56
CA LEU B 486 -28.76 -38.28 -1.39
C LEU B 486 -28.32 -39.72 -1.13
N ASP B 487 -29.12 -40.47 -0.35
CA ASP B 487 -28.84 -41.88 -0.17
C ASP B 487 -28.97 -42.65 -1.48
N LYS B 488 -29.83 -42.18 -2.39
CA LYS B 488 -29.95 -42.81 -3.70
C LYS B 488 -28.71 -42.55 -4.54
N MET B 489 -28.23 -41.30 -4.58
CA MET B 489 -27.12 -40.96 -5.46
C MET B 489 -25.76 -41.24 -4.83
N LEU B 490 -25.71 -41.64 -3.57
CA LEU B 490 -24.45 -42.03 -2.95
C LEU B 490 -24.09 -43.49 -3.17
N GLN B 491 -24.95 -44.26 -3.86
CA GLN B 491 -24.64 -45.65 -4.16
C GLN B 491 -23.70 -45.80 -5.34
N ASN B 492 -23.56 -44.78 -6.18
CA ASN B 492 -22.71 -44.84 -7.36
C ASN B 492 -21.29 -44.37 -7.09
N VAL B 493 -20.96 -44.00 -5.87
CA VAL B 493 -19.66 -43.45 -5.53
C VAL B 493 -19.02 -44.27 -4.43
N GLN B 494 -17.69 -44.27 -4.42
CA GLN B 494 -16.90 -44.98 -3.41
C GLN B 494 -16.67 -44.02 -2.24
N MET B 495 -17.63 -43.97 -1.34
CA MET B 495 -17.51 -43.08 -0.17
C MET B 495 -16.48 -43.61 0.80
N PRO B 496 -15.66 -42.74 1.40
CA PRO B 496 -14.72 -43.18 2.41
C PRO B 496 -15.42 -43.56 3.71
N SER B 497 -14.76 -44.43 4.49
CA SER B 497 -15.26 -44.85 5.78
C SER B 497 -14.81 -43.87 6.85
N LYS B 498 -15.09 -44.19 8.12
CA LYS B 498 -14.68 -43.35 9.23
C LYS B 498 -14.57 -44.21 10.48
N LYS B 499 -13.38 -44.28 11.06
CA LYS B 499 -13.11 -45.08 12.25
C LYS B 499 -12.81 -44.17 13.42
N LEU B 500 -13.50 -44.39 14.54
CA LEU B 500 -13.26 -43.67 15.78
C LEU B 500 -12.74 -44.65 16.82
N ASP B 501 -11.58 -44.36 17.40
CA ASP B 501 -10.95 -45.26 18.35
C ASP B 501 -10.11 -44.41 19.30
N PHE B 502 -9.34 -45.07 20.17
CA PHE B 502 -8.54 -44.39 21.18
C PHE B 502 -7.19 -45.07 21.31
N ILE B 503 -6.24 -44.33 21.88
CA ILE B 503 -4.94 -44.86 22.25
C ILE B 503 -4.64 -44.43 23.69
N ILE B 504 -3.90 -45.25 24.41
CA ILE B 504 -3.58 -45.01 25.81
C ILE B 504 -2.10 -44.68 25.88
N LEU B 505 -1.77 -43.39 25.95
CA LEU B 505 -0.37 -43.00 25.97
C LEU B 505 0.14 -42.79 27.40
N ASN B 506 -0.39 -41.80 28.10
CA ASN B 506 0.01 -41.58 29.50
C ASN B 506 -1.07 -42.04 30.47
N GLU B 507 -1.40 -43.34 30.45
CA GLU B 507 -2.43 -43.94 31.31
C GLU B 507 -3.79 -43.24 31.16
N THR B 508 -4.06 -42.65 30.01
CA THR B 508 -5.29 -41.90 29.78
C THR B 508 -5.81 -42.20 28.38
N LYS B 509 -7.12 -42.01 28.22
CA LYS B 509 -7.80 -42.28 26.96
C LYS B 509 -7.78 -41.04 26.08
N PHE B 510 -7.11 -41.14 24.93
CA PHE B 510 -7.05 -40.05 23.96
C PHE B 510 -7.67 -40.54 22.66
N TRP B 511 -8.70 -39.85 22.18
CA TRP B 511 -9.46 -40.30 21.03
C TRP B 511 -8.88 -39.73 19.73
N TYR B 512 -9.12 -40.46 18.64
CA TYR B 512 -8.66 -40.05 17.33
C TYR B 512 -9.64 -40.53 16.28
N GLN B 513 -9.72 -39.80 15.18
CA GLN B 513 -10.57 -40.15 14.05
C GLN B 513 -9.70 -40.41 12.83
N MET B 514 -10.23 -41.22 11.91
CA MET B 514 -9.54 -41.55 10.68
C MET B 514 -10.54 -41.66 9.55
N ILE B 515 -10.30 -40.93 8.47
CA ILE B 515 -11.09 -41.04 7.25
C ILE B 515 -10.35 -41.99 6.32
N LEU B 516 -10.89 -43.19 6.15
CA LEU B 516 -10.11 -44.18 5.43
C LEU B 516 -10.59 -44.35 4.00
N PRO B 517 -9.67 -44.64 3.07
CA PRO B 517 -10.08 -44.85 1.68
C PRO B 517 -10.92 -46.10 1.53
N PRO B 518 -11.77 -46.17 0.52
CA PRO B 518 -12.57 -47.39 0.30
C PRO B 518 -11.69 -48.56 -0.10
N HIS B 519 -12.22 -49.76 0.16
CA HIS B 519 -11.50 -51.03 0.04
C HIS B 519 -10.19 -50.99 0.83
N PHE B 520 -10.29 -50.51 2.07
CA PHE B 520 -9.12 -50.35 2.92
C PHE B 520 -8.57 -51.70 3.35
N ASP B 521 -7.27 -51.90 3.16
CA ASP B 521 -6.58 -53.11 3.57
C ASP B 521 -5.50 -52.74 4.57
N LYS B 522 -5.37 -53.56 5.62
CA LYS B 522 -4.33 -53.35 6.61
C LYS B 522 -2.94 -53.67 6.08
N SER B 523 -2.85 -54.51 5.04
CA SER B 523 -1.55 -54.87 4.49
C SER B 523 -0.91 -53.71 3.74
N LYS B 524 -1.70 -53.02 2.92
CA LYS B 524 -1.17 -51.91 2.13
C LYS B 524 -0.96 -50.68 3.00
N LYS B 525 0.13 -49.97 2.75
CA LYS B 525 0.47 -48.76 3.48
C LYS B 525 -0.02 -47.54 2.71
N TYR B 526 -0.62 -46.60 3.43
CA TYR B 526 -1.22 -45.43 2.82
C TYR B 526 -0.55 -44.15 3.32
N PRO B 527 -0.59 -43.07 2.54
CA PRO B 527 -0.18 -41.78 3.08
C PRO B 527 -1.14 -41.29 4.15
N LEU B 528 -0.60 -40.52 5.08
CA LEU B 528 -1.39 -39.96 6.17
C LEU B 528 -1.21 -38.46 6.22
N LEU B 529 -2.33 -37.74 6.15
CA LEU B 529 -2.34 -36.29 6.32
C LEU B 529 -3.07 -35.97 7.61
N LEU B 530 -2.39 -35.31 8.53
CA LEU B 530 -2.90 -35.06 9.88
C LEU B 530 -3.65 -33.74 9.88
N ASP B 531 -4.96 -33.81 9.69
CA ASP B 531 -5.82 -32.63 9.82
C ASP B 531 -5.92 -32.26 11.29
N VAL B 532 -5.29 -31.15 11.67
CA VAL B 532 -5.13 -30.78 13.08
C VAL B 532 -5.73 -29.40 13.30
N TYR B 533 -6.51 -29.26 14.37
CA TYR B 533 -6.86 -27.96 14.92
C TYR B 533 -6.19 -27.72 16.27
N ALA B 534 -6.38 -28.65 17.22
CA ALA B 534 -5.68 -28.70 18.50
C ALA B 534 -5.88 -27.45 19.35
N GLY B 535 -6.97 -26.72 19.14
CA GLY B 535 -7.25 -25.55 19.93
C GLY B 535 -7.68 -25.92 21.33
N PRO B 536 -7.63 -24.95 22.25
CA PRO B 536 -8.13 -25.20 23.60
C PRO B 536 -9.64 -25.40 23.60
N CYS B 537 -10.08 -26.51 24.20
CA CYS B 537 -11.47 -26.95 24.21
C CYS B 537 -12.02 -27.11 22.79
N SER B 538 -11.33 -27.90 22.00
CA SER B 538 -11.71 -28.19 20.62
C SER B 538 -11.84 -29.69 20.43
N GLN B 539 -12.95 -30.11 19.82
CA GLN B 539 -13.19 -31.52 19.53
C GLN B 539 -13.08 -31.74 18.04
N LYS B 540 -12.12 -32.56 17.63
CA LYS B 540 -11.92 -32.89 16.23
C LYS B 540 -12.16 -34.37 15.93
N ALA B 541 -12.55 -35.15 16.94
CA ALA B 541 -12.78 -36.59 16.76
C ALA B 541 -14.21 -36.94 17.11
N ASP B 542 -15.17 -36.18 16.59
CA ASP B 542 -16.57 -36.43 16.81
C ASP B 542 -17.17 -37.25 15.66
N THR B 543 -18.31 -37.88 15.94
CA THR B 543 -19.03 -38.67 14.94
C THR B 543 -20.03 -37.80 14.20
N VAL B 544 -19.50 -36.94 13.33
CA VAL B 544 -20.30 -36.04 12.51
C VAL B 544 -20.05 -36.37 11.05
N PHE B 545 -21.12 -36.57 10.28
CA PHE B 545 -20.98 -36.84 8.86
C PHE B 545 -20.59 -35.57 8.12
N ARG B 546 -19.54 -35.65 7.31
CA ARG B 546 -19.03 -34.49 6.59
C ARG B 546 -18.78 -34.85 5.14
N LEU B 547 -18.98 -33.87 4.26
CA LEU B 547 -18.65 -33.97 2.85
C LEU B 547 -17.70 -32.81 2.57
N ASN B 548 -16.40 -33.04 2.74
CA ASN B 548 -15.41 -31.97 2.73
C ASN B 548 -14.18 -32.44 1.97
N TRP B 549 -13.08 -31.69 2.13
CA TRP B 549 -11.85 -31.99 1.43
C TRP B 549 -11.24 -33.33 1.85
N ALA B 550 -11.45 -33.73 3.10
CA ALA B 550 -10.96 -35.01 3.57
C ALA B 550 -11.64 -36.16 2.85
N THR B 551 -12.93 -36.00 2.54
CA THR B 551 -13.66 -37.02 1.78
C THR B 551 -13.07 -37.19 0.39
N TYR B 552 -12.75 -36.08 -0.28
CA TYR B 552 -12.11 -36.15 -1.59
C TYR B 552 -10.72 -36.77 -1.51
N LEU B 553 -9.95 -36.40 -0.48
CA LEU B 553 -8.59 -36.93 -0.35
C LEU B 553 -8.60 -38.43 -0.08
N ALA B 554 -9.55 -38.90 0.73
CA ALA B 554 -9.61 -40.32 1.03
C ALA B 554 -10.18 -41.11 -0.14
N SER B 555 -11.24 -40.61 -0.78
CA SER B 555 -11.91 -41.38 -1.83
C SER B 555 -11.11 -41.41 -3.12
N THR B 556 -10.55 -40.27 -3.53
CA THR B 556 -9.89 -40.17 -4.82
C THR B 556 -8.39 -40.38 -4.73
N GLU B 557 -7.70 -39.65 -3.86
CA GLU B 557 -6.24 -39.75 -3.77
C GLU B 557 -5.78 -40.90 -2.88
N ASN B 558 -6.70 -41.58 -2.19
CA ASN B 558 -6.41 -42.67 -1.26
C ASN B 558 -5.43 -42.22 -0.17
N ILE B 559 -5.85 -41.20 0.57
CA ILE B 559 -5.04 -40.58 1.61
C ILE B 559 -5.80 -40.69 2.91
N ILE B 560 -5.17 -41.27 3.93
CA ILE B 560 -5.78 -41.35 5.25
C ILE B 560 -5.71 -39.97 5.90
N VAL B 561 -6.86 -39.39 6.19
CA VAL B 561 -6.94 -38.10 6.87
C VAL B 561 -7.30 -38.37 8.32
N ALA B 562 -6.39 -38.04 9.23
CA ALA B 562 -6.55 -38.37 10.64
C ALA B 562 -6.52 -37.11 11.48
N SER B 563 -7.30 -37.13 12.57
CA SER B 563 -7.33 -36.05 13.55
C SER B 563 -7.12 -36.64 14.94
N PHE B 564 -6.61 -35.82 15.84
CA PHE B 564 -6.27 -36.26 17.19
C PHE B 564 -6.78 -35.24 18.19
N ASP B 565 -7.07 -35.72 19.40
CA ASP B 565 -7.53 -34.89 20.51
C ASP B 565 -6.56 -35.10 21.66
N GLY B 566 -5.51 -34.29 21.70
CA GLY B 566 -4.51 -34.35 22.76
C GLY B 566 -4.90 -33.52 23.95
N ARG B 567 -3.88 -33.07 24.69
CA ARG B 567 -4.12 -32.22 25.84
C ARG B 567 -4.62 -30.85 25.39
N GLY B 568 -5.62 -30.34 26.09
CA GLY B 568 -6.28 -29.11 25.73
C GLY B 568 -7.62 -29.28 25.05
N SER B 569 -7.92 -30.50 24.58
CA SER B 569 -9.22 -30.76 23.96
C SER B 569 -10.30 -30.83 25.04
N GLY B 570 -11.47 -30.29 24.71
CA GLY B 570 -12.56 -30.20 25.65
C GLY B 570 -13.42 -31.45 25.70
N TYR B 571 -14.48 -31.38 26.52
CA TYR B 571 -15.46 -32.45 26.72
C TYR B 571 -14.81 -33.74 27.22
N GLN B 572 -13.70 -33.62 27.94
CA GLN B 572 -12.99 -34.78 28.48
C GLN B 572 -12.50 -34.55 29.90
N GLY B 573 -13.04 -33.55 30.59
CA GLY B 573 -12.60 -33.22 31.93
C GLY B 573 -11.64 -32.04 31.95
N ASP B 574 -11.58 -31.38 33.11
CA ASP B 574 -10.72 -30.21 33.26
C ASP B 574 -9.25 -30.57 33.36
N LYS B 575 -8.93 -31.82 33.72
CA LYS B 575 -7.53 -32.23 33.79
C LYS B 575 -6.87 -32.23 32.41
N ILE B 576 -7.57 -32.72 31.39
CA ILE B 576 -7.04 -32.69 30.04
C ILE B 576 -7.10 -31.29 29.45
N MET B 577 -8.18 -30.55 29.71
CA MET B 577 -8.37 -29.26 29.08
C MET B 577 -7.45 -28.19 29.66
N HIS B 578 -7.28 -28.17 30.98
CA HIS B 578 -6.50 -27.14 31.65
C HIS B 578 -5.03 -27.48 31.77
N ALA B 579 -4.59 -28.59 31.18
CA ALA B 579 -3.17 -28.89 31.14
C ALA B 579 -2.41 -27.94 30.23
N ILE B 580 -3.11 -27.20 29.38
CA ILE B 580 -2.51 -26.30 28.43
C ILE B 580 -2.51 -24.85 28.94
N ASN B 581 -2.97 -24.64 30.18
CA ASN B 581 -3.09 -23.31 30.74
C ASN B 581 -1.73 -22.67 30.92
N ARG B 582 -1.57 -21.45 30.40
CA ARG B 582 -0.38 -20.61 30.45
C ARG B 582 0.80 -21.17 29.67
N ARG B 583 0.62 -22.33 29.02
CA ARG B 583 1.66 -22.93 28.17
C ARG B 583 1.00 -23.34 26.86
N LEU B 584 0.96 -22.44 25.90
CA LEU B 584 0.42 -22.72 24.58
C LEU B 584 1.53 -23.10 23.61
N GLY B 585 1.23 -24.04 22.73
CA GLY B 585 2.18 -24.45 21.72
C GLY B 585 3.27 -25.40 22.19
N THR B 586 3.11 -26.03 23.35
CA THR B 586 4.07 -27.01 23.83
C THR B 586 3.47 -28.41 23.92
N PHE B 587 2.40 -28.60 24.69
CA PHE B 587 1.90 -29.95 24.91
C PHE B 587 1.09 -30.45 23.73
N GLU B 588 0.35 -29.55 23.03
CA GLU B 588 -0.39 -30.01 21.86
C GLU B 588 0.54 -30.40 20.73
N VAL B 589 1.70 -29.74 20.62
CA VAL B 589 2.65 -30.06 19.55
C VAL B 589 3.25 -31.45 19.78
N GLU B 590 3.69 -31.73 21.00
CA GLU B 590 4.22 -33.06 21.30
C GLU B 590 3.12 -34.11 21.26
N ASP B 591 1.89 -33.74 21.58
CA ASP B 591 0.78 -34.68 21.46
C ASP B 591 0.51 -35.04 20.01
N GLN B 592 0.55 -34.05 19.11
CA GLN B 592 0.39 -34.33 17.68
C GLN B 592 1.54 -35.18 17.15
N ILE B 593 2.77 -34.88 17.59
CA ILE B 593 3.93 -35.66 17.15
C ILE B 593 3.83 -37.11 17.64
N GLU B 594 3.44 -37.30 18.90
CA GLU B 594 3.29 -38.66 19.43
C GLU B 594 2.13 -39.40 18.78
N ALA B 595 1.06 -38.68 18.43
CA ALA B 595 -0.04 -39.29 17.70
C ALA B 595 0.40 -39.74 16.32
N ALA B 596 1.20 -38.91 15.64
CA ALA B 596 1.74 -39.31 14.34
C ALA B 596 2.67 -40.51 14.46
N ARG B 597 3.46 -40.56 15.54
CA ARG B 597 4.33 -41.72 15.77
C ARG B 597 3.53 -42.99 16.00
N GLN B 598 2.45 -42.89 16.79
CA GLN B 598 1.58 -44.05 17.01
C GLN B 598 0.90 -44.48 15.72
N PHE B 599 0.45 -43.52 14.91
CA PHE B 599 -0.20 -43.84 13.64
C PHE B 599 0.77 -44.52 12.69
N SER B 600 2.03 -44.06 12.66
CA SER B 600 3.03 -44.70 11.80
C SER B 600 3.43 -46.06 12.33
N LYS B 601 3.40 -46.27 13.64
CA LYS B 601 3.76 -47.56 14.23
C LYS B 601 2.60 -48.54 14.25
N MET B 602 1.38 -48.11 13.91
CA MET B 602 0.27 -49.05 13.78
C MET B 602 0.52 -50.05 12.67
N GLY B 603 0.93 -49.59 11.49
CA GLY B 603 1.32 -50.51 10.44
C GLY B 603 0.83 -50.19 9.05
N PHE B 604 -0.34 -49.56 8.92
CA PHE B 604 -0.92 -49.26 7.62
C PHE B 604 -0.60 -47.85 7.14
N VAL B 605 0.27 -47.13 7.82
CA VAL B 605 0.63 -45.76 7.49
C VAL B 605 2.07 -45.75 6.99
N ASP B 606 2.27 -45.18 5.80
CA ASP B 606 3.62 -45.03 5.26
C ASP B 606 4.40 -44.05 6.10
N ASN B 607 5.61 -44.44 6.51
CA ASN B 607 6.40 -43.63 7.43
C ASN B 607 7.06 -42.44 6.76
N LYS B 608 7.21 -42.46 5.44
CA LYS B 608 7.90 -41.40 4.71
C LYS B 608 6.96 -40.45 3.99
N ARG B 609 5.65 -40.60 4.17
CA ARG B 609 4.66 -39.81 3.45
C ARG B 609 3.62 -39.26 4.41
N ILE B 610 4.08 -38.68 5.51
CA ILE B 610 3.20 -38.10 6.52
C ILE B 610 3.23 -36.58 6.37
N ALA B 611 2.05 -35.98 6.26
CA ALA B 611 1.91 -34.54 6.13
C ALA B 611 1.02 -34.01 7.25
N ILE B 612 0.79 -32.70 7.24
CA ILE B 612 0.05 -32.03 8.30
C ILE B 612 -0.47 -30.71 7.74
N TRP B 613 -1.71 -30.37 8.07
CA TRP B 613 -2.29 -29.13 7.58
C TRP B 613 -3.27 -28.61 8.61
N GLY B 614 -3.52 -27.31 8.56
CA GLY B 614 -4.44 -26.71 9.51
C GLY B 614 -4.85 -25.31 9.11
N TRP B 615 -5.93 -24.85 9.73
CA TRP B 615 -6.48 -23.52 9.54
C TRP B 615 -6.46 -22.79 10.88
N SER B 616 -6.03 -21.53 10.87
CA SER B 616 -5.97 -20.65 12.06
C SER B 616 -5.03 -21.33 13.07
N TYR B 617 -5.53 -21.69 14.25
CA TYR B 617 -4.79 -22.43 15.26
C TYR B 617 -4.15 -23.70 14.70
N GLY B 618 -4.84 -24.38 13.80
CA GLY B 618 -4.29 -25.53 13.11
C GLY B 618 -3.04 -25.20 12.33
N GLY B 619 -3.02 -24.04 11.69
CA GLY B 619 -1.80 -23.59 11.02
C GLY B 619 -0.67 -23.31 11.98
N TYR B 620 -0.98 -22.76 13.16
CA TYR B 620 0.03 -22.52 14.17
C TYR B 620 0.62 -23.83 14.69
N VAL B 621 -0.24 -24.82 14.95
CA VAL B 621 0.23 -26.12 15.41
C VAL B 621 1.06 -26.80 14.32
N THR B 622 0.64 -26.68 13.06
CA THR B 622 1.41 -27.23 11.95
C THR B 622 2.79 -26.57 11.85
N SER B 623 2.83 -25.25 12.03
CA SER B 623 4.09 -24.52 11.96
C SER B 623 5.04 -24.93 13.08
N MET B 624 4.54 -25.07 14.31
CA MET B 624 5.41 -25.50 15.40
C MET B 624 5.80 -26.97 15.27
N VAL B 625 4.95 -27.80 14.65
CA VAL B 625 5.32 -29.20 14.42
C VAL B 625 6.45 -29.30 13.39
N LEU B 626 6.33 -28.55 12.29
CA LEU B 626 7.38 -28.57 11.28
C LEU B 626 8.66 -27.92 11.78
N GLY B 627 8.55 -26.88 12.60
CA GLY B 627 9.73 -26.25 13.16
C GLY B 627 10.34 -26.94 14.34
N SER B 628 9.72 -28.02 14.83
CA SER B 628 10.23 -28.73 15.99
C SER B 628 11.44 -29.59 15.67
N GLY B 629 11.69 -29.87 14.39
CA GLY B 629 12.83 -30.70 14.02
C GLY B 629 12.66 -32.16 14.33
N SER B 630 11.42 -32.65 14.46
CA SER B 630 11.20 -34.05 14.76
C SER B 630 11.53 -34.95 13.57
N GLY B 631 11.28 -34.49 12.35
CA GLY B 631 11.58 -35.26 11.17
C GLY B 631 10.56 -36.31 10.80
N VAL B 632 9.45 -36.40 11.53
CA VAL B 632 8.42 -37.37 11.20
C VAL B 632 7.68 -36.96 9.94
N PHE B 633 7.43 -35.66 9.76
CA PHE B 633 6.58 -35.16 8.70
C PHE B 633 7.41 -34.77 7.48
N LYS B 634 6.77 -34.88 6.30
CA LYS B 634 7.42 -34.53 5.05
C LYS B 634 7.12 -33.09 4.62
N CYS B 635 5.84 -32.77 4.45
CA CYS B 635 5.42 -31.44 4.03
C CYS B 635 4.31 -30.95 4.95
N GLY B 636 4.03 -29.66 4.86
CA GLY B 636 3.02 -29.05 5.71
C GLY B 636 2.35 -27.87 5.05
N ILE B 637 1.09 -27.64 5.40
CA ILE B 637 0.30 -26.51 4.91
C ILE B 637 -0.19 -25.73 6.11
N ALA B 638 -0.05 -24.41 6.06
CA ALA B 638 -0.51 -23.53 7.13
C ALA B 638 -1.36 -22.42 6.50
N VAL B 639 -2.69 -22.58 6.57
CA VAL B 639 -3.61 -21.63 5.97
C VAL B 639 -3.99 -20.61 7.03
N ALA B 640 -3.52 -19.37 6.84
CA ALA B 640 -3.69 -18.28 7.78
C ALA B 640 -3.28 -18.64 9.21
N PRO B 641 -2.01 -18.94 9.44
CA PRO B 641 -1.60 -19.41 10.76
C PRO B 641 -1.34 -18.27 11.73
N VAL B 642 -1.31 -18.62 13.01
CA VAL B 642 -0.87 -17.71 14.05
C VAL B 642 0.63 -17.88 14.20
N SER B 643 1.36 -16.77 14.23
CA SER B 643 2.81 -16.80 14.32
C SER B 643 3.30 -16.41 15.72
N ARG B 644 2.90 -15.25 16.22
CA ARG B 644 3.28 -14.76 17.53
C ARG B 644 2.03 -14.42 18.32
N TRP B 645 2.03 -14.77 19.60
CA TRP B 645 0.83 -14.58 20.40
C TRP B 645 0.63 -13.13 20.83
N GLU B 646 1.66 -12.28 20.70
CA GLU B 646 1.44 -10.85 20.88
C GLU B 646 0.64 -10.24 19.75
N TYR B 647 0.64 -10.88 18.57
CA TYR B 647 -0.09 -10.34 17.43
C TYR B 647 -1.59 -10.59 17.53
N TYR B 648 -1.99 -11.69 18.16
CA TYR B 648 -3.40 -12.06 18.22
C TYR B 648 -4.12 -11.19 19.26
N ASP B 649 -5.45 -11.29 19.26
CA ASP B 649 -6.26 -10.37 20.04
C ASP B 649 -6.17 -10.68 21.53
N SER B 650 -6.67 -9.75 22.34
CA SER B 650 -6.39 -9.75 23.77
C SER B 650 -7.17 -10.85 24.49
N VAL B 651 -8.45 -11.04 24.16
CA VAL B 651 -9.30 -11.92 24.94
C VAL B 651 -8.86 -13.38 24.76
N TYR B 652 -8.68 -13.81 23.51
CA TYR B 652 -8.31 -15.20 23.24
C TYR B 652 -6.92 -15.52 23.77
N THR B 653 -5.96 -14.60 23.61
CA THR B 653 -4.61 -14.87 24.09
C THR B 653 -4.55 -14.83 25.62
N GLU B 654 -5.17 -13.83 26.24
CA GLU B 654 -5.12 -13.68 27.69
C GLU B 654 -5.93 -14.72 28.43
N ARG B 655 -6.88 -15.40 27.76
CA ARG B 655 -7.61 -16.45 28.43
C ARG B 655 -6.73 -17.66 28.72
N TYR B 656 -5.88 -18.05 27.77
CA TYR B 656 -5.06 -19.25 27.91
C TYR B 656 -3.58 -18.98 28.12
N MET B 657 -3.15 -17.71 28.15
CA MET B 657 -1.74 -17.40 28.35
C MET B 657 -1.49 -16.31 29.38
N GLY B 658 -2.47 -15.49 29.72
CA GLY B 658 -2.26 -14.38 30.63
C GLY B 658 -1.63 -13.19 29.93
N LEU B 659 -1.46 -12.11 30.70
CA LEU B 659 -0.89 -10.88 30.15
C LEU B 659 0.60 -11.05 29.90
N PRO B 660 1.12 -10.46 28.80
CA PRO B 660 2.56 -10.51 28.50
C PRO B 660 3.38 -9.42 29.21
N THR B 661 3.15 -9.26 30.51
CA THR B 661 4.01 -8.42 31.30
C THR B 661 5.34 -9.14 31.52
N PRO B 662 6.44 -8.40 31.74
CA PRO B 662 7.75 -9.07 31.92
C PRO B 662 7.82 -10.01 33.11
N GLU B 663 6.99 -9.83 34.12
CA GLU B 663 7.09 -10.60 35.35
C GLU B 663 6.06 -11.72 35.45
N ASP B 664 5.20 -11.91 34.45
CA ASP B 664 4.18 -12.95 34.52
C ASP B 664 4.36 -14.04 33.48
N ASN B 665 4.33 -13.72 32.19
CA ASN B 665 4.41 -14.77 31.19
C ASN B 665 5.16 -14.38 29.92
N LEU B 666 5.98 -13.32 29.94
CA LEU B 666 6.66 -12.87 28.72
C LEU B 666 7.65 -13.91 28.20
N ASP B 667 8.18 -14.75 29.08
CA ASP B 667 9.13 -15.78 28.67
C ASP B 667 8.50 -16.78 27.71
N HIS B 668 7.29 -17.24 28.01
CA HIS B 668 6.66 -18.20 27.11
C HIS B 668 5.99 -17.50 25.94
N TYR B 669 5.73 -16.20 26.06
CA TYR B 669 5.31 -15.43 24.88
C TYR B 669 6.44 -15.38 23.86
N ARG B 670 7.67 -15.20 24.31
CA ARG B 670 8.80 -15.15 23.39
C ARG B 670 9.44 -16.51 23.14
N ASN B 671 8.98 -17.57 23.81
CA ASN B 671 9.47 -18.91 23.52
C ASN B 671 8.55 -19.71 22.60
N SER B 672 7.28 -19.33 22.48
CA SER B 672 6.30 -20.10 21.72
C SER B 672 5.99 -19.45 20.37
N THR B 673 7.01 -18.92 19.69
CA THR B 673 6.83 -18.30 18.40
C THR B 673 7.33 -19.23 17.30
N VAL B 674 6.71 -19.11 16.12
CA VAL B 674 7.14 -19.89 14.96
C VAL B 674 8.52 -19.41 14.49
N MET B 675 8.76 -18.10 14.54
CA MET B 675 9.99 -17.52 14.01
C MET B 675 11.23 -17.91 14.81
N SER B 676 11.05 -18.36 16.06
CA SER B 676 12.19 -18.80 16.85
C SER B 676 12.73 -20.15 16.41
N ARG B 677 11.95 -20.91 15.66
CA ARG B 677 12.34 -22.25 15.21
C ARG B 677 12.31 -22.35 13.69
N ALA B 678 12.72 -21.29 13.02
CA ALA B 678 12.76 -21.28 11.55
C ALA B 678 14.00 -21.99 11.00
N GLU B 679 14.96 -22.33 11.85
CA GLU B 679 16.15 -23.05 11.38
C GLU B 679 15.83 -24.48 10.98
N ASN B 680 14.86 -25.11 11.66
CA ASN B 680 14.53 -26.50 11.42
C ASN B 680 13.58 -26.70 10.25
N PHE B 681 13.16 -25.62 9.58
CA PHE B 681 12.27 -25.73 8.44
C PHE B 681 12.96 -26.23 7.17
N LYS B 682 14.29 -26.36 7.18
CA LYS B 682 15.01 -26.75 5.99
C LYS B 682 14.75 -28.20 5.59
N GLN B 683 14.29 -29.03 6.51
CA GLN B 683 14.05 -30.44 6.23
C GLN B 683 12.63 -30.74 5.76
N VAL B 684 11.75 -29.74 5.72
CA VAL B 684 10.36 -29.95 5.36
C VAL B 684 9.97 -28.98 4.25
N GLU B 685 8.87 -29.29 3.58
CA GLU B 685 8.27 -28.42 2.57
C GLU B 685 7.11 -27.67 3.20
N TYR B 686 7.10 -26.35 3.04
CA TYR B 686 6.15 -25.49 3.72
C TYR B 686 5.29 -24.76 2.68
N LEU B 687 3.98 -24.76 2.91
CA LEU B 687 3.05 -23.96 2.11
C LEU B 687 2.34 -22.99 3.05
N LEU B 688 2.45 -21.70 2.74
CA LEU B 688 1.95 -20.64 3.62
C LEU B 688 0.92 -19.83 2.86
N ILE B 689 -0.34 -19.95 3.24
CA ILE B 689 -1.46 -19.28 2.59
C ILE B 689 -2.13 -18.36 3.59
N HIS B 690 -2.34 -17.10 3.19
CA HIS B 690 -3.01 -16.14 4.06
C HIS B 690 -3.70 -15.08 3.20
N GLY B 691 -4.87 -14.65 3.65
CA GLY B 691 -5.60 -13.60 2.98
C GLY B 691 -5.14 -12.23 3.43
N THR B 692 -5.05 -11.30 2.47
CA THR B 692 -4.56 -9.96 2.78
C THR B 692 -5.57 -9.16 3.58
N ALA B 693 -6.87 -9.36 3.32
CA ALA B 693 -7.92 -8.65 4.03
C ALA B 693 -8.40 -9.41 5.27
N ASP B 694 -7.58 -10.29 5.81
CA ASP B 694 -7.96 -11.03 7.00
C ASP B 694 -7.94 -10.13 8.22
N ASP B 695 -9.02 -10.17 9.00
CA ASP B 695 -9.13 -9.38 10.22
C ASP B 695 -8.97 -10.20 11.49
N ASN B 696 -9.26 -11.50 11.45
CA ASN B 696 -9.08 -12.33 12.64
C ASN B 696 -7.61 -12.59 12.92
N VAL B 697 -6.94 -13.27 11.99
CA VAL B 697 -5.50 -13.46 12.03
C VAL B 697 -4.92 -12.65 10.88
N HIS B 698 -4.31 -11.51 11.20
CA HIS B 698 -3.90 -10.56 10.19
C HIS B 698 -2.74 -11.10 9.35
N PHE B 699 -2.51 -10.44 8.21
CA PHE B 699 -1.42 -10.78 7.32
C PHE B 699 -0.05 -10.53 7.92
N GLN B 700 0.01 -9.80 9.04
CA GLN B 700 1.27 -9.53 9.73
C GLN B 700 1.94 -10.81 10.20
N GLN B 701 1.17 -11.80 10.65
CA GLN B 701 1.75 -13.03 11.18
C GLN B 701 2.43 -13.84 10.07
N SER B 702 1.75 -14.03 8.94
CA SER B 702 2.37 -14.72 7.82
C SER B 702 3.50 -13.91 7.21
N ALA B 703 3.40 -12.58 7.25
CA ALA B 703 4.51 -11.75 6.80
C ALA B 703 5.75 -11.94 7.67
N GLN B 704 5.55 -12.03 8.99
CA GLN B 704 6.68 -12.28 9.89
C GLN B 704 7.26 -13.67 9.68
N ILE B 705 6.40 -14.65 9.43
CA ILE B 705 6.87 -16.01 9.14
C ILE B 705 7.71 -16.02 7.87
N SER B 706 7.24 -15.34 6.83
CA SER B 706 8.00 -15.25 5.58
C SER B 706 9.32 -14.52 5.78
N LYS B 707 9.31 -13.44 6.57
CA LYS B 707 10.54 -12.68 6.83
C LYS B 707 11.56 -13.52 7.57
N ALA B 708 11.12 -14.27 8.59
CA ALA B 708 12.04 -15.14 9.32
C ALA B 708 12.55 -16.27 8.43
N LEU B 709 11.69 -16.82 7.57
CA LEU B 709 12.11 -17.94 6.74
C LEU B 709 13.05 -17.52 5.64
N VAL B 710 12.95 -16.27 5.16
CA VAL B 710 13.93 -15.80 4.20
C VAL B 710 15.17 -15.24 4.88
N ASP B 711 15.08 -14.85 6.16
CA ASP B 711 16.27 -14.44 6.89
C ASP B 711 17.15 -15.66 7.20
N VAL B 712 16.53 -16.77 7.58
CA VAL B 712 17.28 -18.01 7.78
C VAL B 712 17.75 -18.55 6.44
N GLY B 713 16.91 -18.46 5.41
CA GLY B 713 17.27 -18.95 4.09
C GLY B 713 16.67 -20.31 3.78
N VAL B 714 15.39 -20.46 4.05
CA VAL B 714 14.68 -21.72 3.84
C VAL B 714 13.74 -21.55 2.65
N ASP B 715 13.82 -22.48 1.70
CA ASP B 715 12.92 -22.46 0.55
C ASP B 715 11.55 -22.99 0.96
N PHE B 716 10.50 -22.30 0.51
CA PHE B 716 9.13 -22.65 0.84
C PHE B 716 8.19 -22.04 -0.19
N GLN B 717 6.98 -22.56 -0.22
CA GLN B 717 5.94 -22.05 -1.11
C GLN B 717 5.01 -21.11 -0.36
N ALA B 718 4.34 -20.23 -1.11
CA ALA B 718 3.47 -19.24 -0.52
C ALA B 718 2.40 -18.83 -1.51
N MET B 719 1.34 -18.20 -0.99
CA MET B 719 0.27 -17.62 -1.78
C MET B 719 -0.54 -16.67 -0.92
N TRP B 720 -0.77 -15.47 -1.42
CA TRP B 720 -1.66 -14.51 -0.79
C TRP B 720 -2.97 -14.45 -1.56
N TYR B 721 -4.06 -14.22 -0.85
CA TYR B 721 -5.38 -14.11 -1.44
C TYR B 721 -5.94 -12.74 -1.09
N THR B 722 -5.91 -11.84 -2.07
CA THR B 722 -6.35 -10.47 -1.85
C THR B 722 -7.87 -10.41 -1.67
N ASP B 723 -8.30 -9.46 -0.83
CA ASP B 723 -9.70 -9.21 -0.52
C ASP B 723 -10.40 -10.47 0.01
N GLU B 724 -9.69 -11.22 0.86
CA GLU B 724 -10.21 -12.47 1.39
C GLU B 724 -10.23 -12.43 2.91
N ASP B 725 -11.28 -13.00 3.49
CA ASP B 725 -11.48 -13.00 4.92
C ASP B 725 -10.75 -14.19 5.54
N HIS B 726 -11.06 -14.49 6.79
CA HIS B 726 -10.41 -15.60 7.48
C HIS B 726 -10.82 -16.94 6.90
N GLY B 727 -12.10 -17.10 6.56
CA GLY B 727 -12.57 -18.38 6.08
C GLY B 727 -12.37 -18.64 4.60
N ILE B 728 -11.98 -17.61 3.83
CA ILE B 728 -11.90 -17.63 2.37
C ILE B 728 -13.23 -18.14 1.83
N ALA B 729 -14.30 -17.36 2.05
CA ALA B 729 -15.65 -17.83 1.80
C ALA B 729 -16.15 -17.55 0.39
N SER B 730 -15.51 -16.65 -0.35
CA SER B 730 -15.91 -16.40 -1.73
C SER B 730 -15.61 -17.63 -2.59
N SER B 731 -16.56 -17.94 -3.49
CA SER B 731 -16.57 -19.24 -4.16
C SER B 731 -15.35 -19.44 -5.05
N THR B 732 -14.96 -18.40 -5.80
CA THR B 732 -13.80 -18.51 -6.69
C THR B 732 -12.52 -18.70 -5.89
N ALA B 733 -12.33 -17.92 -4.82
CA ALA B 733 -11.14 -18.06 -4.00
C ALA B 733 -11.14 -19.37 -3.24
N HIS B 734 -12.31 -19.83 -2.80
CA HIS B 734 -12.42 -21.12 -2.11
C HIS B 734 -12.02 -22.27 -3.03
N GLN B 735 -12.54 -22.27 -4.27
CA GLN B 735 -12.16 -23.29 -5.24
C GLN B 735 -10.68 -23.22 -5.57
N HIS B 736 -10.14 -22.00 -5.71
CA HIS B 736 -8.72 -21.86 -6.05
C HIS B 736 -7.83 -22.34 -4.92
N ILE B 737 -8.16 -22.01 -3.66
CA ILE B 737 -7.31 -22.40 -2.55
C ILE B 737 -7.37 -23.91 -2.33
N TYR B 738 -8.54 -24.53 -2.51
CA TYR B 738 -8.59 -25.97 -2.32
C TYR B 738 -7.94 -26.72 -3.49
N THR B 739 -8.02 -26.16 -4.71
CA THR B 739 -7.29 -26.74 -5.83
C THR B 739 -5.78 -26.63 -5.63
N HIS B 740 -5.30 -25.50 -5.09
CA HIS B 740 -3.87 -25.32 -4.87
C HIS B 740 -3.36 -26.24 -3.77
N MET B 741 -4.13 -26.39 -2.68
CA MET B 741 -3.71 -27.34 -1.64
C MET B 741 -3.76 -28.77 -2.14
N SER B 742 -4.73 -29.10 -3.00
CA SER B 742 -4.75 -30.43 -3.61
C SER B 742 -3.53 -30.67 -4.48
N HIS B 743 -3.14 -29.65 -5.27
CA HIS B 743 -1.94 -29.77 -6.11
C HIS B 743 -0.68 -29.93 -5.26
N PHE B 744 -0.58 -29.16 -4.16
CA PHE B 744 0.58 -29.27 -3.29
C PHE B 744 0.66 -30.63 -2.61
N ILE B 745 -0.49 -31.15 -2.18
CA ILE B 745 -0.51 -32.47 -1.55
C ILE B 745 -0.13 -33.56 -2.55
N LYS B 746 -0.65 -33.46 -3.79
CA LYS B 746 -0.33 -34.44 -4.81
C LYS B 746 1.15 -34.39 -5.19
N GLN B 747 1.73 -33.19 -5.28
CA GLN B 747 3.14 -33.07 -5.62
C GLN B 747 4.03 -33.55 -4.48
N CYS B 748 3.65 -33.26 -3.22
CA CYS B 748 4.45 -33.66 -2.08
C CYS B 748 4.49 -35.18 -1.92
N PHE B 749 3.37 -35.84 -2.21
CA PHE B 749 3.27 -37.28 -2.03
C PHE B 749 3.73 -38.08 -3.23
N SER B 750 4.24 -37.40 -4.27
CA SER B 750 4.72 -38.02 -5.51
C SER B 750 3.63 -38.87 -6.18
N LEU B 751 2.40 -38.36 -6.16
CA LEU B 751 1.20 -38.94 -6.73
C LEU B 751 0.93 -38.35 -8.10
N PRO B 752 0.27 -39.11 -9.01
CA PRO B 752 -0.09 -38.58 -10.33
C PRO B 752 -1.10 -37.45 -10.27
N VAL C 31 -19.83 74.71 -5.09
CA VAL C 31 -19.46 74.29 -3.75
C VAL C 31 -17.95 74.38 -3.56
N GLU C 32 -17.47 73.82 -2.45
CA GLU C 32 -16.04 73.78 -2.14
C GLU C 32 -15.57 72.34 -2.10
N CYS C 33 -14.49 72.05 -2.82
CA CYS C 33 -13.98 70.69 -2.95
C CYS C 33 -12.46 70.70 -2.78
N ASP C 34 -11.93 69.53 -2.42
CA ASP C 34 -10.50 69.36 -2.19
C ASP C 34 -10.15 67.89 -2.35
N PHE C 35 -8.95 67.51 -1.92
CA PHE C 35 -8.42 66.16 -2.11
C PHE C 35 -8.80 65.29 -0.91
N THR C 36 -10.10 65.01 -0.81
CA THR C 36 -10.63 64.20 0.29
C THR C 36 -10.76 62.72 -0.06
N LYS C 37 -11.09 62.39 -1.31
CA LYS C 37 -11.31 61.00 -1.69
C LYS C 37 -10.01 60.23 -1.86
N LEU C 38 -8.86 60.89 -1.90
CA LEU C 38 -7.60 60.20 -2.09
C LEU C 38 -7.09 59.55 -0.81
N LEU C 39 -7.55 59.99 0.36
CA LEU C 39 -7.08 59.49 1.63
C LEU C 39 -8.05 58.51 2.29
N SER C 40 -9.07 58.06 1.56
CA SER C 40 -10.10 57.18 2.10
C SER C 40 -9.84 55.75 1.62
N GLY C 41 -9.91 54.80 2.55
CA GLY C 41 -9.76 53.40 2.20
C GLY C 41 -8.31 53.01 1.92
N THR C 42 -8.16 51.82 1.37
CA THR C 42 -6.82 51.35 1.06
C THR C 42 -6.38 51.85 -0.32
N PRO C 43 -5.11 52.26 -0.46
CA PRO C 43 -4.63 52.70 -1.77
C PRO C 43 -4.51 51.51 -2.71
N PRO C 44 -4.73 51.72 -4.01
CA PRO C 44 -4.53 50.63 -4.96
C PRO C 44 -3.10 50.59 -5.46
N GLN C 45 -2.78 49.64 -6.33
CA GLN C 45 -1.43 49.50 -6.84
C GLN C 45 -1.30 50.20 -8.19
N VAL C 46 -0.10 50.14 -8.77
CA VAL C 46 0.26 51.00 -9.90
C VAL C 46 -0.56 50.65 -11.15
N TYR C 47 -0.89 49.37 -11.35
CA TYR C 47 -1.76 48.98 -12.45
C TYR C 47 -3.23 49.24 -12.16
N ASN C 48 -3.61 49.27 -10.88
CA ASN C 48 -5.00 49.47 -10.46
C ASN C 48 -5.26 50.93 -10.14
N PHE C 49 -4.61 51.80 -10.91
CA PHE C 49 -4.64 53.23 -10.67
C PHE C 49 -6.03 53.82 -10.85
N ASN C 50 -6.33 54.84 -10.06
CA ASN C 50 -7.66 55.46 -10.02
C ASN C 50 -7.56 56.88 -10.55
N ARG C 51 -8.09 57.11 -11.74
CA ARG C 51 -8.30 58.48 -12.20
C ARG C 51 -9.51 59.09 -11.49
N LEU C 52 -9.38 60.34 -11.08
CA LEU C 52 -10.49 61.07 -10.49
C LEU C 52 -10.48 62.49 -11.03
N VAL C 53 -11.67 63.03 -11.33
CA VAL C 53 -11.82 64.40 -11.80
C VAL C 53 -12.75 65.12 -10.83
N PHE C 54 -12.25 66.17 -10.21
CA PHE C 54 -13.01 66.96 -9.24
C PHE C 54 -12.37 68.34 -9.15
N THR C 55 -12.72 69.08 -8.09
CA THR C 55 -12.34 70.49 -7.88
C THR C 55 -12.65 71.34 -9.11
N ASN C 56 -13.84 71.15 -9.66
CA ASN C 56 -14.25 71.89 -10.85
C ASN C 56 -14.47 73.37 -10.55
N CYS C 57 -15.11 73.68 -9.43
CA CYS C 57 -15.45 75.06 -9.09
C CYS C 57 -14.27 75.80 -8.47
N ASN C 58 -13.67 75.22 -7.44
CA ASN C 58 -12.53 75.80 -6.75
C ASN C 58 -11.47 74.74 -6.59
N TYR C 59 -10.20 75.14 -6.60
CA TYR C 59 -9.09 74.21 -6.48
C TYR C 59 -8.20 74.66 -5.33
N ASN C 60 -7.85 73.73 -4.45
CA ASN C 60 -7.11 74.03 -3.24
C ASN C 60 -5.63 73.65 -3.42
N LEU C 61 -4.76 74.45 -2.81
CA LEU C 61 -3.34 74.43 -3.10
C LEU C 61 -2.53 74.13 -1.84
N THR C 62 -1.55 73.24 -1.99
CA THR C 62 -0.52 72.91 -0.99
C THR C 62 -1.11 72.51 0.37
N LYS C 63 -1.99 71.51 0.34
CA LYS C 63 -2.34 70.78 1.54
C LYS C 63 -2.11 69.28 1.45
N LEU C 64 -2.27 68.68 0.27
CA LEU C 64 -1.88 67.29 0.10
C LEU C 64 -0.36 67.16 0.12
N LEU C 65 0.35 68.20 -0.31
CA LEU C 65 1.81 68.23 -0.19
C LEU C 65 2.24 68.48 1.24
N SER C 66 1.42 69.19 2.01
CA SER C 66 1.75 69.47 3.41
C SER C 66 1.62 68.21 4.27
N LEU C 67 0.54 67.46 4.08
CA LEU C 67 0.35 66.25 4.87
C LEU C 67 1.24 65.10 4.40
N PHE C 68 1.54 65.05 3.10
CA PHE C 68 2.35 63.97 2.52
C PHE C 68 3.52 64.66 1.82
N MET C 69 4.71 64.57 2.42
CA MET C 69 5.85 65.33 1.91
C MET C 69 6.33 64.80 0.57
N VAL C 70 7.04 65.63 -0.19
CA VAL C 70 7.48 65.32 -1.54
C VAL C 70 8.88 64.73 -1.49
N ASN C 71 9.13 63.74 -2.34
CA ASN C 71 10.47 63.15 -2.45
C ASN C 71 11.21 63.58 -3.71
N GLU C 72 10.48 63.87 -4.79
CA GLU C 72 11.08 64.44 -5.99
C GLU C 72 10.02 65.21 -6.76
N PHE C 73 10.46 66.19 -7.54
CA PHE C 73 9.55 66.95 -8.39
C PHE C 73 10.31 67.31 -9.67
N SER C 74 10.13 66.49 -10.71
CA SER C 74 10.73 66.75 -12.02
C SER C 74 9.76 66.26 -13.08
N CYS C 75 9.29 67.19 -13.92
CA CYS C 75 8.30 66.86 -14.93
C CYS C 75 8.35 67.77 -16.17
N ASP C 76 8.00 67.25 -17.35
CA ASP C 76 8.08 67.99 -18.61
C ASP C 76 6.76 68.69 -18.92
N SER C 79 6.87 72.82 -13.70
CA SER C 79 7.29 73.58 -12.53
C SER C 79 6.18 73.65 -11.49
N PRO C 80 6.54 73.62 -10.21
CA PRO C 80 5.52 73.77 -9.15
C PRO C 80 4.80 75.10 -9.20
N ASP C 81 5.48 76.17 -9.62
CA ASP C 81 4.86 77.50 -9.63
C ASP C 81 3.79 77.61 -10.71
N ALA C 82 4.03 76.99 -11.87
CA ALA C 82 3.07 77.06 -12.96
C ALA C 82 1.80 76.28 -12.63
N ILE C 83 1.93 75.12 -11.97
CA ILE C 83 0.78 74.33 -11.58
C ILE C 83 0.16 74.79 -10.26
N ALA C 84 0.83 75.65 -9.51
CA ALA C 84 0.31 76.11 -8.24
C ALA C 84 -0.75 77.18 -8.43
N ARG C 85 -0.36 78.30 -9.03
CA ARG C 85 -1.27 79.42 -9.29
C ARG C 85 -1.57 79.50 -10.79
N GLY C 86 -2.82 79.78 -11.12
CA GLY C 86 -3.28 79.81 -12.48
C GLY C 86 -4.53 78.97 -12.65
N CYS C 87 -5.58 79.57 -13.20
CA CYS C 87 -6.84 78.85 -13.35
C CYS C 87 -6.75 77.85 -14.49
N TYR C 88 -7.60 76.82 -14.41
CA TYR C 88 -7.59 75.72 -15.36
C TYR C 88 -9.02 75.40 -15.76
N SER C 89 -9.20 74.30 -16.48
CA SER C 89 -10.51 73.87 -16.95
C SER C 89 -10.94 72.52 -16.38
N SER C 90 -10.05 71.53 -16.39
CA SER C 90 -10.38 70.20 -15.88
C SER C 90 -9.12 69.57 -15.32
N LEU C 91 -9.13 69.27 -14.02
CA LEU C 91 -7.98 68.70 -13.33
C LEU C 91 -8.27 67.24 -13.00
N THR C 92 -7.34 66.36 -13.36
CA THR C 92 -7.43 64.95 -13.01
C THR C 92 -6.21 64.56 -12.19
N VAL C 93 -6.36 63.48 -11.42
CA VAL C 93 -5.33 63.02 -10.49
C VAL C 93 -5.09 61.54 -10.73
N ASP C 94 -3.94 61.05 -10.29
CA ASP C 94 -3.61 59.63 -10.33
C ASP C 94 -2.82 59.29 -9.07
N TYR C 95 -3.29 58.28 -8.33
CA TYR C 95 -2.63 57.85 -7.11
C TYR C 95 -2.61 56.33 -7.02
N PHE C 96 -1.46 55.79 -6.61
CA PHE C 96 -1.27 54.35 -6.47
C PHE C 96 -0.10 54.11 -5.54
N ALA C 97 -0.08 52.91 -4.96
CA ALA C 97 1.00 52.53 -4.04
C ALA C 97 2.28 52.25 -4.81
N TYR C 98 3.36 52.93 -4.43
CA TYR C 98 4.61 52.88 -5.20
C TYR C 98 5.77 53.11 -4.24
N PRO C 99 6.59 52.08 -4.02
CA PRO C 99 7.71 52.23 -3.08
C PRO C 99 8.82 53.11 -3.64
N LEU C 100 9.57 53.72 -2.72
CA LEU C 100 10.72 54.55 -3.08
C LEU C 100 11.98 53.75 -3.35
N SER C 101 12.04 52.49 -2.93
CA SER C 101 13.23 51.67 -3.16
C SER C 101 13.37 51.27 -4.62
N MET C 102 12.35 51.49 -5.43
CA MET C 102 12.33 51.19 -6.85
C MET C 102 11.60 52.38 -7.46
N LYS C 103 12.37 53.25 -8.12
CA LYS C 103 11.81 54.47 -8.72
C LYS C 103 12.19 54.68 -10.17
N SER C 104 13.19 53.98 -10.69
CA SER C 104 13.83 54.38 -11.94
C SER C 104 13.16 53.80 -13.19
N TYR C 105 12.19 52.89 -13.04
CA TYR C 105 11.52 52.37 -14.23
C TYR C 105 10.55 53.38 -14.83
N MET C 106 9.93 54.23 -14.01
CA MET C 106 8.96 55.20 -14.50
C MET C 106 9.65 56.55 -14.62
N GLN C 107 10.12 56.85 -15.81
CA GLN C 107 10.79 58.10 -16.16
C GLN C 107 10.11 58.63 -17.41
N PRO C 108 10.35 59.90 -17.77
CA PRO C 108 9.91 60.37 -19.09
C PRO C 108 10.49 59.57 -20.24
N GLY C 109 11.75 59.17 -20.13
CA GLY C 109 12.33 58.20 -21.04
C GLY C 109 12.96 57.05 -20.30
N SER C 110 12.39 55.85 -20.43
CA SER C 110 12.88 54.68 -19.73
C SER C 110 12.37 53.43 -20.44
N ALA C 111 12.99 52.30 -20.11
CA ALA C 111 12.62 51.01 -20.68
C ALA C 111 12.28 50.00 -19.59
N GLY C 112 11.63 50.47 -18.52
CA GLY C 112 11.27 49.57 -17.43
C GLY C 112 10.09 48.68 -17.78
N VAL C 113 9.97 47.59 -17.02
CA VAL C 113 8.86 46.67 -17.22
C VAL C 113 7.54 47.30 -16.76
N ILE C 114 7.60 48.17 -15.75
CA ILE C 114 6.40 48.87 -15.27
C ILE C 114 5.91 49.86 -16.31
N SER C 115 6.84 50.55 -16.97
CA SER C 115 6.48 51.51 -18.01
C SER C 115 5.80 50.82 -19.18
N GLN C 116 6.27 49.62 -19.54
CA GLN C 116 5.73 48.95 -20.72
C GLN C 116 4.44 48.20 -20.42
N TYR C 117 4.30 47.62 -19.22
CA TYR C 117 3.08 46.88 -18.90
C TYR C 117 2.09 47.68 -18.07
N ASN C 118 2.50 48.16 -16.90
CA ASN C 118 1.55 48.59 -15.89
C ASN C 118 1.02 50.01 -16.16
N TYR C 119 1.90 50.99 -16.17
CA TYR C 119 1.49 52.37 -16.38
C TYR C 119 2.54 53.12 -17.17
N LYS C 120 2.10 53.95 -18.11
CA LYS C 120 2.97 54.81 -18.90
C LYS C 120 2.51 56.25 -18.71
N GLN C 121 3.48 57.16 -18.60
CA GLN C 121 3.17 58.57 -18.41
C GLN C 121 2.53 59.16 -19.66
N SER C 122 1.51 59.99 -19.45
CA SER C 122 0.79 60.62 -20.56
C SER C 122 1.41 61.99 -20.85
N PHE C 123 1.66 62.26 -22.13
CA PHE C 123 2.28 63.51 -22.56
C PHE C 123 1.34 64.36 -23.41
N ALA C 124 0.05 64.01 -23.47
CA ALA C 124 -0.90 64.80 -24.25
C ALA C 124 -1.25 66.12 -23.58
N ASN C 125 -1.15 66.18 -22.26
CA ASN C 125 -1.49 67.34 -21.47
C ASN C 125 -0.31 67.67 -20.56
N PRO C 126 -0.21 68.93 -20.09
CA PRO C 126 0.81 69.26 -19.09
C PRO C 126 0.57 68.48 -17.80
N THR C 127 1.49 67.58 -17.48
CA THR C 127 1.38 66.74 -16.31
C THR C 127 2.69 66.76 -15.52
N CYS C 128 2.58 66.50 -14.21
CA CYS C 128 3.75 66.41 -13.35
C CYS C 128 3.49 65.25 -12.42
N ARG C 129 4.54 64.60 -11.94
CA ARG C 129 4.45 63.45 -11.06
C ARG C 129 5.04 63.78 -9.69
N ILE C 130 4.57 63.07 -8.66
CA ILE C 130 4.98 63.27 -7.28
C ILE C 130 5.04 61.91 -6.61
N PHE C 131 6.14 61.63 -5.91
CA PHE C 131 6.27 60.44 -5.10
C PHE C 131 6.27 60.86 -3.63
N ALA C 132 5.36 60.29 -2.85
CA ALA C 132 5.13 60.70 -1.47
C ALA C 132 5.31 59.52 -0.53
N THR C 133 5.64 59.83 0.72
CA THR C 133 5.80 58.84 1.79
C THR C 133 4.84 59.18 2.91
N ALA C 134 4.15 58.16 3.44
CA ALA C 134 3.33 58.38 4.61
C ALA C 134 4.21 58.64 5.84
N PRO C 135 3.85 59.63 6.66
CA PRO C 135 4.60 59.85 7.91
C PRO C 135 4.23 58.82 8.98
N ALA C 136 4.72 59.03 10.20
CA ALA C 136 4.46 58.10 11.29
C ALA C 136 2.99 58.03 11.68
N ASN C 137 2.21 59.06 11.38
CA ASN C 137 0.77 59.04 11.62
C ASN C 137 0.09 58.05 10.69
N LEU C 138 -0.81 57.25 11.24
CA LEU C 138 -1.50 56.19 10.49
C LEU C 138 -2.84 56.65 9.93
N THR C 139 -2.83 57.78 9.20
CA THR C 139 -4.05 58.27 8.59
C THR C 139 -4.53 57.37 7.45
N ILE C 140 -3.60 56.71 6.77
CA ILE C 140 -3.93 55.80 5.68
C ILE C 140 -3.68 54.37 6.16
N THR C 141 -4.45 53.44 5.61
CA THR C 141 -4.34 52.03 5.98
C THR C 141 -3.45 51.30 4.98
N LYS C 142 -2.58 50.45 5.51
CA LYS C 142 -1.58 49.78 4.67
C LYS C 142 -2.18 48.54 4.02
N PRO C 143 -1.88 48.30 2.73
CA PRO C 143 -2.27 47.04 2.10
C PRO C 143 -1.33 45.91 2.49
N SER C 144 -1.50 44.74 1.86
CA SER C 144 -0.64 43.61 2.18
C SER C 144 0.80 43.86 1.74
N SER C 145 1.00 44.30 0.50
CA SER C 145 2.33 44.51 -0.06
C SER C 145 2.19 45.35 -1.33
N TYR C 146 3.32 45.61 -1.98
CA TYR C 146 3.34 46.27 -3.29
C TYR C 146 3.56 45.22 -4.37
N SER C 147 2.65 45.18 -5.33
CA SER C 147 2.69 44.17 -6.38
C SER C 147 2.49 44.82 -7.74
N PHE C 148 3.02 44.17 -8.78
CA PHE C 148 2.90 44.67 -10.14
C PHE C 148 3.12 43.52 -11.11
N ILE C 149 2.46 43.61 -12.25
CA ILE C 149 2.54 42.56 -13.28
C ILE C 149 3.91 42.62 -13.95
N SER C 150 4.58 41.47 -14.01
CA SER C 150 5.85 41.35 -14.72
C SER C 150 5.65 40.92 -16.17
N LYS C 151 4.63 40.09 -16.43
CA LYS C 151 4.35 39.60 -17.77
C LYS C 151 2.85 39.67 -18.04
N CYS C 152 2.50 40.31 -19.15
CA CYS C 152 1.10 40.39 -19.60
C CYS C 152 1.02 40.06 -21.08
N SER C 153 1.70 38.99 -21.49
CA SER C 153 1.83 38.65 -22.89
C SER C 153 0.68 37.75 -23.34
N ARG C 154 0.51 37.66 -24.66
CA ARG C 154 -0.54 36.88 -25.29
C ARG C 154 0.06 35.67 -25.97
N LEU C 155 -0.55 34.50 -25.75
CA LEU C 155 -0.10 33.24 -26.32
C LEU C 155 -0.99 32.89 -27.50
N THR C 156 -0.39 32.67 -28.67
CA THR C 156 -1.15 32.26 -29.83
C THR C 156 -0.29 31.34 -30.69
N GLY C 157 -0.96 30.48 -31.45
CA GLY C 157 -0.27 29.57 -32.36
C GLY C 157 -0.85 28.18 -32.44
N ASP C 158 -0.24 27.32 -33.24
CA ASP C 158 -0.70 25.94 -33.36
C ASP C 158 -0.45 25.18 -32.06
N ASN C 159 0.74 25.34 -31.47
CA ASN C 159 1.08 24.74 -30.19
C ASN C 159 1.26 25.80 -29.10
N SER C 160 0.72 27.00 -29.33
CA SER C 160 0.85 28.15 -28.42
C SER C 160 2.32 28.47 -28.14
N HIS C 161 3.14 28.53 -29.20
CA HIS C 161 4.56 28.76 -29.04
C HIS C 161 5.02 30.15 -29.45
N ILE C 162 4.18 30.93 -30.14
CA ILE C 162 4.52 32.31 -30.48
C ILE C 162 4.14 33.20 -29.30
N GLU C 163 5.08 34.03 -28.87
CA GLU C 163 4.89 34.91 -27.73
C GLU C 163 4.91 36.36 -28.18
N THR C 164 3.88 37.11 -27.78
CA THR C 164 3.75 38.52 -28.12
C THR C 164 3.38 39.29 -26.86
N PRO C 165 4.25 40.14 -26.34
CA PRO C 165 3.88 40.98 -25.19
C PRO C 165 2.85 42.03 -25.58
N ILE C 166 2.06 42.44 -24.60
CA ILE C 166 1.01 43.43 -24.80
C ILE C 166 1.44 44.76 -24.18
N VAL C 167 1.98 45.66 -24.99
CA VAL C 167 2.24 47.02 -24.53
C VAL C 167 0.91 47.75 -24.34
N ILE C 168 0.93 48.76 -23.49
CA ILE C 168 -0.30 49.45 -23.13
C ILE C 168 -0.16 50.94 -23.39
N ASN C 169 -1.30 51.58 -23.63
CA ASN C 169 -1.34 53.01 -23.84
C ASN C 169 -1.14 53.75 -22.51
N PRO C 170 -0.62 54.98 -22.54
CA PRO C 170 -0.46 55.74 -21.29
C PRO C 170 -1.76 56.02 -20.56
N GLY C 171 -2.88 56.14 -21.26
CA GLY C 171 -4.14 56.43 -20.63
C GLY C 171 -5.08 55.26 -20.49
N GLU C 172 -4.56 54.04 -20.65
CA GLU C 172 -5.39 52.85 -20.64
C GLU C 172 -4.85 51.83 -19.64
N TYR C 173 -5.76 51.01 -19.12
CA TYR C 173 -5.43 49.98 -18.14
C TYR C 173 -4.86 48.75 -18.84
N SER C 174 -3.97 48.05 -18.14
CA SER C 174 -3.44 46.79 -18.64
C SER C 174 -4.54 45.73 -18.66
N ILE C 175 -4.45 44.83 -19.64
CA ILE C 175 -5.46 43.79 -19.79
C ILE C 175 -5.32 42.67 -18.77
N CYS C 176 -4.23 42.64 -18.02
CA CYS C 176 -4.05 41.70 -16.91
C CYS C 176 -4.59 42.25 -15.60
N LYS C 177 -5.44 43.28 -15.65
CA LYS C 177 -5.97 43.88 -14.43
C LYS C 177 -6.92 42.94 -13.71
N ASN C 178 -7.66 42.12 -14.45
CA ASN C 178 -8.66 41.25 -13.83
C ASN C 178 -8.01 40.09 -13.07
N PHE C 179 -6.72 39.84 -13.29
CA PHE C 179 -6.04 38.86 -12.47
C PHE C 179 -5.72 39.43 -11.09
N ALA C 180 -6.69 39.39 -10.18
CA ALA C 180 -6.59 39.83 -8.79
C ALA C 180 -6.15 41.28 -8.71
N PRO C 181 -7.02 42.24 -9.05
CA PRO C 181 -6.61 43.66 -8.98
C PRO C 181 -6.33 44.15 -7.57
N ASN C 182 -6.79 43.45 -6.54
CA ASN C 182 -6.44 43.81 -5.17
C ASN C 182 -4.94 43.63 -4.92
N GLY C 183 -4.35 42.57 -5.45
CA GLY C 183 -2.93 42.36 -5.33
C GLY C 183 -2.57 40.91 -5.59
N PHE C 184 -1.25 40.68 -5.64
CA PHE C 184 -0.69 39.36 -5.83
C PHE C 184 -0.11 38.87 -4.51
N SER C 185 -0.49 37.64 -4.13
CA SER C 185 -0.10 37.12 -2.82
C SER C 185 1.39 36.80 -2.73
N GLN C 186 1.94 36.09 -3.73
CA GLN C 186 3.34 35.71 -3.73
C GLN C 186 4.01 36.23 -4.99
N ASP C 187 5.32 35.92 -5.09
CA ASP C 187 6.12 36.48 -6.18
C ASP C 187 5.80 35.82 -7.52
N GLY C 188 5.54 34.52 -7.52
CA GLY C 188 5.37 33.76 -8.74
C GLY C 188 3.95 33.50 -9.17
N ASP C 189 2.99 34.31 -8.72
CA ASP C 189 1.59 34.09 -9.11
C ASP C 189 1.37 34.36 -10.59
N TYR C 190 0.83 33.37 -11.28
CA TYR C 190 0.41 33.50 -12.66
C TYR C 190 -1.06 33.12 -12.75
N PHE C 191 -1.84 33.95 -13.43
CA PHE C 191 -3.25 33.67 -13.67
C PHE C 191 -3.51 33.79 -15.16
N THR C 192 -4.15 32.78 -15.73
CA THR C 192 -4.39 32.74 -17.17
C THR C 192 -5.89 32.80 -17.45
N ARG C 193 -6.22 33.41 -18.58
CA ARG C 193 -7.60 33.54 -19.02
C ARG C 193 -7.62 33.61 -20.54
N GLN C 194 -8.48 32.80 -21.15
CA GLN C 194 -8.61 32.82 -22.61
C GLN C 194 -9.30 34.12 -23.04
N LEU C 195 -8.61 34.89 -23.87
CA LEU C 195 -9.12 36.18 -24.33
C LEU C 195 -10.29 36.00 -25.26
N SER C 196 -11.21 36.95 -25.22
CA SER C 196 -12.32 36.97 -26.15
C SER C 196 -11.86 37.38 -27.54
N GLN C 197 -12.65 37.08 -28.54
CA GLN C 197 -12.30 37.54 -29.83
C GLN C 197 -12.60 38.97 -29.68
N LEU C 198 -12.28 39.78 -30.67
CA LEU C 198 -12.44 41.21 -30.51
C LEU C 198 -11.36 41.65 -29.57
N GLU C 199 -10.35 40.81 -29.39
CA GLU C 199 -9.20 41.16 -28.56
C GLU C 199 -7.91 40.48 -29.07
N GLY C 200 -8.01 39.51 -29.99
CA GLY C 200 -6.82 38.84 -30.47
C GLY C 200 -7.00 37.35 -30.69
N GLY C 201 -7.90 36.73 -29.94
CA GLY C 201 -8.13 35.30 -30.07
C GLY C 201 -6.97 34.41 -29.64
N GLY C 202 -6.36 34.71 -28.50
CA GLY C 202 -5.28 33.89 -27.99
C GLY C 202 -5.34 33.83 -26.48
N ILE C 203 -4.64 32.84 -25.91
CA ILE C 203 -4.62 32.68 -24.47
C ILE C 203 -3.74 33.75 -23.85
N LEU C 204 -4.24 34.38 -22.79
CA LEU C 204 -3.52 35.44 -22.09
C LEU C 204 -2.94 34.90 -20.80
N VAL C 205 -1.66 35.18 -20.57
CA VAL C 205 -0.95 34.76 -19.36
C VAL C 205 -0.49 36.02 -18.63
N GLY C 206 -0.90 36.14 -17.37
CA GLY C 206 -0.51 37.29 -16.56
C GLY C 206 0.24 36.88 -15.32
N VAL C 207 1.50 37.30 -15.21
CA VAL C 207 2.36 36.95 -14.08
C VAL C 207 2.69 38.22 -13.31
N GLY C 208 2.40 38.23 -12.02
CA GLY C 208 2.62 39.40 -11.21
C GLY C 208 3.61 39.19 -10.09
N SER C 209 4.59 40.08 -9.98
CA SER C 209 5.59 40.00 -8.92
C SER C 209 5.14 40.82 -7.72
N VAL C 210 5.92 40.72 -6.63
CA VAL C 210 5.63 41.43 -5.40
C VAL C 210 6.95 41.88 -4.78
N THR C 211 6.93 43.05 -4.13
CA THR C 211 8.02 43.56 -3.33
C THR C 211 7.63 43.57 -1.86
N PRO C 212 8.58 43.39 -0.94
CA PRO C 212 8.24 43.37 0.49
C PRO C 212 7.76 44.73 0.97
N MET C 213 6.90 44.69 2.00
CA MET C 213 6.36 45.92 2.56
C MET C 213 7.44 46.72 3.28
N THR C 214 7.42 48.03 3.07
CA THR C 214 8.35 48.94 3.73
C THR C 214 7.80 49.29 5.11
N ASP C 215 8.45 50.23 5.79
CA ASP C 215 8.04 50.61 7.13
C ASP C 215 6.76 51.44 7.11
N THR C 216 6.66 52.36 6.14
CA THR C 216 5.49 53.21 6.01
C THR C 216 4.96 53.15 4.58
N LEU C 217 3.69 53.51 4.43
CA LEU C 217 3.08 53.52 3.11
C LEU C 217 3.67 54.62 2.23
N GLN C 218 3.52 54.45 0.92
CA GLN C 218 4.23 55.28 -0.04
C GLN C 218 3.37 55.46 -1.28
N MET C 219 3.22 56.71 -1.71
CA MET C 219 2.20 57.12 -2.67
C MET C 219 2.85 57.70 -3.92
N GLY C 220 2.27 57.37 -5.08
CA GLY C 220 2.68 57.99 -6.33
C GLY C 220 1.62 58.90 -6.90
N PHE C 221 1.81 60.21 -6.76
CA PHE C 221 0.83 61.19 -7.18
C PHE C 221 1.18 61.73 -8.55
N ILE C 222 0.25 61.62 -9.48
CA ILE C 222 0.44 62.12 -10.84
C ILE C 222 -0.75 62.98 -11.21
N ILE C 223 -0.51 64.24 -11.53
CA ILE C 223 -1.55 65.23 -11.77
C ILE C 223 -1.45 65.70 -13.21
N SER C 224 -2.55 65.59 -13.95
CA SER C 224 -2.64 66.11 -15.31
C SER C 224 -3.77 67.12 -15.39
N VAL C 225 -3.60 68.14 -16.23
CA VAL C 225 -4.56 69.22 -16.32
C VAL C 225 -4.44 69.85 -17.69
N GLN C 226 -5.55 70.41 -18.18
CA GLN C 226 -5.63 71.02 -19.49
C GLN C 226 -6.35 72.36 -19.38
N TYR C 227 -5.91 73.33 -20.17
CA TYR C 227 -6.53 74.66 -20.19
C TYR C 227 -7.94 74.61 -20.75
N ASN C 232 -13.02 77.58 -18.36
CA ASN C 232 -12.07 77.89 -17.31
C ASN C 232 -12.77 78.10 -15.97
N SER C 233 -12.76 77.06 -15.13
CA SER C 233 -13.44 77.12 -13.84
C SER C 233 -12.53 76.70 -12.70
N VAL C 234 -11.57 75.82 -12.98
CA VAL C 234 -10.69 75.28 -11.95
C VAL C 234 -9.60 76.29 -11.64
N CYS C 235 -9.85 77.15 -10.65
CA CYS C 235 -8.90 78.20 -10.28
C CYS C 235 -8.71 78.20 -8.78
N PRO C 236 -7.49 78.48 -8.29
CA PRO C 236 -7.20 78.63 -6.85
C PRO C 236 -8.06 79.68 -6.15
C1 NAG D . 1.60 17.07 -28.62
C2 NAG D . 1.42 17.68 -30.04
C3 NAG D . 0.06 18.37 -30.19
C4 NAG D . -1.08 17.48 -29.70
C5 NAG D . -0.76 16.89 -28.32
C6 NAG D . -1.79 15.89 -27.85
C7 NAG D . 3.09 19.66 -30.10
C8 NAG D . 2.51 20.34 -28.88
N2 NAG D . 2.54 18.50 -30.53
O3 NAG D . -0.15 18.70 -31.57
O4 NAG D . -2.25 18.28 -29.58
O5 NAG D . 0.50 16.21 -28.34
O6 NAG D . -1.21 14.91 -27.00
O7 NAG D . 4.04 20.16 -30.69
C1 NAG D . -3.29 17.92 -30.50
C2 NAG D . -4.52 18.77 -30.13
C3 NAG D . -5.67 18.48 -31.08
C4 NAG D . -5.23 18.69 -32.52
C5 NAG D . -3.98 17.85 -32.82
C6 NAG D . -3.41 18.10 -34.19
C7 NAG D . -4.57 19.33 -27.74
C8 NAG D . -5.07 18.94 -26.38
N2 NAG D . -4.92 18.53 -28.75
O3 NAG D . -6.76 19.34 -30.78
O4 NAG D . -6.27 18.30 -33.41
O5 NAG D . -2.95 18.17 -31.87
O6 NAG D . -4.37 18.73 -35.04
O7 NAG D . -3.89 20.33 -27.91
C1 NAG E . 0.79 24.39 -2.17
C2 NAG E . 0.86 25.81 -1.63
C3 NAG E . -0.37 26.13 -0.78
C4 NAG E . -1.66 25.81 -1.54
C5 NAG E . -1.60 24.37 -2.06
C6 NAG E . -2.79 24.01 -2.93
C7 NAG E . 2.70 27.19 -0.78
C8 NAG E . 3.95 27.21 0.06
N2 NAG E . 2.07 26.02 -0.86
O3 NAG E . -0.37 27.50 -0.40
O4 NAG E . -2.78 25.96 -0.67
O5 NAG E . -0.44 24.20 -2.88
O6 NAG E . -2.42 23.08 -3.95
O7 NAG E . 2.30 28.19 -1.36
C1 NAG E . -3.63 27.03 -1.14
C2 NAG E . -5.08 26.66 -0.77
C3 NAG E . -6.03 27.76 -1.22
C4 NAG E . -5.58 29.11 -0.67
C5 NAG E . -4.12 29.38 -1.01
C6 NAG E . -3.58 30.64 -0.37
C7 NAG E . -5.61 24.25 -0.63
C8 NAG E . -5.37 24.36 0.85
N2 NAG E . -5.46 25.37 -1.34
O3 NAG E . -7.34 27.45 -0.79
O4 NAG E . -6.39 30.14 -1.23
O5 NAG E . -3.29 28.29 -0.56
O6 NAG E . -2.37 31.06 -1.00
O7 NAG E . -5.93 23.19 -1.16
C1 BMA E . -7.28 30.67 -0.21
C2 BMA E . -7.63 32.14 -0.58
C3 BMA E . -8.68 32.68 0.38
C4 BMA E . -9.89 31.72 0.51
C5 BMA E . -9.39 30.32 0.89
C6 BMA E . -10.52 29.31 0.98
O2 BMA E . -8.18 32.19 -1.89
O3 BMA E . -9.13 33.98 -0.03
O4 BMA E . -10.78 32.21 1.50
O5 BMA E . -8.46 29.88 -0.10
O6 BMA E . -11.07 29.14 -0.32
C1 NAG F . 31.83 35.12 -8.36
C2 NAG F . 32.74 36.28 -7.94
C3 NAG F . 31.91 37.53 -7.68
C4 NAG F . 31.02 37.85 -8.87
C5 NAG F . 30.19 36.62 -9.27
C6 NAG F . 29.40 36.83 -10.54
C7 NAG F . 34.81 35.60 -6.83
C8 NAG F . 35.47 35.27 -5.52
N2 NAG F . 33.52 35.92 -6.77
O3 NAG F . 32.79 38.62 -7.42
O4 NAG F . 30.12 38.89 -8.51
O5 NAG F . 31.06 35.51 -9.51
O6 NAG F . 30.13 37.60 -11.49
O7 NAG F . 35.44 35.59 -7.88
C1 NAG F . 30.39 40.11 -9.25
C2 NAG F . 29.71 41.27 -8.51
C3 NAG F . 30.00 42.59 -9.22
C4 NAG F . 31.50 42.78 -9.40
C5 NAG F . 32.11 41.57 -10.11
C6 NAG F . 33.61 41.63 -10.22
C7 NAG F . 27.70 40.47 -7.34
C8 NAG F . 26.22 40.33 -7.39
N2 NAG F . 28.28 41.04 -8.40
O3 NAG F . 29.47 43.66 -8.46
O4 NAG F . 31.75 43.94 -10.18
O5 NAG F . 31.80 40.37 -9.36
O6 NAG F . 34.16 40.38 -10.58
O7 NAG F . 28.36 40.08 -6.37
C1 NAG G . 12.33 34.97 8.87
C2 NAG G . 12.09 35.77 10.14
C3 NAG G . 11.37 34.90 11.18
C4 NAG G . 10.11 34.26 10.59
C5 NAG G . 10.45 33.54 9.29
C6 NAG G . 9.24 33.00 8.57
C7 NAG G . 13.63 37.59 10.70
C8 NAG G . 14.96 37.95 11.29
N2 NAG G . 13.33 36.29 10.68
O3 NAG G . 11.03 35.70 12.30
O4 NAG G . 9.60 33.32 11.54
O5 NAG G . 11.10 34.44 8.38
O6 NAG G . 8.37 34.05 8.16
O7 NAG G . 12.87 38.45 10.26
C1 NAG G . 8.28 33.70 11.98
C2 NAG G . 7.84 32.68 13.04
C3 NAG G . 6.44 33.02 13.55
C4 NAG G . 6.40 34.47 14.05
C5 NAG G . 6.90 35.42 12.97
C6 NAG G . 7.01 36.85 13.44
C7 NAG G . 8.88 30.48 12.70
C8 NAG G . 8.75 29.14 12.08
N2 NAG G . 7.87 31.33 12.50
O3 NAG G . 6.09 32.13 14.61
O4 NAG G . 5.06 34.82 14.40
O5 NAG G . 8.22 35.03 12.54
O6 NAG G . 7.86 36.96 14.57
O7 NAG G . 9.87 30.80 13.36
C1 NAG H . -45.23 -6.84 31.03
C2 NAG H . -46.68 -6.53 31.39
C3 NAG H . -46.75 -5.28 32.28
C4 NAG H . -45.81 -5.38 33.46
C5 NAG H . -44.40 -5.75 33.00
C6 NAG H . -43.43 -6.00 34.13
C7 NAG H . -48.77 -6.74 30.13
C8 NAG H . -49.44 -6.48 28.82
N2 NAG H . -47.49 -6.36 30.21
O3 NAG H . -48.09 -5.11 32.74
O4 NAG H . -45.76 -4.12 34.12
O5 NAG H . -44.44 -6.96 32.22
O6 NAG H . -44.07 -6.68 35.21
O7 NAG H . -49.36 -7.27 31.07
C1 NAG H . -46.30 -4.20 35.47
C2 NAG H . -46.23 -2.81 36.10
C3 NAG H . -46.84 -2.83 37.50
C4 NAG H . -48.23 -3.42 37.48
C5 NAG H . -48.22 -4.79 36.80
C6 NAG H . -49.59 -5.40 36.65
C7 NAG H . -44.34 -1.54 35.19
C8 NAG H . -42.92 -1.12 35.40
N2 NAG H . -44.87 -2.32 36.14
O3 NAG H . -46.88 -1.50 38.01
O4 NAG H . -48.72 -3.57 38.81
O5 NAG H . -47.66 -4.67 35.48
O6 NAG H . -50.58 -4.41 36.42
O7 NAG H . -44.99 -1.18 34.21
C1 NAG I . -15.19 6.77 26.23
C2 NAG I . -16.07 7.84 26.91
C3 NAG I . -15.33 9.18 26.95
C4 NAG I . -13.96 9.03 27.58
C5 NAG I . -13.17 7.94 26.84
C6 NAG I . -11.82 7.65 27.46
C7 NAG I . -18.50 7.55 26.72
C8 NAG I . -19.71 7.79 25.87
N2 NAG I . -17.34 7.97 26.22
O3 NAG I . -16.11 10.11 27.70
O4 NAG I . -13.25 10.26 27.52
O5 NAG I . -13.90 6.72 26.88
O6 NAG I . -11.48 6.28 27.33
O7 NAG I . -18.57 6.99 27.82
C1 NAG I . -13.06 10.80 28.84
C2 NAG I . -11.83 11.73 28.82
C3 NAG I . -11.62 12.34 30.20
C4 NAG I . -12.89 13.04 30.68
C5 NAG I . -14.07 12.07 30.62
C6 NAG I . -15.38 12.72 30.97
C7 NAG I . -10.23 10.96 27.12
C8 NAG I . -8.98 10.17 26.87
N2 NAG I . -10.65 11.00 28.40
O3 NAG I . -10.55 13.29 30.13
O4 NAG I . -12.72 13.48 32.01
O5 NAG I . -14.20 11.53 29.29
O6 NAG I . -16.08 11.99 31.97
O7 NAG I . -10.83 11.54 26.23
C1 NAG J . -32.18 14.71 23.74
C2 NAG J . -32.63 16.13 23.39
C3 NAG J . -31.83 16.66 22.20
C4 NAG J . -30.32 16.53 22.46
C5 NAG J . -29.98 15.10 22.86
C6 NAG J . -28.53 14.91 23.25
C7 NAG J . -34.98 16.42 24.01
C8 NAG J . -36.40 16.41 23.53
N2 NAG J . -34.05 16.16 23.09
O3 NAG J . -32.16 18.02 21.97
O4 NAG J . -29.62 16.87 21.26
O5 NAG J . -30.78 14.70 23.98
O6 NAG J . -28.35 15.09 24.65
O7 NAG J . -34.69 16.64 25.19
C1 NAG J . -28.80 18.05 21.48
C2 NAG J . -27.91 18.22 20.24
C3 NAG J . -27.03 19.45 20.40
C4 NAG J . -27.87 20.68 20.71
C5 NAG J . -28.77 20.42 21.91
C6 NAG J . -29.73 21.55 22.19
C7 NAG J . -27.40 16.12 19.06
C8 NAG J . -26.47 14.97 18.95
N2 NAG J . -27.11 17.03 20.00
O3 NAG J . -26.28 19.65 19.21
O4 NAG J . -27.02 21.79 21.00
O5 NAG J . -29.58 19.24 21.68
O6 NAG J . -30.59 21.26 23.28
O7 NAG J . -28.39 16.25 18.33
C1 NAG K . -5.88 -16.32 38.35
C2 NAG K . -5.68 -16.66 39.84
C3 NAG K . -4.61 -15.77 40.45
C4 NAG K . -3.32 -15.82 39.64
C5 NAG K . -3.62 -15.51 38.17
C6 NAG K . -2.42 -15.66 37.26
C7 NAG K . -7.52 -17.56 41.19
C8 NAG K . -8.80 -17.24 41.89
N2 NAG K . -6.94 -16.54 40.56
O3 NAG K . -4.36 -16.19 41.79
O4 NAG K . -2.39 -14.88 40.14
O5 NAG K . -4.63 -16.40 37.67
O6 NAG K . -2.43 -16.90 36.59
O7 NAG K . -7.03 -18.69 41.20
C1 NAG K . -1.27 -15.56 40.73
C2 NAG K . -0.16 -14.54 41.01
C3 NAG K . 1.04 -15.24 41.66
C4 NAG K . 0.61 -16.01 42.89
C5 NAG K . -0.54 -16.96 42.55
C6 NAG K . -1.11 -17.65 43.77
C7 NAG K . -0.18 -12.63 39.48
C8 NAG K . 0.34 -12.06 38.20
N2 NAG K . 0.25 -13.85 39.79
O3 NAG K . 2.01 -14.26 42.00
O4 NAG K . 1.70 -16.76 43.40
O5 NAG K . -1.62 -16.24 41.94
O6 NAG K . -1.75 -16.73 44.64
O7 NAG K . -0.95 -12.00 40.20
C1 NAG L . 45.44 0.65 7.01
C2 NAG L . 46.78 -0.08 7.22
C3 NAG L . 46.95 -1.23 6.22
C4 NAG L . 45.74 -2.16 6.28
C5 NAG L . 44.45 -1.35 6.08
C6 NAG L . 43.20 -2.20 6.23
C7 NAG L . 48.31 1.56 6.10
C8 NAG L . 49.53 2.42 6.33
N2 NAG L . 47.93 0.83 7.17
O3 NAG L . 48.13 -1.95 6.53
O4 NAG L . 45.83 -3.14 5.27
O5 NAG L . 44.36 -0.30 7.07
O6 NAG L . 42.40 -1.74 7.31
O7 NAG L . 47.73 1.54 5.02
C1 NAG M . 55.54 13.06 -7.76
C2 NAG M . 54.82 13.90 -6.70
C3 NAG M . 54.92 15.39 -7.04
C4 NAG M . 56.37 15.79 -7.24
C5 NAG M . 57.03 14.89 -8.29
C6 NAG M . 58.50 15.15 -8.46
C7 NAG M . 52.85 13.20 -5.42
C8 NAG M . 51.41 12.81 -5.47
N2 NAG M . 53.43 13.49 -6.58
O3 NAG M . 54.34 16.16 -5.99
O4 NAG M . 56.45 17.15 -7.68
O5 NAG M . 56.90 13.51 -7.89
O6 NAG M . 59.07 14.31 -9.45
O7 NAG M . 53.47 13.24 -4.35
C1 NAG N . 23.40 13.36 16.91
C2 NAG N . 23.68 14.61 17.76
C3 NAG N . 24.86 14.37 18.69
C4 NAG N . 24.65 13.10 19.51
C5 NAG N . 24.36 11.93 18.59
C6 NAG N . 24.02 10.65 19.34
C7 NAG N . 23.51 17.01 17.26
C8 NAG N . 23.84 18.09 16.28
N2 NAG N . 23.91 15.77 16.93
O3 NAG N . 25.02 15.49 19.56
O4 NAG N . 25.82 12.81 20.27
O5 NAG N . 23.22 12.23 17.76
O6 NAG N . 23.54 10.93 20.64
O7 NAG N . 22.90 17.23 18.30
C1 NAG O . -10.13 -0.69 -27.05
C2 NAG O . -10.49 -1.81 -28.02
C3 NAG O . -11.78 -1.48 -28.76
C4 NAG O . -12.90 -1.14 -27.78
C5 NAG O . -12.44 -0.05 -26.81
C6 NAG O . -13.45 0.22 -25.72
C7 NAG O . -8.66 -3.18 -28.98
C8 NAG O . -9.00 -4.22 -27.95
N2 NAG O . -9.41 -2.05 -28.96
O3 NAG O . -12.16 -2.58 -29.58
O4 NAG O . -14.04 -0.70 -28.48
O5 NAG O . -11.23 -0.46 -26.16
O6 NAG O . -12.96 -0.18 -24.44
O7 NAG O . -7.76 -3.34 -29.80
C1 NAG P . -42.84 -20.16 -6.32
C2 NAG P . -43.67 -21.39 -6.71
C3 NAG P . -42.79 -22.65 -6.68
C4 NAG P . -41.54 -22.46 -7.53
C5 NAG P . -40.81 -21.20 -7.10
C6 NAG P . -39.61 -20.88 -7.97
C7 NAG P . -46.03 -21.09 -6.11
C8 NAG P . -47.09 -21.35 -5.09
N2 NAG P . -44.81 -21.56 -5.83
O3 NAG P . -43.55 -23.76 -7.17
O4 NAG P . -40.69 -23.58 -7.40
O5 NAG P . -41.68 -20.07 -7.17
O6 NAG P . -39.46 -19.48 -8.15
O7 NAG P . -46.26 -20.49 -7.16
C1 NAG Q . -55.39 -28.01 10.33
C2 NAG Q . -56.53 -28.62 11.17
C3 NAG Q . -57.75 -27.69 11.13
C4 NAG Q . -57.36 -26.28 11.57
C5 NAG Q . -56.19 -25.77 10.72
C6 NAG Q . -55.68 -24.44 11.18
C7 NAG Q . -57.07 -31.01 11.48
C8 NAG Q . -56.91 -30.78 12.95
N2 NAG Q . -56.87 -29.94 10.69
O3 NAG Q . -58.75 -28.20 11.99
O4 NAG Q . -58.47 -25.41 11.42
O5 NAG Q . -55.09 -26.69 10.80
O6 NAG Q . -54.25 -24.42 11.23
O7 NAG Q . -57.37 -32.11 11.03
C1 NAG R . 12.36 -19.72 27.48
C2 NAG R . 12.30 -20.49 28.80
C3 NAG R . 13.57 -20.26 29.61
C4 NAG R . 14.80 -20.58 28.78
C5 NAG R . 14.77 -19.79 27.46
C6 NAG R . 15.91 -20.15 26.54
C7 NAG R . 10.06 -20.92 29.75
C8 NAG R . 10.14 -22.28 29.13
N2 NAG R . 11.12 -20.12 29.57
O3 NAG R . 13.54 -21.08 30.77
O4 NAG R . 15.98 -20.23 29.50
O5 NAG R . 13.55 -20.07 26.76
O6 NAG R . 16.78 -19.05 26.32
O7 NAG R . 9.09 -20.57 30.42
C1 NAG S . -32.93 3.75 0.75
C2 NAG S . -34.01 4.79 1.07
C3 NAG S . -35.06 4.80 -0.04
C4 NAG S . -34.41 5.02 -1.39
C5 NAG S . -33.30 3.98 -1.62
C6 NAG S . -32.52 4.21 -2.89
C7 NAG S . -34.99 5.49 3.20
C8 NAG S . -35.61 5.04 4.50
N2 NAG S . -34.63 4.53 2.36
O3 NAG S . -35.99 5.84 0.22
O4 NAG S . -35.37 4.90 -2.42
O5 NAG S . -32.36 4.03 -0.54
O6 NAG S . -31.22 4.69 -2.61
O7 NAG S . -34.82 6.68 2.95
#